data_7MQS
#
_entry.id   7MQS
#
_cell.length_a   1.00
_cell.length_b   1.00
_cell.length_c   1.00
_cell.angle_alpha   90.00
_cell.angle_beta   90.00
_cell.angle_gamma   90.00
#
_symmetry.space_group_name_H-M   'P 1'
#
loop_
_entity.id
_entity.type
_entity.pdbx_description
1 polymer 'Isoform Short of Insulin receptor'
2 polymer 'Insulin A chain'
3 polymer 'Insulin B chain'
#
loop_
_entity_poly.entity_id
_entity_poly.type
_entity_poly.pdbx_seq_one_letter_code
_entity_poly.pdbx_strand_id
1 'polypeptide(L)'
;HLYPGEVCPGMDIRNNLTRLHELENCSVIEGHLQILLMFKTRPEDFRDLSFPKLIMITDYLLLFRVYGLESLKDLFPNLT
VIRGSRLFFNYALVIFEMVHLKELGLYNLMNITRGSVRIEKNNELCYLATIDWSRILDSVEDNYIVLNKDDNEECGDICP
GTAKGKTNCPATVINGQFVERCWTHSHCQKVCPTICKSHGCTAEGLCCHSECLGNCSQPDDPTKCVACRNFYLDGRCVET
CPPPYYHFQDWRCVNFSFCQDLHHKCKNSRRQGCHQYVIHNNKCIPECPSGYTMNSSNLLCTPCLGPCPKVCHLLEGEKT
IDSVTSAQELRGCTVINGSLIINIRGGNNLAAELEANLGLIEEISGYLKIRRSYALVSLSFFRKLRLIRGETLEIGNYSF
YALDNQNLRQLWDWSKHNLTITQGKLFFHYNPKLCLSEIHKMEEVSGTKGRQERNDIALKTNGDQASCENELLKFSYIRT
SFDKILLRWEPYWPPDFRDLLGFMLFYKEAPYQNVTEFDGQDACGSNSWTVVDIDPPLRSNDPKSQNHPGWLMRGLKPWT
QYAIFVKTLVTFSDERRTYGAKSDIIYVQTDATNPSVPLDPISVSNSSSQIILKWKPPSDPNGNITHYLVFWERQAEDSE
LFELDYCLKGLKLPSRTWSPPFESEDSQKHNQSEYEDSAGECCSCPKTDSQILKELEESSFRKTFEDYLHNVVFVPRPSR
KRRSLGDVGNVTVAVPTVAAFPNTSSTSVPTSPEEHRPFEKVVNKESLVISGLRHFTGYRIELQACNQDTPEERCSVAAY
VSARTMPEAKADDIVGPVTHEIFENNVVHLMWQEPKEPNGLIVLYEVSYRRYGDEELHLCVSRKHFALERGCRLRGLSPG
NYSVRIRATSLAGNGSWTEPTYFYVTDYLDVPSNIA
;
E,F
2 'polypeptide(L)' GIVEQCCTSICSLYQLENYCHSLQ A,C,G
3 'polypeptide(L)' FVNQHLCGSELVEALYLVCLER B,D,H
#
# COMPACT_ATOMS: atom_id res chain seq x y z
N GLY A 5 -46.26 2.84 46.54
CA GLY A 5 -45.66 2.69 47.85
C GLY A 5 -44.53 3.67 48.11
N GLU A 6 -43.33 3.32 47.70
CA GLU A 6 -42.16 4.17 47.90
C GLU A 6 -41.23 4.02 46.71
N VAL A 7 -40.38 5.02 46.49
CA VAL A 7 -39.59 5.14 45.28
C VAL A 7 -38.21 4.53 45.51
N CYS A 8 -37.88 3.53 44.71
CA CYS A 8 -36.56 2.94 44.62
C CYS A 8 -35.93 3.36 43.29
N PRO A 9 -34.59 3.33 43.15
CA PRO A 9 -33.99 3.44 41.82
C PRO A 9 -33.92 2.09 41.11
N GLY A 10 -33.33 2.11 39.92
CA GLY A 10 -33.17 0.90 39.14
C GLY A 10 -31.98 0.07 39.59
N MET A 11 -32.11 -1.25 39.41
CA MET A 11 -31.11 -2.18 39.91
C MET A 11 -31.04 -3.40 39.01
N ASP A 12 -29.90 -4.09 39.09
CA ASP A 12 -29.57 -5.22 38.24
C ASP A 12 -29.29 -6.45 39.11
N ILE A 13 -29.89 -7.59 38.74
CA ILE A 13 -29.96 -8.78 39.58
C ILE A 13 -29.03 -9.84 39.00
N ARG A 14 -28.15 -10.41 39.83
CA ARG A 14 -27.42 -11.62 39.49
C ARG A 14 -27.65 -12.66 40.59
N ASN A 15 -27.43 -13.94 40.21
CA ASN A 15 -27.36 -15.16 41.02
C ASN A 15 -28.59 -15.52 41.83
N ASN A 16 -28.88 -14.76 42.88
CA ASN A 16 -29.77 -15.15 43.95
C ASN A 16 -31.08 -14.36 43.88
N LEU A 17 -31.90 -14.51 44.92
CA LEU A 17 -33.15 -13.77 45.03
C LEU A 17 -33.25 -13.00 46.35
N THR A 18 -32.09 -12.67 46.95
CA THR A 18 -32.08 -11.69 48.04
C THR A 18 -32.23 -10.25 47.52
N ARG A 19 -31.83 -10.00 46.26
CA ARG A 19 -32.22 -8.81 45.49
C ARG A 19 -33.70 -8.77 45.15
N LEU A 20 -34.37 -9.93 45.02
CA LEU A 20 -35.82 -9.97 44.91
C LEU A 20 -36.49 -9.75 46.28
N HIS A 21 -35.80 -10.05 47.39
CA HIS A 21 -36.34 -9.73 48.72
C HIS A 21 -36.25 -8.25 49.09
N GLU A 22 -35.24 -7.49 48.60
CA GLU A 22 -35.43 -6.02 48.60
C GLU A 22 -36.04 -5.46 47.32
N LEU A 23 -36.50 -6.30 46.39
CA LEU A 23 -37.50 -5.83 45.42
C LEU A 23 -38.94 -6.08 45.91
N GLU A 24 -39.09 -6.77 47.05
CA GLU A 24 -40.39 -6.91 47.72
C GLU A 24 -40.88 -5.60 48.33
N ASN A 25 -39.97 -4.84 48.94
CA ASN A 25 -40.35 -3.65 49.69
C ASN A 25 -40.54 -2.44 48.78
N CYS A 26 -39.94 -2.46 47.59
CA CYS A 26 -40.14 -1.39 46.62
C CYS A 26 -41.46 -1.57 45.87
N SER A 27 -41.97 -0.45 45.38
CA SER A 27 -43.12 -0.38 44.50
C SER A 27 -42.87 0.45 43.26
N VAL A 28 -42.09 1.52 43.38
CA VAL A 28 -41.85 2.49 42.32
C VAL A 28 -40.36 2.43 41.99
N ILE A 29 -40.05 2.07 40.74
CA ILE A 29 -38.66 1.88 40.33
C ILE A 29 -38.28 3.02 39.40
N GLU A 30 -37.27 3.80 39.80
CA GLU A 30 -36.79 4.91 38.99
C GLU A 30 -35.50 4.49 38.29
N GLY A 31 -35.65 3.73 37.21
CA GLY A 31 -34.49 3.27 36.46
C GLY A 31 -34.81 2.20 35.44
N HIS A 32 -33.99 1.15 35.38
CA HIS A 32 -34.23 -0.01 34.55
C HIS A 32 -34.10 -1.27 35.42
N LEU A 33 -34.65 -2.36 34.92
CA LEU A 33 -34.58 -3.64 35.63
C LEU A 33 -34.01 -4.68 34.69
N GLN A 34 -32.97 -5.37 35.13
CA GLN A 34 -32.33 -6.41 34.33
C GLN A 34 -32.41 -7.72 35.09
N ILE A 35 -32.66 -8.80 34.37
CA ILE A 35 -32.52 -10.14 34.92
C ILE A 35 -31.45 -10.84 34.09
N LEU A 36 -30.37 -11.27 34.75
CA LEU A 36 -29.35 -12.11 34.14
C LEU A 36 -28.81 -13.09 35.18
N LEU A 37 -28.55 -14.32 34.71
CA LEU A 37 -27.93 -15.47 35.37
C LEU A 37 -28.67 -15.97 36.62
N MET A 38 -29.87 -16.52 36.40
CA MET A 38 -30.54 -17.36 37.40
C MET A 38 -30.24 -18.81 37.04
N PHE A 39 -28.99 -19.23 37.24
CA PHE A 39 -28.59 -20.60 36.94
C PHE A 39 -29.03 -21.58 38.01
N LYS A 40 -29.16 -21.11 39.25
CA LYS A 40 -29.38 -22.00 40.38
C LYS A 40 -30.85 -22.31 40.62
N THR A 41 -31.76 -21.58 39.98
CA THR A 41 -33.11 -21.39 40.49
C THR A 41 -34.05 -22.54 40.13
N ARG A 42 -35.05 -22.72 40.97
CA ARG A 42 -35.85 -23.94 41.05
C ARG A 42 -37.29 -23.55 40.76
N PRO A 43 -38.19 -24.53 40.52
CA PRO A 43 -39.63 -24.22 40.66
C PRO A 43 -40.08 -23.90 42.09
N GLU A 44 -39.44 -24.47 43.13
CA GLU A 44 -39.81 -24.18 44.51
C GLU A 44 -39.22 -22.89 45.08
N ASP A 45 -38.34 -22.18 44.34
CA ASP A 45 -38.11 -20.77 44.60
C ASP A 45 -39.18 -19.86 43.99
N PHE A 46 -40.00 -20.37 43.06
CA PHE A 46 -40.90 -19.52 42.30
C PHE A 46 -42.38 -19.87 42.40
N ARG A 47 -42.76 -20.91 43.15
CA ARG A 47 -44.17 -21.13 43.45
C ARG A 47 -44.58 -20.57 44.80
N ASP A 48 -43.68 -19.86 45.48
CA ASP A 48 -43.96 -19.22 46.75
C ASP A 48 -43.57 -17.74 46.69
N LEU A 49 -43.65 -17.15 45.51
CA LEU A 49 -43.09 -15.82 45.29
C LEU A 49 -44.09 -14.99 44.48
N SER A 50 -44.38 -13.78 44.98
CA SER A 50 -45.35 -12.90 44.35
C SER A 50 -45.02 -11.45 44.69
N PHE A 51 -45.01 -10.59 43.67
CA PHE A 51 -44.80 -9.16 43.84
C PHE A 51 -45.94 -8.37 43.21
N PRO A 52 -47.05 -8.12 43.93
CA PRO A 52 -48.11 -7.25 43.38
C PRO A 52 -47.93 -5.76 43.67
N LYS A 53 -46.83 -5.37 44.33
CA LYS A 53 -46.59 -3.98 44.69
C LYS A 53 -46.14 -3.14 43.51
N LEU A 54 -45.53 -3.77 42.51
CA LEU A 54 -44.81 -3.05 41.48
C LEU A 54 -45.75 -2.57 40.38
N ILE A 55 -45.66 -1.29 40.03
CA ILE A 55 -46.49 -0.73 38.99
C ILE A 55 -45.71 -0.02 37.87
N MET A 56 -44.57 0.62 38.15
CA MET A 56 -44.04 1.61 37.21
C MET A 56 -42.59 1.20 37.00
N ILE A 57 -42.12 1.30 35.76
CA ILE A 57 -40.71 1.21 35.41
C ILE A 57 -40.44 2.19 34.27
N THR A 58 -39.36 2.96 34.37
CA THR A 58 -39.04 3.97 33.36
C THR A 58 -38.40 3.39 32.10
N ASP A 59 -37.19 2.83 32.19
CA ASP A 59 -36.33 2.71 31.00
C ASP A 59 -36.57 1.46 30.16
N TYR A 60 -36.21 0.28 30.70
CA TYR A 60 -36.31 -0.98 29.96
C TYR A 60 -36.42 -2.15 30.92
N LEU A 61 -36.81 -3.30 30.37
CA LEU A 61 -36.87 -4.56 31.10
C LEU A 61 -36.06 -5.62 30.36
N LEU A 62 -35.09 -6.23 31.05
CA LEU A 62 -34.21 -7.22 30.47
C LEU A 62 -34.33 -8.55 31.20
N LEU A 63 -34.35 -9.63 30.43
CA LEU A 63 -34.46 -10.98 30.97
C LEU A 63 -33.40 -11.88 30.36
N PHE A 64 -32.67 -12.61 31.21
CA PHE A 64 -31.75 -13.64 30.74
C PHE A 64 -31.67 -14.78 31.73
N ARG A 65 -31.88 -16.00 31.19
CA ARG A 65 -31.48 -17.35 31.65
C ARG A 65 -32.05 -17.70 33.03
N VAL A 66 -33.35 -17.98 33.01
CA VAL A 66 -34.09 -18.33 34.21
C VAL A 66 -34.42 -19.81 34.14
N TYR A 67 -33.94 -20.57 35.12
CA TYR A 67 -34.35 -21.96 35.28
C TYR A 67 -35.52 -22.08 36.23
N GLY A 68 -36.50 -22.89 35.85
CA GLY A 68 -37.52 -23.37 36.76
C GLY A 68 -38.77 -22.53 36.85
N LEU A 69 -38.77 -21.33 36.30
CA LEU A 69 -39.94 -20.48 36.27
C LEU A 69 -40.90 -20.93 35.18
N GLU A 70 -42.19 -20.91 35.48
CA GLU A 70 -43.22 -21.27 34.52
C GLU A 70 -44.03 -20.08 34.03
N SER A 71 -44.45 -19.18 34.92
CA SER A 71 -45.26 -18.03 34.52
C SER A 71 -45.01 -16.85 35.43
N LEU A 72 -45.44 -15.68 34.95
CA LEU A 72 -45.39 -14.42 35.68
C LEU A 72 -46.77 -13.88 36.04
N LYS A 73 -47.82 -14.71 35.90
CA LYS A 73 -49.14 -14.30 36.37
C LYS A 73 -49.29 -14.39 37.88
N ASP A 74 -48.49 -15.22 38.55
CA ASP A 74 -48.48 -15.32 39.99
C ASP A 74 -47.23 -14.68 40.56
N LEU A 75 -46.44 -14.04 39.71
CA LEU A 75 -45.21 -13.37 40.09
C LEU A 75 -45.32 -11.87 39.93
N PHE A 76 -45.74 -11.43 38.75
CA PHE A 76 -45.85 -10.01 38.44
C PHE A 76 -47.25 -9.73 37.89
N PRO A 77 -48.25 -9.49 38.78
CA PRO A 77 -49.64 -9.36 38.28
C PRO A 77 -50.06 -7.97 37.84
N ASN A 78 -49.38 -6.89 38.25
CA ASN A 78 -49.97 -5.56 38.24
C ASN A 78 -49.11 -4.53 37.52
N LEU A 79 -48.33 -4.93 36.52
CA LEU A 79 -47.37 -4.04 35.90
C LEU A 79 -47.96 -3.45 34.64
N THR A 80 -48.03 -2.12 34.59
CA THR A 80 -48.71 -1.41 33.52
C THR A 80 -47.78 -0.54 32.69
N VAL A 81 -47.06 0.38 33.34
CA VAL A 81 -46.40 1.46 32.63
C VAL A 81 -45.01 0.99 32.23
N ILE A 82 -44.77 0.94 30.93
CA ILE A 82 -43.43 0.88 30.36
C ILE A 82 -43.26 2.19 29.63
N ARG A 83 -42.48 3.12 30.20
CA ARG A 83 -42.40 4.46 29.63
C ARG A 83 -41.40 4.53 28.47
N GLY A 84 -40.19 4.03 28.68
CA GLY A 84 -39.15 4.16 27.68
C GLY A 84 -38.56 5.55 27.67
N SER A 85 -38.17 6.05 28.85
CA SER A 85 -37.57 7.38 28.96
C SER A 85 -36.13 7.39 28.48
N ARG A 86 -35.35 6.39 28.86
CA ARG A 86 -34.09 6.09 28.19
C ARG A 86 -34.42 5.07 27.12
N LEU A 87 -34.39 5.52 25.86
CA LEU A 87 -34.60 4.61 24.75
C LEU A 87 -33.32 3.83 24.50
N PHE A 88 -33.48 2.52 24.31
CA PHE A 88 -32.36 1.58 24.41
C PHE A 88 -32.43 0.71 23.17
N PHE A 89 -31.62 1.07 22.13
CA PHE A 89 -31.61 0.60 20.72
C PHE A 89 -32.97 0.40 20.03
N ASN A 90 -33.88 1.36 20.26
CA ASN A 90 -35.35 1.36 20.16
C ASN A 90 -36.04 0.04 20.55
N TYR A 91 -35.68 -0.50 21.71
CA TYR A 91 -36.26 -1.75 22.20
C TYR A 91 -36.37 -1.65 23.72
N ALA A 92 -37.57 -1.35 24.20
CA ALA A 92 -37.82 -1.18 25.62
C ALA A 92 -38.16 -2.50 26.32
N LEU A 93 -38.34 -3.59 25.59
CA LEU A 93 -38.63 -4.89 26.20
C LEU A 93 -37.79 -5.95 25.50
N VAL A 94 -36.75 -6.43 26.20
CA VAL A 94 -35.91 -7.54 25.73
C VAL A 94 -36.06 -8.74 26.66
N ILE A 95 -36.29 -9.92 26.06
CA ILE A 95 -36.36 -11.22 26.72
C ILE A 95 -35.52 -12.19 25.88
N PHE A 96 -34.48 -12.79 26.48
CA PHE A 96 -33.59 -13.69 25.78
C PHE A 96 -33.37 -14.96 26.59
N GLU A 97 -33.66 -16.12 25.96
CA GLU A 97 -33.41 -17.51 26.38
C GLU A 97 -34.12 -17.88 27.68
N MET A 98 -35.45 -17.91 27.57
CA MET A 98 -36.34 -18.57 28.53
C MET A 98 -36.58 -20.03 28.17
N VAL A 99 -36.02 -20.91 28.97
CA VAL A 99 -36.43 -22.30 29.08
C VAL A 99 -37.41 -22.34 30.25
N HIS A 100 -38.48 -23.14 30.11
CA HIS A 100 -39.65 -23.54 30.96
C HIS A 100 -40.72 -22.47 31.07
N LEU A 101 -40.57 -21.31 30.42
CA LEU A 101 -41.58 -20.25 30.50
C LEU A 101 -42.64 -20.52 29.45
N LYS A 102 -43.79 -21.06 29.90
CA LYS A 102 -44.85 -21.42 28.98
C LYS A 102 -45.70 -20.24 28.53
N GLU A 103 -45.73 -19.14 29.28
CA GLU A 103 -46.56 -17.99 28.95
C GLU A 103 -45.94 -16.72 29.51
N LEU A 104 -46.46 -15.59 29.02
CA LEU A 104 -46.00 -14.28 29.48
C LEU A 104 -46.67 -13.88 30.78
N GLY A 105 -47.99 -13.77 30.78
CA GLY A 105 -48.75 -13.62 32.01
C GLY A 105 -48.82 -12.22 32.59
N LEU A 106 -48.41 -11.19 31.85
CA LEU A 106 -48.55 -9.81 32.32
C LEU A 106 -49.89 -9.26 31.87
N TYR A 107 -50.94 -9.63 32.59
CA TYR A 107 -52.30 -9.36 32.15
C TYR A 107 -52.78 -7.96 32.49
N ASN A 108 -52.05 -7.19 33.31
CA ASN A 108 -52.36 -5.79 33.54
C ASN A 108 -51.45 -4.86 32.75
N LEU A 109 -50.88 -5.34 31.65
CA LEU A 109 -50.09 -4.49 30.77
C LEU A 109 -51.03 -3.68 29.89
N MET A 110 -51.02 -2.36 30.08
CA MET A 110 -51.73 -1.46 29.19
C MET A 110 -50.84 -0.47 28.46
N ASN A 111 -49.60 -0.24 28.91
CA ASN A 111 -48.83 0.89 28.42
C ASN A 111 -47.47 0.46 27.93
N ILE A 112 -47.24 0.57 26.63
CA ILE A 112 -45.98 1.08 26.08
C ILE A 112 -46.37 2.30 25.27
N THR A 113 -45.93 3.47 25.71
CA THR A 113 -46.07 4.67 24.90
C THR A 113 -44.93 4.76 23.90
N ARG A 114 -43.71 4.50 24.38
CA ARG A 114 -42.49 4.78 23.62
C ARG A 114 -41.54 3.60 23.82
N GLY A 115 -41.32 2.84 22.75
CA GLY A 115 -40.45 1.67 22.80
C GLY A 115 -40.98 0.50 22.02
N SER A 116 -40.19 -0.56 21.87
CA SER A 116 -40.62 -1.74 21.12
C SER A 116 -40.14 -3.00 21.84
N VAL A 117 -40.58 -4.14 21.31
CA VAL A 117 -40.51 -5.43 22.00
C VAL A 117 -39.59 -6.35 21.19
N ARG A 118 -38.52 -6.83 21.81
CA ARG A 118 -37.64 -7.84 21.23
C ARG A 118 -37.82 -9.16 21.96
N ILE A 119 -38.28 -10.18 21.24
CA ILE A 119 -38.43 -11.55 21.77
C ILE A 119 -37.55 -12.46 20.91
N GLU A 120 -36.60 -13.14 21.56
CA GLU A 120 -35.74 -14.07 20.84
C GLU A 120 -35.36 -15.25 21.73
N LYS A 121 -35.34 -16.45 21.11
CA LYS A 121 -34.68 -17.70 21.54
C LYS A 121 -35.28 -18.31 22.81
N ASN A 122 -36.55 -18.05 23.06
CA ASN A 122 -37.23 -18.61 24.23
C ASN A 122 -38.02 -19.83 23.78
N ASN A 123 -37.46 -21.02 24.02
CA ASN A 123 -37.87 -22.23 23.32
C ASN A 123 -39.11 -22.89 23.91
N GLU A 124 -39.60 -22.47 25.06
CA GLU A 124 -40.78 -23.04 25.67
C GLU A 124 -41.99 -22.13 25.58
N LEU A 125 -41.93 -21.09 24.76
CA LEU A 125 -42.88 -19.98 24.85
C LEU A 125 -44.10 -20.22 23.97
N CYS A 126 -45.24 -20.47 24.60
CA CYS A 126 -46.56 -20.29 24.02
C CYS A 126 -47.13 -18.97 24.54
N TYR A 127 -48.45 -18.78 24.27
CA TYR A 127 -49.32 -17.61 24.58
C TYR A 127 -48.78 -16.29 24.05
N LEU A 128 -48.72 -16.19 22.74
CA LEU A 128 -48.32 -14.95 22.09
C LEU A 128 -49.33 -14.45 21.05
N ALA A 129 -50.05 -15.36 20.38
CA ALA A 129 -50.96 -14.99 19.31
C ALA A 129 -52.31 -14.46 19.82
N THR A 130 -52.64 -14.70 21.09
CA THR A 130 -53.83 -14.12 21.72
C THR A 130 -53.50 -12.89 22.55
N ILE A 131 -52.42 -12.20 22.24
CA ILE A 131 -52.12 -10.90 22.84
C ILE A 131 -52.17 -9.86 21.73
N ASP A 132 -53.12 -8.94 21.84
CA ASP A 132 -53.14 -7.78 20.95
C ASP A 132 -52.29 -6.69 21.57
N TRP A 133 -51.13 -6.43 20.95
CA TRP A 133 -50.25 -5.37 21.42
C TRP A 133 -50.62 -4.00 20.86
N SER A 134 -51.53 -3.92 19.88
CA SER A 134 -51.93 -2.67 19.25
C SER A 134 -52.84 -1.82 20.13
N ARG A 135 -53.56 -2.45 21.08
CA ARG A 135 -54.18 -1.70 22.16
C ARG A 135 -53.14 -1.17 23.14
N ILE A 136 -52.07 -1.94 23.36
CA ILE A 136 -51.03 -1.56 24.32
C ILE A 136 -50.08 -0.54 23.71
N LEU A 137 -49.43 -0.91 22.60
CA LEU A 137 -48.42 -0.04 22.00
C LEU A 137 -49.07 0.97 21.09
N ASP A 138 -48.38 2.10 20.93
CA ASP A 138 -48.79 3.09 19.93
C ASP A 138 -48.44 2.66 18.52
N SER A 139 -47.37 1.88 18.36
CA SER A 139 -46.98 1.38 17.04
C SER A 139 -46.33 0.00 17.22
N VAL A 140 -46.93 -1.02 16.60
CA VAL A 140 -46.44 -2.39 16.71
C VAL A 140 -45.60 -2.80 15.50
N GLU A 141 -45.14 -1.83 14.70
CA GLU A 141 -44.43 -2.12 13.45
C GLU A 141 -42.97 -2.49 13.67
N ASP A 142 -42.39 -2.17 14.81
CA ASP A 142 -40.98 -2.41 15.07
C ASP A 142 -40.75 -3.59 16.01
N ASN A 143 -41.80 -4.34 16.34
CA ASN A 143 -41.69 -5.42 17.32
C ASN A 143 -41.09 -6.69 16.71
N TYR A 144 -40.08 -7.22 17.38
CA TYR A 144 -39.28 -8.32 16.85
C TYR A 144 -39.57 -9.55 17.72
N ILE A 145 -40.62 -10.27 17.35
CA ILE A 145 -41.03 -11.47 18.06
C ILE A 145 -40.72 -12.65 17.15
N VAL A 146 -39.73 -13.46 17.55
CA VAL A 146 -39.22 -14.53 16.70
C VAL A 146 -38.72 -15.60 17.66
N LEU A 147 -38.65 -16.86 17.14
CA LEU A 147 -37.91 -18.04 17.64
C LEU A 147 -38.47 -18.59 18.96
N ASN A 148 -39.77 -18.87 18.94
CA ASN A 148 -40.48 -19.37 20.11
C ASN A 148 -41.11 -20.72 19.77
N LYS A 149 -41.88 -21.24 20.72
CA LYS A 149 -42.65 -22.45 20.48
C LYS A 149 -44.04 -22.08 19.95
N ASP A 150 -44.42 -20.81 20.08
CA ASP A 150 -45.61 -20.25 19.43
C ASP A 150 -45.42 -20.07 17.93
N ASP A 151 -44.18 -19.86 17.47
CA ASP A 151 -43.86 -19.59 16.05
C ASP A 151 -43.91 -20.84 15.19
N ASN A 152 -43.69 -22.01 15.80
CA ASN A 152 -44.05 -23.31 15.22
C ASN A 152 -45.29 -23.92 15.89
N GLU A 153 -46.44 -23.70 15.24
CA GLU A 153 -47.78 -23.55 15.84
C GLU A 153 -48.38 -24.89 16.30
N GLU A 154 -48.23 -25.17 17.58
CA GLU A 154 -48.87 -26.31 18.24
C GLU A 154 -49.43 -25.89 19.60
N CYS A 155 -49.37 -24.60 19.91
CA CYS A 155 -49.63 -24.13 21.27
C CYS A 155 -51.12 -23.98 21.54
N GLY A 156 -51.56 -24.59 22.63
CA GLY A 156 -52.95 -24.50 23.04
C GLY A 156 -53.22 -23.31 23.92
N ASP A 157 -53.25 -22.12 23.31
CA ASP A 157 -53.51 -20.87 24.03
C ASP A 157 -55.00 -20.75 24.28
N ILE A 158 -55.46 -21.32 25.40
CA ILE A 158 -56.88 -21.32 25.72
C ILE A 158 -57.22 -20.06 26.53
N CYS A 159 -58.42 -19.57 26.30
CA CYS A 159 -58.91 -18.32 26.87
C CYS A 159 -59.87 -18.60 28.00
N PRO A 160 -60.15 -17.60 28.85
CA PRO A 160 -61.42 -17.62 29.60
C PRO A 160 -62.64 -17.51 28.70
N GLY A 161 -62.57 -16.69 27.66
CA GLY A 161 -63.64 -16.60 26.69
C GLY A 161 -63.58 -17.66 25.62
N THR A 162 -63.95 -18.89 25.96
CA THR A 162 -64.00 -19.98 25.01
C THR A 162 -65.42 -20.54 24.92
N ASN A 168 -66.29 -14.22 27.20
CA ASN A 168 -65.75 -13.43 28.30
C ASN A 168 -64.68 -12.45 27.81
N CYS A 169 -63.80 -12.94 26.93
CA CYS A 169 -62.68 -12.14 26.48
C CYS A 169 -63.11 -11.19 25.35
N PRO A 170 -62.61 -9.92 25.36
CA PRO A 170 -62.78 -9.05 24.17
C PRO A 170 -61.92 -9.47 23.00
N ALA A 171 -62.57 -10.02 21.98
CA ALA A 171 -61.89 -10.45 20.76
C ALA A 171 -61.60 -9.23 19.90
N THR A 172 -60.32 -9.03 19.55
CA THR A 172 -59.93 -7.89 18.73
C THR A 172 -59.58 -8.35 17.33
N GLN A 177 -55.61 -11.80 12.97
CA GLN A 177 -56.90 -12.46 12.84
C GLN A 177 -57.84 -12.08 13.98
N PHE A 178 -59.13 -12.29 13.78
CA PHE A 178 -60.14 -11.99 14.80
C PHE A 178 -60.29 -13.23 15.68
N VAL A 179 -59.38 -13.38 16.64
CA VAL A 179 -59.40 -14.48 17.58
C VAL A 179 -59.73 -13.84 18.93
N GLU A 180 -60.19 -14.66 19.88
CA GLU A 180 -60.39 -14.22 21.25
C GLU A 180 -59.05 -14.02 21.94
N ARG A 181 -58.93 -12.90 22.65
CA ARG A 181 -57.64 -12.40 23.11
C ARG A 181 -57.52 -12.62 24.62
N CYS A 182 -56.52 -13.39 25.02
CA CYS A 182 -56.31 -13.67 26.43
C CYS A 182 -54.83 -13.73 26.72
N TRP A 183 -54.42 -13.09 27.82
CA TRP A 183 -53.05 -13.19 28.32
C TRP A 183 -52.79 -14.55 28.94
N THR A 184 -53.60 -14.90 29.95
CA THR A 184 -53.53 -16.16 30.68
C THR A 184 -54.75 -17.02 30.31
N HIS A 185 -54.88 -18.14 31.00
CA HIS A 185 -56.08 -18.96 30.92
C HIS A 185 -57.14 -18.53 31.92
N SER A 186 -56.83 -17.63 32.86
CA SER A 186 -57.77 -17.19 33.87
C SER A 186 -58.04 -15.69 33.80
N HIS A 187 -57.36 -14.95 32.93
CA HIS A 187 -57.61 -13.53 32.74
C HIS A 187 -57.68 -13.23 31.25
N CYS A 188 -58.43 -12.18 30.92
CA CYS A 188 -58.69 -11.76 29.55
C CYS A 188 -57.86 -10.52 29.22
N GLN A 189 -57.97 -10.09 27.96
CA GLN A 189 -57.39 -8.84 27.49
C GLN A 189 -58.38 -7.73 27.81
N LYS A 190 -58.23 -7.11 28.98
CA LYS A 190 -59.16 -6.12 29.48
C LYS A 190 -58.71 -4.68 29.22
N VAL A 191 -57.91 -4.46 28.18
CA VAL A 191 -57.50 -3.12 27.79
C VAL A 191 -58.63 -2.50 26.99
N CYS A 192 -59.09 -1.32 27.41
CA CYS A 192 -60.42 -0.84 27.05
C CYS A 192 -60.43 -0.14 25.68
N PRO A 193 -61.18 -0.67 24.66
CA PRO A 193 -61.18 -0.03 23.33
C PRO A 193 -62.31 0.98 23.11
N THR A 194 -62.94 1.43 24.18
CA THR A 194 -64.17 2.21 24.17
C THR A 194 -63.86 3.71 24.15
N ILE A 195 -64.80 4.53 24.64
CA ILE A 195 -64.68 5.99 24.79
C ILE A 195 -63.80 6.42 25.98
N CYS A 196 -63.47 5.51 26.91
CA CYS A 196 -62.44 5.75 27.92
C CYS A 196 -61.02 5.74 27.34
N LYS A 197 -60.80 5.04 26.20
CA LYS A 197 -59.70 5.11 25.23
C LYS A 197 -58.36 4.61 25.82
N SER A 198 -57.26 5.38 25.64
CA SER A 198 -55.94 5.04 26.14
C SER A 198 -55.80 5.26 27.65
N HIS A 199 -56.65 6.10 28.24
CA HIS A 199 -56.78 6.23 29.69
C HIS A 199 -57.40 4.99 30.32
N GLY A 200 -58.31 4.32 29.62
CA GLY A 200 -58.77 3.01 30.00
C GLY A 200 -59.94 3.05 30.95
N CYS A 201 -60.54 1.89 31.14
CA CYS A 201 -61.75 1.75 31.92
C CYS A 201 -61.45 0.89 33.14
N THR A 202 -62.38 0.93 34.10
CA THR A 202 -62.29 0.12 35.30
C THR A 202 -63.01 -1.21 35.10
N ALA A 203 -63.19 -1.99 36.17
CA ALA A 203 -63.83 -3.30 36.09
C ALA A 203 -65.35 -3.23 36.00
N GLU A 204 -65.97 -2.10 36.35
CA GLU A 204 -67.40 -1.91 36.19
C GLU A 204 -67.79 -1.40 34.80
N GLY A 205 -66.82 -1.08 33.94
CA GLY A 205 -67.10 -0.52 32.64
C GLY A 205 -67.19 0.99 32.59
N LEU A 206 -66.99 1.66 33.72
CA LEU A 206 -66.99 3.11 33.77
C LEU A 206 -65.67 3.65 33.25
N CYS A 207 -65.72 4.84 32.66
CA CYS A 207 -64.50 5.54 32.26
C CYS A 207 -63.80 6.13 33.47
N CYS A 208 -62.49 6.20 33.38
CA CYS A 208 -61.67 6.87 34.37
C CYS A 208 -61.44 8.32 33.95
N HIS A 209 -60.49 8.96 34.62
CA HIS A 209 -60.09 10.33 34.36
C HIS A 209 -59.22 10.38 33.10
N SER A 210 -59.06 11.57 32.51
CA SER A 210 -58.21 11.77 31.34
C SER A 210 -56.73 11.98 31.68
N GLU A 211 -56.35 12.05 32.97
CA GLU A 211 -54.97 11.85 33.37
C GLU A 211 -54.74 10.50 34.01
N CYS A 212 -55.74 9.62 34.04
CA CYS A 212 -55.51 8.22 34.41
C CYS A 212 -54.92 7.45 33.24
N LEU A 213 -54.40 6.27 33.54
CA LEU A 213 -53.87 5.37 32.51
C LEU A 213 -54.22 3.94 32.85
N GLY A 214 -54.91 3.27 31.92
CA GLY A 214 -55.19 1.85 32.04
C GLY A 214 -56.33 1.49 32.97
N ASN A 215 -56.08 1.58 34.27
CA ASN A 215 -57.09 1.30 35.28
C ASN A 215 -57.20 2.50 36.20
N CYS A 216 -58.23 2.49 37.03
CA CYS A 216 -58.37 3.49 38.07
C CYS A 216 -58.94 2.79 39.30
N SER A 217 -58.41 3.15 40.48
CA SER A 217 -58.90 2.56 41.72
C SER A 217 -60.24 3.16 42.14
N GLN A 218 -60.50 4.41 41.77
CA GLN A 218 -61.82 5.01 41.87
C GLN A 218 -62.16 5.64 40.53
N PRO A 219 -63.42 5.52 40.01
CA PRO A 219 -63.69 5.96 38.63
C PRO A 219 -63.91 7.47 38.49
N ASP A 220 -63.24 8.01 37.44
CA ASP A 220 -63.07 9.42 37.06
C ASP A 220 -62.50 10.26 38.20
N ASP A 221 -61.32 9.84 38.67
CA ASP A 221 -60.64 10.50 39.77
C ASP A 221 -59.21 10.79 39.35
N PRO A 222 -58.73 12.06 39.38
CA PRO A 222 -57.30 12.30 39.20
C PRO A 222 -56.45 11.94 40.41
N THR A 223 -57.04 11.92 41.62
CA THR A 223 -56.31 11.54 42.81
C THR A 223 -56.12 10.04 42.91
N LYS A 224 -57.08 9.27 42.40
CA LYS A 224 -57.11 7.83 42.62
C LYS A 224 -57.04 7.05 41.31
N CYS A 225 -56.12 7.43 40.43
CA CYS A 225 -55.75 6.54 39.32
C CYS A 225 -54.91 5.39 39.83
N VAL A 226 -54.96 4.28 39.09
CA VAL A 226 -53.95 3.24 39.24
C VAL A 226 -52.62 3.73 38.66
N ALA A 227 -52.65 4.29 37.45
CA ALA A 227 -51.47 4.84 36.80
C ALA A 227 -51.79 6.20 36.22
N CYS A 228 -50.85 7.13 36.35
CA CYS A 228 -50.96 8.44 35.72
C CYS A 228 -50.68 8.34 34.23
N ARG A 229 -51.33 9.22 33.47
CA ARG A 229 -51.12 9.26 32.02
C ARG A 229 -49.81 9.94 31.66
N ASN A 230 -49.65 11.19 32.10
CA ASN A 230 -48.45 11.95 31.78
C ASN A 230 -47.58 12.18 33.02
N PHE A 231 -48.13 12.80 34.06
CA PHE A 231 -47.30 13.33 35.14
C PHE A 231 -47.96 13.08 36.49
N TYR A 232 -47.16 13.20 37.54
CA TYR A 232 -47.58 12.88 38.91
C TYR A 232 -47.02 13.90 39.88
N LEU A 233 -47.91 14.54 40.63
CA LEU A 233 -47.51 15.46 41.69
C LEU A 233 -48.54 15.43 42.80
N ASP A 234 -48.05 15.09 44.02
CA ASP A 234 -48.68 15.27 45.34
C ASP A 234 -49.98 14.46 45.52
N GLY A 235 -49.91 13.20 45.13
CA GLY A 235 -51.08 12.34 45.21
C GLY A 235 -52.10 12.54 44.13
N ARG A 236 -51.72 13.14 43.00
CA ARG A 236 -52.67 13.43 41.93
C ARG A 236 -51.96 13.33 40.58
N CYS A 237 -52.71 12.94 39.57
CA CYS A 237 -52.19 12.81 38.21
C CYS A 237 -52.51 14.09 37.44
N VAL A 238 -51.47 14.77 36.96
CA VAL A 238 -51.59 16.02 36.24
C VAL A 238 -51.06 15.85 34.82
N GLU A 239 -51.35 16.83 33.96
CA GLU A 239 -50.93 16.82 32.56
C GLU A 239 -49.57 17.49 32.35
N THR A 240 -49.29 18.56 33.09
CA THR A 240 -47.99 19.21 33.05
C THR A 240 -47.66 19.73 34.44
N CYS A 241 -46.37 20.00 34.67
CA CYS A 241 -45.94 20.55 35.95
C CYS A 241 -46.25 22.05 36.01
N PRO A 242 -46.80 22.54 37.13
CA PRO A 242 -46.80 24.00 37.36
C PRO A 242 -45.46 24.47 37.90
N PRO A 243 -45.12 25.76 37.81
CA PRO A 243 -43.91 26.27 38.53
C PRO A 243 -44.15 26.36 40.02
N PRO A 244 -43.13 26.05 40.87
CA PRO A 244 -41.68 25.87 40.65
C PRO A 244 -41.22 24.45 40.34
N TYR A 245 -42.12 23.57 39.95
CA TYR A 245 -41.80 22.17 39.74
C TYR A 245 -41.44 21.93 38.29
N TYR A 246 -40.40 21.14 38.05
CA TYR A 246 -39.94 20.83 36.71
C TYR A 246 -40.37 19.43 36.32
N HIS A 247 -40.41 19.17 35.01
CA HIS A 247 -40.78 17.86 34.45
C HIS A 247 -39.63 16.88 34.63
N PHE A 248 -39.76 16.00 35.62
CA PHE A 248 -38.68 15.09 36.00
C PHE A 248 -38.84 13.77 35.28
N GLN A 249 -37.98 13.57 34.25
CA GLN A 249 -37.75 12.35 33.44
C GLN A 249 -39.00 11.86 32.70
N ASP A 250 -39.79 12.84 32.23
CA ASP A 250 -41.18 12.80 31.69
C ASP A 250 -42.19 11.91 32.46
N TRP A 251 -42.13 11.87 33.81
CA TRP A 251 -43.14 11.13 34.59
C TRP A 251 -43.59 11.80 35.87
N ARG A 252 -42.84 12.73 36.49
CA ARG A 252 -43.27 13.39 37.73
C ARG A 252 -42.75 14.80 37.82
N CYS A 253 -43.16 15.47 38.91
CA CYS A 253 -42.79 16.84 39.19
C CYS A 253 -41.89 16.90 40.43
N VAL A 254 -40.60 17.16 40.24
CA VAL A 254 -39.74 17.65 41.32
C VAL A 254 -39.35 19.10 41.01
N ASN A 255 -38.83 19.77 42.02
CA ASN A 255 -38.61 21.21 41.97
C ASN A 255 -37.13 21.56 42.09
N PHE A 256 -36.88 22.83 42.46
CA PHE A 256 -35.55 23.43 42.63
C PHE A 256 -34.74 22.77 43.74
N SER A 257 -35.41 22.34 44.83
CA SER A 257 -34.78 21.71 45.99
C SER A 257 -34.34 20.28 45.71
N PHE A 258 -35.18 19.49 45.04
CA PHE A 258 -34.82 18.11 44.71
C PHE A 258 -33.91 18.00 43.49
N CYS A 259 -34.07 18.93 42.53
CA CYS A 259 -33.16 19.04 41.37
C CYS A 259 -31.79 19.60 41.78
N GLN A 260 -31.76 20.48 42.78
CA GLN A 260 -30.51 20.98 43.33
C GLN A 260 -29.83 19.99 44.27
N ASP A 261 -30.61 19.12 44.96
CA ASP A 261 -30.01 18.03 45.73
C ASP A 261 -29.51 16.91 44.83
N LEU A 262 -30.11 16.72 43.64
CA LEU A 262 -29.53 15.80 42.66
C LEU A 262 -28.29 16.38 41.98
N HIS A 263 -28.25 17.73 41.84
CA HIS A 263 -27.08 18.48 41.37
C HIS A 263 -25.90 18.41 42.33
N HIS A 264 -26.14 18.63 43.62
CA HIS A 264 -25.08 18.53 44.62
C HIS A 264 -24.87 17.11 45.12
N LYS A 265 -25.75 16.17 44.79
CA LYS A 265 -25.45 14.76 44.95
C LYS A 265 -24.54 14.24 43.85
N CYS A 266 -24.68 14.76 42.62
CA CYS A 266 -23.74 14.45 41.56
C CYS A 266 -22.57 15.42 41.47
N LYS A 267 -22.46 16.39 42.37
CA LYS A 267 -21.22 17.13 42.53
C LYS A 267 -20.14 16.27 43.19
N CYS A 274 -21.77 12.34 36.32
CA CYS A 274 -22.94 11.86 37.05
C CYS A 274 -24.19 12.44 36.38
N HIS A 275 -23.93 13.32 35.40
CA HIS A 275 -24.87 14.10 34.56
C HIS A 275 -25.80 14.97 35.42
N GLN A 276 -25.19 16.03 35.98
CA GLN A 276 -25.79 16.90 36.99
C GLN A 276 -26.90 17.78 36.42
N TYR A 277 -28.05 17.77 37.10
CA TYR A 277 -29.36 17.95 36.48
C TYR A 277 -29.69 19.41 36.22
N VAL A 278 -30.14 19.71 35.00
CA VAL A 278 -30.22 21.06 34.47
C VAL A 278 -31.65 21.39 34.09
N ILE A 279 -31.89 22.68 33.83
CA ILE A 279 -33.23 23.22 33.57
C ILE A 279 -33.30 23.71 32.14
N HIS A 280 -34.16 23.09 31.33
CA HIS A 280 -34.57 23.57 30.02
C HIS A 280 -35.99 23.08 29.78
N ASN A 281 -36.84 24.00 29.26
CA ASN A 281 -38.24 23.81 28.79
C ASN A 281 -39.17 23.35 29.91
N ASN A 282 -38.92 23.91 31.12
CA ASN A 282 -39.47 23.55 32.46
C ASN A 282 -39.32 22.07 32.79
N LYS A 283 -38.15 21.48 32.47
CA LYS A 283 -37.85 20.08 32.76
C LYS A 283 -36.54 19.97 33.50
N CYS A 284 -36.47 19.01 34.43
CA CYS A 284 -35.23 18.69 35.16
C CYS A 284 -34.60 17.50 34.43
N ILE A 285 -33.94 17.82 33.31
CA ILE A 285 -33.27 16.89 32.40
C ILE A 285 -31.86 16.66 32.96
N PRO A 286 -31.15 15.53 32.65
CA PRO A 286 -29.76 15.36 33.16
C PRO A 286 -28.70 16.25 32.52
N GLU A 287 -28.63 16.35 31.20
CA GLU A 287 -27.64 17.20 30.55
C GLU A 287 -28.29 18.06 29.50
N CYS A 288 -27.66 19.21 29.23
CA CYS A 288 -28.11 20.14 28.21
C CYS A 288 -27.78 19.58 26.82
N PRO A 289 -28.57 19.94 25.75
CA PRO A 289 -28.17 19.55 24.38
C PRO A 289 -27.16 20.49 23.73
N SER A 290 -26.93 20.29 22.41
CA SER A 290 -25.78 20.85 21.69
C SER A 290 -25.87 22.34 21.38
N GLY A 291 -27.06 22.94 21.47
CA GLY A 291 -27.18 24.38 21.39
C GLY A 291 -27.13 25.08 22.73
N TYR A 292 -26.90 24.36 23.83
CA TYR A 292 -27.17 24.90 25.15
C TYR A 292 -26.00 24.65 26.09
N THR A 293 -25.66 25.65 26.92
CA THR A 293 -24.51 25.57 27.82
C THR A 293 -24.87 25.86 29.27
N MET A 294 -24.04 25.31 30.15
CA MET A 294 -24.14 25.50 31.59
C MET A 294 -23.58 26.86 32.02
N ASN A 295 -24.37 27.60 32.78
CA ASN A 295 -23.87 28.73 33.55
C ASN A 295 -24.20 28.48 35.01
N SER A 296 -23.22 28.70 35.87
CA SER A 296 -23.29 28.30 37.27
C SER A 296 -24.08 29.29 38.14
N SER A 297 -24.34 30.51 37.66
CA SER A 297 -24.99 31.52 38.48
C SER A 297 -26.50 31.33 38.54
N ASN A 298 -27.09 30.78 37.49
CA ASN A 298 -28.54 30.62 37.41
C ASN A 298 -29.01 29.17 37.42
N LEU A 299 -28.06 28.22 37.26
CA LEU A 299 -28.20 26.76 37.03
C LEU A 299 -29.13 26.45 35.84
N LEU A 300 -28.83 27.05 34.71
CA LEU A 300 -29.73 27.05 33.57
C LEU A 300 -28.97 26.69 32.30
N CYS A 301 -29.65 26.00 31.37
CA CYS A 301 -29.14 25.82 30.01
C CYS A 301 -29.26 27.16 29.27
N THR A 302 -28.15 27.88 29.20
CA THR A 302 -28.13 29.16 28.50
C THR A 302 -28.04 28.94 26.98
N PRO A 303 -28.78 29.76 26.13
CA PRO A 303 -28.82 29.49 24.68
C PRO A 303 -27.58 29.90 23.90
N CYS A 304 -26.64 28.96 23.79
CA CYS A 304 -25.40 29.18 23.05
C CYS A 304 -25.61 29.18 21.55
N LEU A 305 -26.03 28.01 21.00
CA LEU A 305 -26.42 27.71 19.60
C LEU A 305 -25.30 27.96 18.59
N GLY A 306 -24.17 27.28 18.79
CA GLY A 306 -22.99 27.52 17.98
C GLY A 306 -21.68 27.35 18.70
N PRO A 307 -20.85 28.41 18.72
CA PRO A 307 -19.50 28.33 19.30
C PRO A 307 -19.51 28.39 20.82
N CYS A 308 -19.73 27.24 21.42
CA CYS A 308 -20.08 26.96 22.81
C CYS A 308 -18.83 26.84 23.68
N PRO A 309 -18.80 27.51 24.88
CA PRO A 309 -17.66 27.31 25.80
C PRO A 309 -17.78 26.02 26.58
N LYS A 310 -17.32 24.92 25.97
CA LYS A 310 -17.37 23.59 26.60
C LYS A 310 -16.23 23.47 27.60
N VAL A 311 -16.57 23.47 28.88
CA VAL A 311 -15.61 23.37 29.97
C VAL A 311 -15.75 21.99 30.59
N CYS A 312 -14.66 21.21 30.58
CA CYS A 312 -14.67 19.86 31.12
C CYS A 312 -13.70 19.76 32.29
N HIS A 313 -14.16 19.12 33.35
CA HIS A 313 -13.35 18.88 34.55
C HIS A 313 -12.73 17.50 34.46
N LEU A 314 -11.42 17.42 34.74
CA LEU A 314 -10.69 16.18 34.60
C LEU A 314 -10.79 15.32 35.87
N LEU A 315 -10.12 14.17 35.80
CA LEU A 315 -10.03 13.26 36.93
C LEU A 315 -8.63 13.39 37.52
N GLU A 316 -8.57 14.07 38.69
CA GLU A 316 -7.39 14.37 39.54
C GLU A 316 -6.29 15.16 38.84
N GLY A 317 -6.66 16.05 37.93
CA GLY A 317 -5.75 17.02 37.37
C GLY A 317 -5.00 16.61 36.11
N GLU A 318 -5.09 15.35 35.69
CA GLU A 318 -4.36 14.89 34.51
C GLU A 318 -5.16 13.83 33.78
N LYS A 319 -4.81 13.62 32.52
CA LYS A 319 -5.25 12.45 31.77
C LYS A 319 -4.12 12.05 30.83
N THR A 320 -3.52 10.89 31.08
CA THR A 320 -2.41 10.40 30.28
C THR A 320 -2.95 9.73 29.03
N ILE A 321 -2.61 10.29 27.88
CA ILE A 321 -3.25 10.00 26.59
C ILE A 321 -2.19 9.38 25.69
N ASP A 322 -2.44 8.16 25.18
CA ASP A 322 -1.41 7.45 24.43
C ASP A 322 -1.84 6.63 23.22
N SER A 323 -3.11 6.67 22.81
CA SER A 323 -3.58 5.86 21.69
C SER A 323 -4.72 6.59 20.99
N VAL A 324 -5.35 5.92 20.03
CA VAL A 324 -6.49 6.45 19.31
C VAL A 324 -7.76 6.44 20.17
N THR A 325 -7.97 5.35 20.92
CA THR A 325 -9.16 5.18 21.75
C THR A 325 -9.05 5.98 23.05
N SER A 326 -7.83 6.12 23.58
CA SER A 326 -7.59 7.06 24.68
C SER A 326 -7.52 8.51 24.20
N ALA A 327 -7.20 8.73 22.92
CA ALA A 327 -7.28 10.05 22.32
C ALA A 327 -8.70 10.49 22.06
N GLN A 328 -9.63 9.55 21.85
CA GLN A 328 -11.00 9.86 21.47
C GLN A 328 -11.95 10.12 22.66
N GLU A 329 -11.45 10.14 23.91
CA GLU A 329 -12.22 10.60 25.05
C GLU A 329 -12.46 12.11 25.04
N LEU A 330 -11.54 12.89 24.46
CA LEU A 330 -11.56 14.35 24.55
C LEU A 330 -12.15 14.98 23.27
N ARG A 331 -12.75 14.14 22.41
CA ARG A 331 -13.42 14.57 21.18
C ARG A 331 -14.76 15.22 21.52
N GLY A 332 -14.79 16.55 21.51
CA GLY A 332 -15.91 17.35 21.96
C GLY A 332 -15.55 18.37 23.02
N CYS A 333 -14.57 18.05 23.88
CA CYS A 333 -14.18 18.96 24.95
C CYS A 333 -13.21 20.02 24.42
N THR A 334 -13.47 21.28 24.78
CA THR A 334 -12.65 22.40 24.32
C THR A 334 -11.75 22.95 25.42
N VAL A 335 -12.33 23.39 26.52
CA VAL A 335 -11.57 23.98 27.63
C VAL A 335 -11.45 22.90 28.69
N ILE A 336 -10.23 22.66 29.15
CA ILE A 336 -9.97 21.53 30.04
C ILE A 336 -9.49 22.05 31.40
N ASN A 337 -9.97 21.40 32.46
CA ASN A 337 -9.60 21.75 33.84
C ASN A 337 -8.57 20.73 34.32
N GLY A 338 -7.34 20.90 33.85
CA GLY A 338 -6.27 20.00 34.23
C GLY A 338 -5.18 19.98 33.16
N SER A 339 -4.32 18.97 33.27
CA SER A 339 -3.10 18.87 32.47
C SER A 339 -3.22 17.77 31.44
N LEU A 340 -2.38 17.85 30.40
CA LEU A 340 -2.37 16.89 29.30
C LEU A 340 -1.00 16.26 29.19
N ILE A 341 -0.97 14.93 29.20
CA ILE A 341 0.24 14.13 29.01
C ILE A 341 0.04 13.30 27.75
N ILE A 342 0.90 13.51 26.75
CA ILE A 342 0.74 12.88 25.45
C ILE A 342 1.96 12.02 25.10
N ASN A 343 1.71 10.74 24.82
CA ASN A 343 2.76 9.72 24.68
C ASN A 343 2.37 8.68 23.60
N ILE A 344 2.02 9.12 22.38
CA ILE A 344 1.71 8.19 21.28
C ILE A 344 2.92 8.05 20.37
N ARG A 345 3.34 6.81 20.12
CA ARG A 345 4.57 6.52 19.39
C ARG A 345 4.35 5.80 18.06
N GLY A 346 3.12 5.56 17.65
CA GLY A 346 2.87 4.88 16.39
C GLY A 346 1.39 4.83 16.08
N GLY A 347 1.10 4.48 14.84
CA GLY A 347 -0.28 4.40 14.39
C GLY A 347 -0.36 4.28 12.88
N ASN A 348 -1.59 4.21 12.40
CA ASN A 348 -1.89 4.05 10.97
C ASN A 348 -2.56 5.31 10.44
N ASN A 349 -1.81 6.06 9.60
CA ASN A 349 -2.22 7.18 8.72
C ASN A 349 -2.78 8.37 9.50
N LEU A 350 -1.88 9.01 10.25
CA LEU A 350 -2.27 9.88 11.34
C LEU A 350 -2.62 11.30 10.89
N ALA A 351 -2.96 12.12 11.91
CA ALA A 351 -3.11 13.57 12.05
C ALA A 351 -4.34 14.22 11.42
N ALA A 352 -5.13 13.48 10.62
CA ALA A 352 -6.39 14.00 10.13
C ALA A 352 -7.49 13.80 11.17
N GLU A 353 -7.59 12.57 11.69
CA GLU A 353 -8.46 12.25 12.81
C GLU A 353 -7.92 12.79 14.14
N LEU A 354 -6.61 12.96 14.28
CA LEU A 354 -6.03 13.61 15.45
C LEU A 354 -6.17 15.13 15.36
N GLU A 355 -6.26 15.68 14.13
CA GLU A 355 -6.61 17.08 13.95
C GLU A 355 -8.08 17.36 14.23
N ALA A 356 -8.97 16.43 13.86
CA ALA A 356 -10.40 16.54 14.14
C ALA A 356 -10.72 16.27 15.61
N ASN A 357 -9.88 15.50 16.30
CA ASN A 357 -9.90 15.42 17.75
C ASN A 357 -9.37 16.71 18.34
N LEU A 358 -8.06 16.96 18.22
CA LEU A 358 -7.34 17.85 19.13
C LEU A 358 -7.11 19.22 18.52
N GLY A 359 -7.86 19.55 17.48
CA GLY A 359 -7.95 20.92 17.04
C GLY A 359 -9.10 21.70 17.62
N LEU A 360 -9.82 21.15 18.60
CA LEU A 360 -10.93 21.79 19.27
C LEU A 360 -10.52 22.51 20.54
N ILE A 361 -9.27 22.42 20.94
CA ILE A 361 -8.83 22.86 22.27
C ILE A 361 -8.55 24.36 22.22
N GLU A 362 -9.13 25.10 23.18
CA GLU A 362 -8.85 26.51 23.34
C GLU A 362 -7.84 26.77 24.46
N GLU A 363 -8.18 26.35 25.69
CA GLU A 363 -7.38 26.68 26.87
C GLU A 363 -7.13 25.44 27.70
N ILE A 364 -5.88 25.31 28.15
CA ILE A 364 -5.47 24.27 29.08
C ILE A 364 -5.12 24.96 30.38
N SER A 365 -5.77 24.53 31.47
CA SER A 365 -5.49 25.09 32.79
C SER A 365 -4.18 24.58 33.37
N GLY A 366 -3.83 23.33 33.07
CA GLY A 366 -2.59 22.73 33.54
C GLY A 366 -1.49 22.80 32.51
N TYR A 367 -0.54 21.87 32.63
CA TYR A 367 0.60 21.84 31.73
C TYR A 367 0.28 21.00 30.50
N LEU A 368 1.19 21.05 29.52
CA LEU A 368 1.16 20.15 28.39
C LEU A 368 2.52 19.48 28.37
N LYS A 369 2.52 18.15 28.43
CA LYS A 369 3.75 17.38 28.54
C LYS A 369 3.81 16.43 27.36
N ILE A 370 4.66 16.75 26.41
CA ILE A 370 4.93 15.85 25.28
C ILE A 370 6.21 15.09 25.64
N ARG A 371 6.01 13.89 26.17
CA ARG A 371 7.11 13.05 26.64
C ARG A 371 7.18 11.82 25.76
N ARG A 372 8.38 11.59 25.18
CA ARG A 372 8.91 10.32 24.64
C ARG A 372 8.17 9.83 23.40
N SER A 373 7.55 10.72 22.64
CA SER A 373 6.87 10.34 21.41
C SER A 373 7.86 10.16 20.27
N TYR A 374 7.45 9.36 19.28
CA TYR A 374 8.30 9.06 18.14
C TYR A 374 7.69 9.49 16.82
N ALA A 375 6.46 9.06 16.52
CA ALA A 375 5.98 8.97 15.15
C ALA A 375 5.41 10.27 14.60
N LEU A 376 5.27 11.31 15.41
CA LEU A 376 4.63 12.54 14.95
C LEU A 376 5.64 13.44 14.25
N VAL A 377 5.16 14.18 13.25
CA VAL A 377 6.04 15.00 12.43
C VAL A 377 5.75 16.50 12.61
N SER A 378 4.57 16.88 13.09
CA SER A 378 4.27 18.29 13.36
C SER A 378 3.26 18.38 14.49
N LEU A 379 3.20 19.56 15.09
CA LEU A 379 2.17 19.90 16.08
C LEU A 379 1.12 20.80 15.49
N SER A 380 0.83 20.63 14.20
CA SER A 380 -0.21 21.40 13.50
C SER A 380 -1.55 20.67 13.48
N PHE A 381 -1.65 19.54 14.16
CA PHE A 381 -2.97 18.98 14.47
C PHE A 381 -3.64 19.76 15.60
N PHE A 382 -2.86 20.34 16.52
CA PHE A 382 -3.34 21.38 17.41
C PHE A 382 -3.65 22.65 16.61
N ARG A 383 -4.91 23.01 16.46
CA ARG A 383 -5.28 24.04 15.49
C ARG A 383 -5.37 25.44 16.08
N LYS A 384 -6.13 25.63 17.16
CA LYS A 384 -6.55 26.97 17.56
C LYS A 384 -6.16 27.27 19.01
N LEU A 385 -4.95 26.86 19.39
CA LEU A 385 -4.46 27.05 20.75
C LEU A 385 -3.86 28.44 20.88
N ARG A 386 -4.49 29.26 21.69
CA ARG A 386 -4.11 30.66 21.80
C ARG A 386 -3.60 31.01 23.18
N LEU A 387 -4.22 30.49 24.23
CA LEU A 387 -3.87 30.82 25.61
C LEU A 387 -3.73 29.54 26.41
N ILE A 388 -2.57 29.37 27.05
CA ILE A 388 -2.34 28.29 28.00
C ILE A 388 -2.09 28.94 29.36
N ARG A 389 -2.86 28.50 30.38
CA ARG A 389 -2.67 28.97 31.74
C ARG A 389 -1.41 28.39 32.37
N GLY A 390 -1.36 27.07 32.52
CA GLY A 390 -0.25 26.45 33.20
C GLY A 390 -0.28 26.60 34.71
N GLU A 391 -1.45 26.43 35.32
CA GLU A 391 -1.56 26.56 36.77
C GLU A 391 -1.07 25.31 37.49
N THR A 392 -1.51 24.13 37.04
CA THR A 392 -0.85 22.90 37.44
C THR A 392 0.48 22.81 36.69
N LEU A 393 1.56 22.59 37.42
CA LEU A 393 2.89 22.64 36.86
C LEU A 393 3.60 21.31 37.07
N GLU A 394 4.76 21.20 36.46
CA GLU A 394 5.72 20.16 36.78
C GLU A 394 6.62 20.74 37.87
N ILE A 395 7.31 19.87 38.63
CA ILE A 395 8.21 20.29 39.71
C ILE A 395 9.49 20.86 39.08
N GLY A 396 9.73 22.14 39.33
CA GLY A 396 10.61 22.93 38.51
C GLY A 396 9.90 23.94 37.63
N ASN A 397 8.57 24.07 37.80
CA ASN A 397 7.66 25.14 37.30
C ASN A 397 7.56 25.17 35.77
N TYR A 398 7.28 24.02 35.17
CA TYR A 398 7.25 23.86 33.73
C TYR A 398 5.82 23.73 33.24
N SER A 399 5.49 24.47 32.19
CA SER A 399 4.18 24.39 31.56
C SER A 399 4.21 23.68 30.23
N PHE A 400 5.33 23.72 29.52
CA PHE A 400 5.47 23.02 28.24
C PHE A 400 6.69 22.12 28.34
N TYR A 401 6.46 20.82 28.40
CA TYR A 401 7.51 19.85 28.66
C TYR A 401 7.70 19.00 27.41
N ALA A 402 8.72 19.32 26.63
CA ALA A 402 9.09 18.55 25.45
C ALA A 402 10.29 17.68 25.78
N LEU A 403 10.14 16.36 25.59
CA LEU A 403 11.17 15.42 26.00
C LEU A 403 11.15 14.21 25.09
N ASP A 404 12.32 13.94 24.45
CA ASP A 404 12.65 12.78 23.58
C ASP A 404 11.73 12.63 22.37
N ASN A 405 11.38 13.77 21.78
CA ASN A 405 10.40 13.81 20.70
C ASN A 405 11.19 13.95 19.41
N GLN A 406 11.15 12.90 18.58
CA GLN A 406 12.21 12.65 17.62
C GLN A 406 12.05 13.43 16.31
N ASN A 407 10.97 13.18 15.58
CA ASN A 407 10.91 13.56 14.17
C ASN A 407 10.06 14.80 13.92
N LEU A 408 10.03 15.74 14.86
CA LEU A 408 9.09 16.86 14.82
C LEU A 408 9.75 18.03 14.09
N ARG A 409 9.36 18.26 12.84
CA ARG A 409 10.01 19.28 12.03
C ARG A 409 9.44 20.68 12.22
N GLN A 410 8.13 20.85 12.42
CA GLN A 410 7.54 22.15 12.70
C GLN A 410 6.70 22.09 13.97
N LEU A 411 6.66 23.23 14.67
CA LEU A 411 5.66 23.41 15.70
C LEU A 411 4.34 23.87 15.11
N TRP A 412 4.33 25.06 14.51
CA TRP A 412 3.13 25.62 13.88
C TRP A 412 3.56 26.46 12.68
N ASP A 413 2.56 26.94 11.94
CA ASP A 413 2.78 27.96 10.92
C ASP A 413 2.53 29.33 11.52
N TRP A 414 3.51 30.20 11.45
CA TRP A 414 3.49 31.43 12.21
C TRP A 414 3.06 32.63 11.39
N SER A 415 2.62 32.40 10.16
CA SER A 415 1.73 33.36 9.50
C SER A 415 0.31 33.25 10.04
N LYS A 416 -0.09 32.07 10.49
CA LYS A 416 -1.41 31.83 11.04
C LYS A 416 -1.44 32.06 12.55
N HIS A 417 -0.57 31.36 13.27
CA HIS A 417 -0.82 31.02 14.67
C HIS A 417 -0.24 32.05 15.63
N ASN A 418 -0.98 32.29 16.71
CA ASN A 418 -0.50 33.01 17.88
C ASN A 418 -0.77 32.15 19.11
N LEU A 419 0.21 32.11 20.01
CA LEU A 419 0.10 31.33 21.23
C LEU A 419 0.65 32.19 22.37
N THR A 420 0.03 32.07 23.55
CA THR A 420 0.44 32.81 24.73
C THR A 420 0.49 31.86 25.91
N ILE A 421 1.63 31.81 26.61
CA ILE A 421 1.77 31.06 27.84
C ILE A 421 1.60 32.07 28.98
N THR A 422 0.68 31.78 29.92
CA THR A 422 0.50 32.66 31.07
C THR A 422 1.59 32.45 32.10
N GLN A 423 1.70 31.23 32.63
CA GLN A 423 2.53 30.92 33.78
C GLN A 423 3.50 29.80 33.45
N GLY A 424 4.64 29.78 34.12
CA GLY A 424 5.56 28.65 34.07
C GLY A 424 6.71 28.85 33.10
N LYS A 425 7.54 27.81 33.01
CA LYS A 425 8.72 27.80 32.16
C LYS A 425 8.59 26.73 31.08
N LEU A 426 9.66 26.60 30.30
CA LEU A 426 9.73 25.72 29.15
C LEU A 426 10.80 24.67 29.38
N PHE A 427 10.72 23.58 28.62
CA PHE A 427 11.67 22.49 28.75
C PHE A 427 11.86 21.85 27.38
N PHE A 428 13.08 21.95 26.84
CA PHE A 428 13.40 21.38 25.54
C PHE A 428 14.67 20.56 25.65
N HIS A 429 14.51 19.27 25.92
CA HIS A 429 15.62 18.35 26.02
C HIS A 429 15.37 17.19 25.06
N TYR A 430 16.40 16.87 24.26
CA TYR A 430 16.54 15.71 23.34
C TYR A 430 15.51 15.69 22.22
N ASN A 431 15.19 16.86 21.69
CA ASN A 431 14.23 16.97 20.61
C ASN A 431 14.96 17.38 19.33
N PRO A 432 15.53 16.43 18.58
CA PRO A 432 16.72 16.73 17.76
C PRO A 432 16.46 17.32 16.38
N LYS A 433 15.21 17.45 15.93
CA LYS A 433 14.94 17.83 14.55
C LYS A 433 14.16 19.14 14.47
N LEU A 434 14.46 20.08 15.37
CA LEU A 434 13.71 21.32 15.44
C LEU A 434 14.67 22.43 15.86
N CYS A 435 14.42 23.63 15.36
CA CYS A 435 15.44 24.66 15.30
C CYS A 435 15.32 25.68 16.43
N LEU A 436 16.45 26.35 16.68
CA LEU A 436 16.58 27.36 17.73
C LEU A 436 15.91 28.68 17.39
N SER A 437 15.68 28.96 16.09
CA SER A 437 14.81 30.06 15.66
C SER A 437 13.34 29.81 15.98
N GLU A 438 12.89 28.54 15.98
CA GLU A 438 11.56 28.21 16.47
C GLU A 438 11.48 28.25 18.00
N ILE A 439 12.61 27.99 18.69
CA ILE A 439 12.68 28.16 20.16
C ILE A 439 12.67 29.64 20.57
N HIS A 440 13.34 30.50 19.78
CA HIS A 440 13.28 31.96 19.97
C HIS A 440 11.95 32.56 19.50
N LYS A 441 11.26 31.90 18.56
CA LYS A 441 9.93 32.32 18.17
C LYS A 441 8.88 31.88 19.21
N MET A 442 9.14 30.77 19.93
CA MET A 442 8.37 30.43 21.13
C MET A 442 8.62 31.38 22.29
N GLU A 443 9.86 31.82 22.47
CA GLU A 443 10.20 32.75 23.54
C GLU A 443 9.83 34.20 23.25
N GLU A 444 9.58 34.55 22.00
CA GLU A 444 9.10 35.88 21.66
C GLU A 444 7.58 35.96 21.50
N VAL A 445 6.96 35.00 20.79
CA VAL A 445 5.52 34.96 20.59
C VAL A 445 4.77 34.51 21.85
N SER A 446 5.33 33.56 22.60
CA SER A 446 4.63 32.98 23.75
C SER A 446 4.74 33.77 25.04
N GLY A 447 5.53 34.85 25.07
CA GLY A 447 5.65 35.65 26.27
C GLY A 447 6.59 35.10 27.30
N THR A 448 7.50 34.23 26.89
CA THR A 448 8.42 33.53 27.78
C THR A 448 9.85 33.96 27.50
N LYS A 449 10.06 35.28 27.41
CA LYS A 449 11.40 35.81 27.14
C LYS A 449 12.28 35.79 28.38
N GLY A 450 11.80 36.35 29.49
CA GLY A 450 12.57 36.43 30.70
C GLY A 450 12.26 35.41 31.76
N ARG A 451 11.39 34.43 31.45
CA ARG A 451 10.92 33.49 32.47
C ARG A 451 11.91 32.37 32.73
N GLN A 452 12.65 31.95 31.71
CA GLN A 452 13.42 30.71 31.79
C GLN A 452 14.79 30.98 32.39
N GLU A 453 15.26 30.00 33.15
CA GLU A 453 16.54 30.05 33.84
C GLU A 453 17.63 29.42 32.97
N ARG A 454 18.78 29.12 33.57
CA ARG A 454 19.91 28.57 32.85
C ARG A 454 19.72 27.07 32.63
N ASN A 455 19.95 26.64 31.37
CA ASN A 455 19.88 25.29 30.80
C ASN A 455 18.48 24.64 30.94
N ASP A 456 17.43 25.45 30.83
CA ASP A 456 16.10 24.89 30.57
C ASP A 456 16.00 24.39 29.15
N ILE A 457 16.64 25.09 28.21
CA ILE A 457 16.77 24.67 26.83
C ILE A 457 18.09 23.93 26.72
N ALA A 458 18.03 22.63 26.42
CA ALA A 458 19.24 21.89 26.09
C ALA A 458 19.60 22.22 24.66
N LEU A 459 20.77 22.84 24.47
CA LEU A 459 21.08 23.50 23.22
C LEU A 459 21.63 22.54 22.18
N LYS A 460 22.58 21.69 22.57
CA LYS A 460 23.22 20.79 21.62
C LYS A 460 22.41 19.54 21.34
N THR A 461 21.44 19.21 22.19
CA THR A 461 20.62 18.02 21.96
C THR A 461 19.51 18.27 20.96
N ASN A 462 19.13 19.53 20.75
CA ASN A 462 18.03 19.89 19.88
C ASN A 462 18.60 20.63 18.67
N GLY A 463 18.23 20.16 17.48
CA GLY A 463 18.70 20.80 16.26
C GLY A 463 20.11 20.44 15.85
N ASP A 464 20.66 19.35 16.40
CA ASP A 464 21.96 18.85 15.97
C ASP A 464 21.88 18.13 14.64
N GLN A 465 20.75 17.53 14.33
CA GLN A 465 20.50 16.92 13.02
C GLN A 465 19.12 17.40 12.52
N ALA A 466 19.17 18.47 11.74
CA ALA A 466 17.99 19.14 11.19
C ALA A 466 18.39 19.79 9.87
N SER A 467 17.50 20.62 9.33
CA SER A 467 17.83 21.54 8.25
C SER A 467 17.32 22.92 8.66
N CYS A 468 18.11 23.60 9.49
CA CYS A 468 17.86 24.99 9.85
C CYS A 468 18.71 25.83 8.92
N GLU A 469 18.25 25.95 7.68
CA GLU A 469 19.06 26.52 6.62
C GLU A 469 18.95 28.03 6.61
N ASN A 470 20.11 28.68 6.45
CA ASN A 470 20.27 30.10 6.75
C ASN A 470 20.20 30.96 5.50
N GLU A 471 19.65 30.45 4.42
CA GLU A 471 19.60 31.19 3.16
C GLU A 471 18.32 30.82 2.42
N LEU A 472 17.75 31.82 1.75
CA LEU A 472 16.57 31.65 0.92
C LEU A 472 16.98 31.73 -0.54
N LEU A 473 16.64 30.70 -1.31
CA LEU A 473 16.86 30.71 -2.75
C LEU A 473 15.87 31.62 -3.45
N LYS A 474 16.27 32.09 -4.62
CA LYS A 474 15.44 32.96 -5.42
C LYS A 474 15.14 32.27 -6.75
N PHE A 475 13.89 32.27 -7.13
CA PHE A 475 13.49 31.71 -8.41
C PHE A 475 13.81 32.68 -9.53
N SER A 476 14.72 32.27 -10.41
CA SER A 476 15.17 33.14 -11.48
C SER A 476 14.17 33.15 -12.63
N TYR A 477 13.98 32.01 -13.25
CA TYR A 477 13.30 31.92 -14.53
C TYR A 477 12.24 30.84 -14.47
N ILE A 478 11.06 31.17 -14.98
CA ILE A 478 9.89 30.31 -14.89
C ILE A 478 9.17 30.31 -16.24
N ARG A 479 8.81 29.12 -16.73
CA ARG A 479 7.94 28.96 -17.91
C ARG A 479 6.88 27.92 -17.64
N THR A 480 5.89 27.90 -18.53
CA THR A 480 4.73 27.05 -18.37
C THR A 480 4.33 26.41 -19.69
N SER A 481 3.56 25.34 -19.57
CA SER A 481 2.78 24.74 -20.66
C SER A 481 1.54 24.13 -20.03
N PHE A 482 0.83 23.30 -20.80
CA PHE A 482 -0.29 22.56 -20.23
C PHE A 482 0.17 21.38 -19.39
N ASP A 483 1.33 20.80 -19.71
CA ASP A 483 1.84 19.67 -18.97
C ASP A 483 3.30 19.79 -18.58
N LYS A 484 3.90 20.98 -18.68
CA LYS A 484 5.33 21.14 -18.54
C LYS A 484 5.63 22.49 -17.90
N ILE A 485 6.34 22.47 -16.78
CA ILE A 485 6.82 23.67 -16.11
C ILE A 485 8.34 23.65 -16.17
N LEU A 486 8.92 24.68 -16.77
CA LEU A 486 10.37 24.79 -16.92
C LEU A 486 10.88 25.69 -15.82
N LEU A 487 11.42 25.11 -14.75
CA LEU A 487 11.89 25.88 -13.61
C LEU A 487 13.38 26.12 -13.76
N ARG A 488 13.80 27.33 -13.41
CA ARG A 488 15.20 27.66 -13.19
C ARG A 488 15.29 28.54 -11.96
N TRP A 489 16.42 28.46 -11.28
CA TRP A 489 16.67 29.32 -10.13
C TRP A 489 18.12 29.76 -10.22
N GLU A 490 18.65 30.29 -9.12
CA GLU A 490 19.99 30.83 -9.07
C GLU A 490 21.02 29.73 -8.95
N PRO A 491 22.27 29.97 -9.38
CA PRO A 491 23.37 29.12 -8.89
C PRO A 491 23.65 29.40 -7.43
N TYR A 492 23.57 28.35 -6.62
CA TYR A 492 23.90 28.42 -5.21
C TYR A 492 25.01 27.44 -4.94
N TRP A 493 26.02 27.85 -4.20
CA TRP A 493 27.08 26.95 -3.77
C TRP A 493 27.25 27.02 -2.27
N PRO A 494 27.82 25.98 -1.67
CA PRO A 494 28.53 26.15 -0.39
C PRO A 494 29.93 26.72 -0.63
N PRO A 495 30.60 27.30 0.39
CA PRO A 495 31.96 27.84 0.16
C PRO A 495 33.09 26.81 0.05
N ASP A 496 32.87 25.54 0.36
CA ASP A 496 33.74 24.46 -0.09
C ASP A 496 32.86 23.56 -0.96
N PHE A 497 32.88 23.76 -2.28
CA PHE A 497 31.74 23.38 -3.13
C PHE A 497 31.88 22.00 -3.75
N ARG A 498 32.78 21.16 -3.24
CA ARG A 498 32.71 19.72 -3.49
C ARG A 498 31.73 18.99 -2.57
N ASP A 499 31.21 19.65 -1.53
CA ASP A 499 30.17 19.15 -0.63
C ASP A 499 28.77 19.18 -1.22
N LEU A 500 28.53 19.85 -2.35
CA LEU A 500 27.22 19.86 -2.98
C LEU A 500 26.97 18.57 -3.73
N LEU A 501 25.94 17.84 -3.31
CA LEU A 501 25.48 16.68 -4.06
C LEU A 501 24.43 17.02 -5.08
N GLY A 502 23.78 18.15 -4.95
CA GLY A 502 22.67 18.48 -5.80
C GLY A 502 21.48 18.88 -4.97
N PHE A 503 20.31 18.88 -5.59
CA PHE A 503 19.12 19.41 -4.97
C PHE A 503 18.04 18.34 -4.88
N MET A 504 17.24 18.43 -3.82
CA MET A 504 15.98 17.72 -3.74
C MET A 504 14.86 18.73 -3.99
N LEU A 505 13.80 18.30 -4.68
CA LEU A 505 12.60 19.12 -4.78
C LEU A 505 11.38 18.21 -4.61
N PHE A 506 10.51 18.58 -3.68
CA PHE A 506 9.27 17.86 -3.45
C PHE A 506 8.15 18.58 -4.18
N TYR A 507 7.31 17.82 -4.85
CA TYR A 507 6.08 18.31 -5.45
C TYR A 507 4.92 17.63 -4.75
N LYS A 508 3.82 18.35 -4.61
CA LYS A 508 2.52 17.77 -4.30
C LYS A 508 1.46 18.60 -5.01
N GLU A 509 0.28 17.99 -5.14
CA GLU A 509 -0.88 18.66 -5.73
C GLU A 509 -1.46 19.65 -4.72
N ALA A 510 -1.66 20.89 -5.16
CA ALA A 510 -2.08 21.98 -4.29
C ALA A 510 -3.45 22.48 -4.72
N PRO A 511 -4.56 22.06 -4.05
CA PRO A 511 -5.86 22.69 -4.33
C PRO A 511 -6.03 24.07 -3.73
N TYR A 512 -5.36 24.38 -2.63
CA TYR A 512 -5.44 25.66 -1.96
C TYR A 512 -4.03 26.17 -1.67
N GLN A 513 -3.93 27.19 -0.83
CA GLN A 513 -2.66 27.64 -0.29
C GLN A 513 -2.49 27.25 1.18
N ASN A 514 -3.09 26.14 1.61
CA ASN A 514 -3.12 25.81 3.03
C ASN A 514 -1.99 24.87 3.48
N VAL A 515 -0.75 25.21 3.14
CA VAL A 515 0.42 24.53 3.72
C VAL A 515 1.17 25.53 4.58
N VAL A 531 9.34 13.36 -6.66
CA VAL A 531 10.55 13.91 -6.05
C VAL A 531 11.72 13.61 -6.96
N VAL A 532 12.28 14.65 -7.56
CA VAL A 532 13.33 14.51 -8.56
C VAL A 532 14.67 14.89 -7.94
N ASP A 533 15.61 13.96 -7.94
CA ASP A 533 16.98 14.27 -7.59
C ASP A 533 17.64 15.01 -8.75
N ILE A 534 18.33 16.10 -8.44
CA ILE A 534 18.79 17.07 -9.43
C ILE A 534 20.30 16.92 -9.53
N ASP A 535 20.81 16.82 -10.76
CA ASP A 535 22.23 16.90 -11.07
C ASP A 535 22.79 18.29 -10.73
N PRO A 536 24.04 18.39 -10.24
CA PRO A 536 24.61 19.70 -9.88
C PRO A 536 25.10 20.46 -11.12
N PRO A 537 25.16 21.80 -11.09
CA PRO A 537 25.68 22.54 -12.24
C PRO A 537 27.21 22.60 -12.23
N LEU A 538 27.76 23.23 -13.26
CA LEU A 538 29.19 23.32 -13.47
C LEU A 538 29.64 24.75 -13.22
N ARG A 539 30.58 24.92 -12.28
CA ARG A 539 31.07 26.25 -11.93
C ARG A 539 32.07 26.77 -12.96
N SER A 540 33.22 26.06 -13.08
CA SER A 540 34.54 26.48 -13.58
C SER A 540 34.95 27.86 -13.06
N ASN A 541 34.56 28.91 -13.79
CA ASN A 541 34.72 30.28 -13.36
C ASN A 541 33.58 31.09 -13.97
N ASP A 542 33.49 32.35 -13.59
CA ASP A 542 32.43 33.23 -14.07
C ASP A 542 32.88 34.68 -14.36
N PRO A 543 33.23 34.98 -15.62
CA PRO A 543 33.10 36.37 -16.06
C PRO A 543 31.65 36.85 -16.13
N LYS A 544 30.80 36.23 -16.97
CA LYS A 544 29.34 36.22 -16.91
C LYS A 544 28.94 34.86 -17.48
N SER A 545 28.71 33.89 -16.60
CA SER A 545 28.38 32.54 -17.04
C SER A 545 26.99 32.18 -16.56
N GLN A 546 26.15 31.76 -17.50
CA GLN A 546 24.81 31.30 -17.17
C GLN A 546 24.93 29.87 -16.67
N ASN A 547 25.08 29.72 -15.38
CA ASN A 547 25.12 28.41 -14.74
C ASN A 547 23.89 28.24 -13.86
N HIS A 548 22.74 28.64 -14.38
CA HIS A 548 21.47 28.46 -13.70
C HIS A 548 21.01 27.02 -13.84
N PRO A 549 20.83 26.25 -12.76
CA PRO A 549 20.33 24.87 -12.88
C PRO A 549 18.81 24.85 -12.95
N GLY A 550 18.29 23.65 -13.15
CA GLY A 550 16.86 23.48 -13.14
C GLY A 550 16.42 22.16 -13.72
N TRP A 551 15.11 22.05 -13.90
CA TRP A 551 14.46 20.79 -14.22
C TRP A 551 13.13 21.05 -14.92
N LEU A 552 12.89 20.31 -16.00
CA LEU A 552 11.59 20.29 -16.66
C LEU A 552 10.81 19.06 -16.21
N MET A 553 9.65 19.28 -15.60
CA MET A 553 8.83 18.19 -15.11
C MET A 553 7.76 17.89 -16.15
N ARG A 554 7.58 16.61 -16.49
CA ARG A 554 7.05 16.22 -17.79
C ARG A 554 5.60 15.77 -17.80
N GLY A 555 5.09 15.14 -16.76
CA GLY A 555 3.87 14.35 -16.89
C GLY A 555 2.67 14.91 -16.16
N LEU A 556 2.46 16.21 -16.30
CA LEU A 556 1.59 16.94 -15.39
C LEU A 556 0.13 16.88 -15.82
N LYS A 557 -0.74 16.97 -14.83
CA LYS A 557 -2.16 17.12 -15.08
C LYS A 557 -2.44 18.58 -15.48
N PRO A 558 -3.23 18.84 -16.55
CA PRO A 558 -3.52 20.23 -16.93
C PRO A 558 -4.57 20.88 -16.05
N TRP A 559 -4.45 22.22 -15.97
CA TRP A 559 -5.12 23.17 -15.06
C TRP A 559 -5.00 22.77 -13.59
N THR A 560 -3.75 22.67 -13.14
CA THR A 560 -3.48 22.20 -11.80
C THR A 560 -2.45 23.10 -11.14
N GLN A 561 -2.86 23.76 -10.07
CA GLN A 561 -1.95 24.48 -9.18
C GLN A 561 -1.10 23.48 -8.39
N TYR A 562 0.21 23.71 -8.35
CA TYR A 562 1.13 22.80 -7.70
C TYR A 562 1.93 23.51 -6.63
N ALA A 563 2.48 22.71 -5.71
CA ALA A 563 3.31 23.21 -4.62
C ALA A 563 4.74 22.71 -4.83
N ILE A 564 5.62 23.61 -5.30
CA ILE A 564 7.01 23.28 -5.58
C ILE A 564 7.87 24.06 -4.60
N PHE A 565 8.80 23.37 -3.93
CA PHE A 565 9.89 24.04 -3.25
C PHE A 565 11.15 23.21 -3.44
N VAL A 566 12.30 23.90 -3.43
CA VAL A 566 13.60 23.32 -3.75
C VAL A 566 14.48 23.45 -2.52
N LYS A 567 14.96 22.33 -1.99
CA LYS A 567 15.91 22.36 -0.90
C LYS A 567 17.27 21.87 -1.39
N THR A 568 18.28 22.08 -0.57
CA THR A 568 19.65 21.73 -0.90
C THR A 568 20.12 20.53 -0.09
N LEU A 569 21.10 19.82 -0.63
CA LEU A 569 21.65 18.62 -0.02
C LEU A 569 23.16 18.78 0.06
N VAL A 570 23.66 19.09 1.25
CA VAL A 570 25.08 19.31 1.44
C VAL A 570 25.65 18.22 2.33
N THR A 571 26.95 18.27 2.55
CA THR A 571 27.64 17.34 3.42
C THR A 571 27.80 17.99 4.79
N PHE A 572 27.51 17.22 5.85
CA PHE A 572 27.72 17.64 7.24
C PHE A 572 29.22 17.66 7.53
N SER A 573 29.78 18.87 7.53
CA SER A 573 31.21 19.05 7.53
C SER A 573 31.77 18.98 8.94
N ASP A 574 33.10 19.04 9.04
CA ASP A 574 33.82 18.78 10.27
C ASP A 574 34.05 20.03 11.12
N GLU A 575 33.58 21.19 10.65
CA GLU A 575 33.67 22.47 11.34
C GLU A 575 32.25 22.92 11.66
N ARG A 576 32.09 24.22 11.93
CA ARG A 576 30.79 24.87 12.03
C ARG A 576 30.00 24.77 10.71
N ARG A 577 28.75 24.37 10.83
CA ARG A 577 28.03 23.73 9.75
C ARG A 577 27.37 24.75 8.82
N THR A 578 27.63 24.61 7.53
CA THR A 578 26.78 25.21 6.51
C THR A 578 25.63 24.25 6.26
N TYR A 579 24.43 24.66 6.66
CA TYR A 579 23.24 23.82 6.49
C TYR A 579 22.74 23.82 5.06
N GLY A 580 22.99 24.90 4.31
CA GLY A 580 22.50 25.01 2.95
C GLY A 580 21.39 26.03 2.79
N ALA A 581 20.46 25.77 1.88
CA ALA A 581 19.41 26.73 1.59
C ALA A 581 18.14 26.01 1.20
N LYS A 582 17.02 26.71 1.32
CA LYS A 582 15.75 26.20 0.81
C LYS A 582 15.03 27.34 0.12
N SER A 583 14.20 26.99 -0.86
CA SER A 583 13.51 27.98 -1.65
C SER A 583 12.14 28.31 -1.07
N ASP A 584 11.45 29.23 -1.74
CA ASP A 584 10.07 29.52 -1.44
C ASP A 584 9.17 28.41 -1.97
N ILE A 585 8.07 28.19 -1.27
CA ILE A 585 6.96 27.47 -1.87
C ILE A 585 6.31 28.39 -2.89
N ILE A 586 6.09 27.87 -4.10
CA ILE A 586 5.42 28.64 -5.15
C ILE A 586 4.13 27.92 -5.54
N TYR A 587 3.21 28.70 -6.07
CA TYR A 587 1.93 28.18 -6.54
C TYR A 587 1.86 28.48 -8.03
N VAL A 588 2.22 27.49 -8.85
CA VAL A 588 2.29 27.66 -10.29
C VAL A 588 1.23 26.73 -10.88
N GLN A 589 0.32 27.30 -11.67
CA GLN A 589 -0.76 26.53 -12.24
C GLN A 589 -0.44 26.21 -13.70
N THR A 590 -0.73 24.96 -14.09
CA THR A 590 -0.57 24.51 -15.47
C THR A 590 -1.68 25.08 -16.36
N ASP A 591 -1.43 25.05 -17.67
CA ASP A 591 -2.34 25.65 -18.63
C ASP A 591 -3.39 24.64 -19.07
N ALA A 592 -4.42 25.16 -19.75
CA ALA A 592 -5.58 24.35 -20.11
C ALA A 592 -5.36 23.58 -21.40
N THR A 593 -5.23 24.33 -22.52
CA THR A 593 -5.27 23.95 -23.96
C THR A 593 -6.52 23.11 -24.25
N ASN A 594 -6.38 21.88 -24.73
CA ASN A 594 -7.52 21.09 -25.17
C ASN A 594 -8.19 20.39 -23.99
N PRO A 595 -9.52 20.41 -23.88
CA PRO A 595 -10.22 19.47 -23.00
C PRO A 595 -10.25 18.06 -23.58
N SER A 596 -10.57 17.10 -22.72
CA SER A 596 -10.57 15.69 -23.04
C SER A 596 -11.94 15.25 -23.56
N VAL A 597 -12.12 13.95 -23.74
CA VAL A 597 -13.41 13.38 -24.14
C VAL A 597 -14.34 13.36 -22.94
N PRO A 598 -15.57 13.91 -23.01
CA PRO A 598 -16.53 13.76 -21.90
C PRO A 598 -17.13 12.36 -21.86
N LEU A 599 -17.35 11.88 -20.65
CA LEU A 599 -17.45 10.45 -20.40
C LEU A 599 -18.87 9.95 -20.61
N ASP A 600 -18.97 8.69 -21.10
CA ASP A 600 -20.11 7.78 -21.22
C ASP A 600 -21.36 8.30 -21.94
N PRO A 601 -21.38 8.37 -23.29
CA PRO A 601 -22.63 8.72 -23.99
C PRO A 601 -23.59 7.54 -24.01
N ILE A 602 -24.69 7.65 -23.27
CA ILE A 602 -25.75 6.66 -23.24
C ILE A 602 -27.08 7.36 -23.48
N SER A 603 -28.04 6.60 -24.01
CA SER A 603 -29.27 7.21 -24.53
C SER A 603 -30.44 6.24 -24.40
N VAL A 604 -31.50 6.69 -23.74
CA VAL A 604 -32.76 5.96 -23.61
C VAL A 604 -33.84 6.82 -24.28
N SER A 605 -34.59 6.24 -25.21
CA SER A 605 -35.63 6.95 -25.95
C SER A 605 -36.87 7.16 -25.09
N ASN A 606 -37.25 8.43 -24.87
CA ASN A 606 -38.48 8.74 -24.15
C ASN A 606 -39.67 8.83 -25.09
N SER A 607 -39.62 9.74 -26.05
CA SER A 607 -40.70 9.93 -27.02
C SER A 607 -40.16 9.71 -28.43
N SER A 608 -41.05 9.79 -29.41
CA SER A 608 -40.67 9.51 -30.79
C SER A 608 -40.01 10.69 -31.47
N SER A 609 -40.18 11.90 -30.93
CA SER A 609 -39.47 13.08 -31.41
C SER A 609 -38.44 13.60 -30.42
N GLN A 610 -38.35 12.99 -29.23
CA GLN A 610 -37.47 13.46 -28.16
C GLN A 610 -36.45 12.39 -27.81
N ILE A 611 -35.17 12.75 -27.87
CA ILE A 611 -34.09 11.92 -27.34
C ILE A 611 -33.39 12.71 -26.26
N ILE A 612 -33.37 12.18 -25.05
CA ILE A 612 -32.46 12.69 -24.04
C ILE A 612 -31.04 12.16 -24.30
N LEU A 613 -30.10 13.08 -24.36
CA LEU A 613 -28.69 12.76 -24.39
C LEU A 613 -28.15 13.01 -23.00
N LYS A 614 -27.48 12.03 -22.42
CA LYS A 614 -26.86 12.21 -21.13
C LYS A 614 -25.40 11.78 -21.19
N TRP A 615 -24.58 12.48 -20.41
CA TRP A 615 -23.14 12.28 -20.39
C TRP A 615 -22.62 12.67 -19.02
N LYS A 616 -21.32 12.64 -18.88
CA LYS A 616 -20.62 12.98 -17.68
C LYS A 616 -19.55 14.02 -18.05
N PRO A 617 -19.04 14.84 -17.11
CA PRO A 617 -17.91 15.75 -17.42
C PRO A 617 -16.59 15.00 -17.66
N PRO A 618 -15.65 15.58 -18.45
CA PRO A 618 -14.38 14.89 -18.71
C PRO A 618 -13.39 14.95 -17.56
N SER A 619 -12.41 14.05 -17.64
CA SER A 619 -11.40 13.88 -16.61
C SER A 619 -10.37 15.00 -16.60
N ASP A 620 -10.14 15.63 -17.74
CA ASP A 620 -9.41 16.89 -17.77
C ASP A 620 -10.42 17.98 -18.13
N PRO A 621 -10.95 18.75 -17.11
CA PRO A 621 -11.95 19.79 -17.44
C PRO A 621 -11.34 21.04 -18.04
N ASN A 622 -10.12 21.35 -17.59
CA ASN A 622 -9.14 22.33 -18.09
C ASN A 622 -9.69 23.77 -18.02
N GLY A 623 -9.90 24.20 -16.79
CA GLY A 623 -10.48 25.50 -16.55
C GLY A 623 -11.96 25.41 -16.30
N ASN A 624 -12.56 26.59 -16.16
CA ASN A 624 -14.01 26.70 -16.12
C ASN A 624 -14.54 26.53 -17.53
N ILE A 625 -15.37 25.52 -17.72
CA ILE A 625 -15.87 25.14 -19.03
C ILE A 625 -17.02 26.07 -19.38
N THR A 626 -17.01 26.62 -20.61
CA THR A 626 -18.09 27.48 -21.08
C THR A 626 -19.36 26.68 -21.38
N HIS A 627 -19.29 25.72 -22.30
CA HIS A 627 -20.46 24.95 -22.68
C HIS A 627 -20.06 23.54 -23.13
N TYR A 628 -21.06 22.71 -23.33
CA TYR A 628 -20.93 21.45 -24.04
C TYR A 628 -21.50 21.66 -25.44
N LEU A 629 -20.80 21.18 -26.45
CA LEU A 629 -21.21 21.41 -27.83
C LEU A 629 -21.61 20.08 -28.46
N VAL A 630 -22.87 19.98 -28.85
CA VAL A 630 -23.38 18.77 -29.45
C VAL A 630 -23.71 19.03 -30.91
N PHE A 631 -23.58 17.99 -31.71
CA PHE A 631 -23.96 17.99 -33.12
C PHE A 631 -24.72 16.70 -33.38
N TRP A 632 -25.92 16.81 -33.96
CA TRP A 632 -26.69 15.63 -34.30
C TRP A 632 -26.97 15.60 -35.79
N GLU A 633 -26.79 14.42 -36.38
CA GLU A 633 -27.00 14.18 -37.81
C GLU A 633 -28.03 13.08 -37.97
N ARG A 634 -29.04 13.33 -38.81
CA ARG A 634 -29.96 12.28 -39.23
C ARG A 634 -29.25 11.36 -40.23
N GLN A 635 -29.41 10.06 -40.04
CA GLN A 635 -28.76 9.09 -40.91
C GLN A 635 -29.74 8.55 -41.94
N ALA A 636 -29.22 8.29 -43.14
CA ALA A 636 -29.97 7.56 -44.14
C ALA A 636 -29.94 6.07 -43.84
N GLU A 637 -30.88 5.34 -44.46
CA GLU A 637 -31.05 3.92 -44.17
C GLU A 637 -30.05 3.08 -44.95
N ASP A 638 -30.04 1.79 -44.64
CA ASP A 638 -29.17 0.83 -45.33
C ASP A 638 -29.79 0.47 -46.66
N SER A 639 -29.01 0.56 -47.74
CA SER A 639 -29.50 0.35 -49.09
C SER A 639 -29.49 -1.11 -49.51
N GLU A 640 -28.87 -1.99 -48.73
CA GLU A 640 -28.93 -3.42 -48.98
C GLU A 640 -30.28 -3.99 -48.58
N LEU A 641 -30.91 -3.40 -47.56
CA LEU A 641 -32.14 -3.91 -46.97
C LEU A 641 -33.42 -3.37 -47.60
N PHE A 642 -33.33 -2.66 -48.73
CA PHE A 642 -34.51 -2.46 -49.57
C PHE A 642 -34.92 -3.75 -50.28
N GLU A 643 -33.96 -4.61 -50.65
CA GLU A 643 -34.26 -5.75 -51.49
C GLU A 643 -33.83 -7.08 -50.87
N LEU A 644 -34.15 -7.30 -49.60
CA LEU A 644 -33.96 -8.60 -48.96
C LEU A 644 -35.31 -9.28 -48.80
N ASP A 645 -35.51 -10.37 -49.54
CA ASP A 645 -36.76 -11.11 -49.48
C ASP A 645 -36.71 -12.04 -48.28
N TYR A 646 -37.50 -11.73 -47.25
CA TYR A 646 -37.63 -12.62 -46.10
C TYR A 646 -38.93 -13.42 -46.17
N CYS A 647 -39.52 -13.54 -47.35
CA CYS A 647 -40.40 -14.68 -47.62
C CYS A 647 -39.59 -15.94 -47.87
N LEU A 648 -38.38 -15.80 -48.41
CA LEU A 648 -37.36 -16.83 -48.31
C LEU A 648 -36.94 -16.96 -46.86
N LYS A 649 -36.76 -18.20 -46.41
CA LYS A 649 -36.58 -18.52 -45.00
C LYS A 649 -35.14 -18.27 -44.57
N GLY A 650 -34.99 -17.85 -43.32
CA GLY A 650 -33.84 -17.06 -42.94
C GLY A 650 -34.31 -15.62 -42.81
N LEU A 651 -35.44 -15.46 -42.11
CA LEU A 651 -36.25 -14.26 -42.10
C LEU A 651 -35.98 -13.36 -40.88
N LYS A 652 -34.77 -13.41 -40.34
CA LYS A 652 -34.42 -12.76 -39.08
C LYS A 652 -34.11 -11.27 -39.30
N LEU A 653 -34.83 -10.42 -38.57
CA LEU A 653 -34.72 -8.97 -38.42
C LEU A 653 -33.85 -8.63 -37.21
N PRO A 654 -33.07 -7.54 -37.24
CA PRO A 654 -32.47 -7.04 -35.99
C PRO A 654 -33.50 -6.41 -35.08
N SER A 655 -33.24 -6.50 -33.78
CA SER A 655 -34.18 -6.04 -32.75
C SER A 655 -34.02 -4.53 -32.58
N ARG A 656 -34.86 -3.77 -33.28
CA ARG A 656 -34.80 -2.31 -33.26
C ARG A 656 -35.97 -1.73 -32.47
N GLN A 691 20.96 4.73 3.98
CA GLN A 691 20.19 4.75 2.74
C GLN A 691 20.60 5.95 1.90
N ILE A 692 20.55 7.13 2.50
CA ILE A 692 21.08 8.34 1.86
C ILE A 692 22.53 8.51 2.30
N LEU A 693 22.89 7.87 3.42
CA LEU A 693 24.21 7.99 4.03
C LEU A 693 25.27 7.08 3.41
N LYS A 694 24.92 6.21 2.46
CA LYS A 694 25.92 5.61 1.60
C LYS A 694 26.51 6.64 0.65
N GLU A 695 25.65 7.34 -0.11
CA GLU A 695 26.14 8.25 -1.13
C GLU A 695 26.41 9.66 -0.60
N LEU A 696 26.06 9.94 0.65
CA LEU A 696 26.65 11.10 1.31
C LEU A 696 28.11 10.85 1.65
N GLU A 697 28.44 9.62 2.06
CA GLU A 697 29.79 9.26 2.46
C GLU A 697 30.70 9.03 1.25
N GLU A 698 30.10 8.48 0.19
CA GLU A 698 30.77 8.00 -1.00
C GLU A 698 31.27 9.12 -1.90
N SER A 699 30.64 10.30 -1.82
CA SER A 699 31.16 11.47 -2.53
C SER A 699 32.13 12.29 -1.70
N SER A 700 32.16 12.08 -0.39
CA SER A 700 33.18 12.70 0.44
C SER A 700 34.47 11.90 0.46
N PHE A 701 34.39 10.61 0.07
CA PHE A 701 35.56 9.77 -0.17
C PHE A 701 36.40 10.24 -1.35
N ARG A 702 35.76 10.76 -2.41
CA ARG A 702 36.51 11.35 -3.51
C ARG A 702 36.92 12.80 -3.25
N LYS A 703 36.37 13.45 -2.22
CA LYS A 703 36.97 14.67 -1.73
C LYS A 703 38.26 14.39 -0.98
N THR A 704 38.24 13.39 -0.08
CA THR A 704 39.39 13.16 0.78
C THR A 704 40.49 12.32 0.13
N PHE A 705 40.24 11.72 -1.05
CA PHE A 705 41.36 11.24 -1.85
C PHE A 705 42.13 12.42 -2.44
N GLU A 706 41.39 13.42 -2.89
CA GLU A 706 41.89 14.55 -3.66
C GLU A 706 42.63 15.54 -2.79
N ASP A 707 42.25 15.61 -1.50
CA ASP A 707 42.98 16.35 -0.47
C ASP A 707 44.32 15.71 -0.12
N TYR A 708 44.37 14.38 -0.17
CA TYR A 708 45.58 13.63 0.10
C TYR A 708 46.58 13.71 -1.04
N LEU A 709 46.08 13.74 -2.28
CA LEU A 709 46.97 13.91 -3.44
C LEU A 709 47.44 15.34 -3.60
N HIS A 710 46.63 16.31 -3.17
CA HIS A 710 47.03 17.70 -3.16
C HIS A 710 47.98 18.03 -2.03
N ASN A 711 47.94 17.27 -0.94
CA ASN A 711 48.85 17.51 0.16
C ASN A 711 50.13 16.68 0.10
N VAL A 712 50.41 15.98 -1.00
CA VAL A 712 51.72 15.38 -1.19
C VAL A 712 52.34 15.73 -2.55
N VAL A 713 51.55 16.18 -3.53
CA VAL A 713 52.12 16.76 -4.75
C VAL A 713 52.59 18.19 -4.48
N PHE A 714 51.75 18.99 -3.85
CA PHE A 714 52.03 20.41 -3.66
C PHE A 714 52.53 20.63 -2.24
N VAL A 715 53.79 21.01 -2.11
CA VAL A 715 54.38 21.25 -0.79
C VAL A 715 55.23 22.52 -0.92
N PRO A 716 55.31 23.38 0.10
CA PRO A 716 56.30 24.47 0.09
C PRO A 716 57.73 23.97 0.24
N ARG A 717 58.66 24.77 -0.26
CA ARG A 717 60.08 24.50 -0.16
C ARG A 717 60.59 24.81 1.25
N GLU A 754 -17.93 22.59 -45.06
CA GLU A 754 -18.57 22.21 -43.81
C GLU A 754 -20.01 21.75 -44.03
N GLU A 755 -20.37 20.61 -43.44
CA GLU A 755 -21.74 20.16 -43.42
C GLU A 755 -22.44 20.74 -42.20
N HIS A 756 -23.44 21.58 -42.43
CA HIS A 756 -24.15 22.25 -41.34
C HIS A 756 -25.19 21.32 -40.77
N ARG A 757 -24.87 20.68 -39.65
CA ARG A 757 -25.84 19.93 -38.88
C ARG A 757 -26.66 20.89 -38.03
N PRO A 758 -27.88 20.49 -37.62
CA PRO A 758 -28.54 21.17 -36.49
C PRO A 758 -27.81 20.87 -35.18
N PHE A 759 -27.61 21.93 -34.38
CA PHE A 759 -26.65 21.90 -33.30
C PHE A 759 -27.02 22.93 -32.26
N GLU A 760 -26.51 22.74 -31.05
CA GLU A 760 -26.90 23.58 -29.92
C GLU A 760 -25.74 23.65 -28.93
N LYS A 761 -25.63 24.81 -28.29
CA LYS A 761 -24.61 25.09 -27.28
C LYS A 761 -25.24 24.87 -25.91
N VAL A 762 -24.84 23.82 -25.21
CA VAL A 762 -25.54 23.39 -24.00
C VAL A 762 -24.92 24.18 -22.84
N VAL A 763 -25.65 25.18 -22.36
CA VAL A 763 -25.14 26.07 -21.33
C VAL A 763 -25.75 25.67 -19.99
N ASN A 764 -24.85 25.28 -19.05
CA ASN A 764 -25.08 24.91 -17.64
C ASN A 764 -26.03 23.72 -17.45
N LYS A 765 -25.99 22.77 -18.37
CA LYS A 765 -26.74 21.53 -18.25
C LYS A 765 -25.82 20.37 -18.63
N GLU A 766 -26.00 19.25 -17.96
CA GLU A 766 -25.31 18.02 -18.34
C GLU A 766 -26.22 17.09 -19.11
N SER A 767 -27.41 17.56 -19.48
CA SER A 767 -28.31 16.79 -20.33
C SER A 767 -28.96 17.72 -21.35
N LEU A 768 -29.35 17.16 -22.48
CA LEU A 768 -30.09 17.92 -23.48
C LEU A 768 -31.13 17.01 -24.13
N VAL A 769 -32.38 17.44 -24.09
CA VAL A 769 -33.43 16.83 -24.91
C VAL A 769 -33.21 17.25 -26.35
N ILE A 770 -33.07 16.28 -27.24
CA ILE A 770 -32.94 16.54 -28.67
C ILE A 770 -34.33 16.46 -29.27
N SER A 771 -34.91 17.60 -29.61
CA SER A 771 -36.27 17.66 -30.11
C SER A 771 -36.26 17.80 -31.63
N GLY A 772 -37.47 17.78 -32.20
CA GLY A 772 -37.69 18.04 -33.62
C GLY A 772 -37.31 16.91 -34.54
N LEU A 773 -37.53 15.66 -34.13
CA LEU A 773 -37.08 14.51 -34.89
C LEU A 773 -38.26 13.74 -35.45
N ARG A 774 -37.98 12.94 -36.47
CA ARG A 774 -38.97 12.04 -37.01
C ARG A 774 -39.06 10.77 -36.18
N HIS A 775 -40.10 9.99 -36.46
CA HIS A 775 -40.31 8.73 -35.76
C HIS A 775 -39.46 7.63 -36.37
N PHE A 776 -38.75 6.89 -35.50
CA PHE A 776 -37.99 5.64 -35.69
C PHE A 776 -36.85 5.75 -36.69
N THR A 777 -35.97 6.73 -36.49
CA THR A 777 -34.91 7.03 -37.44
C THR A 777 -33.59 6.87 -36.70
N GLY A 778 -32.62 6.22 -37.34
CA GLY A 778 -31.26 6.17 -36.80
C GLY A 778 -30.58 7.51 -36.94
N TYR A 779 -29.76 7.85 -35.95
CA TYR A 779 -29.16 9.16 -35.87
C TYR A 779 -27.66 9.04 -35.59
N ARG A 780 -26.91 10.06 -36.00
CA ARG A 780 -25.48 10.16 -35.77
C ARG A 780 -25.21 11.33 -34.85
N ILE A 781 -24.48 11.10 -33.76
CA ILE A 781 -24.41 12.04 -32.65
C ILE A 781 -22.93 12.32 -32.36
N GLU A 782 -22.53 13.59 -32.51
CA GLU A 782 -21.24 14.08 -32.05
C GLU A 782 -21.40 14.81 -30.72
N LEU A 783 -20.60 14.42 -29.72
CA LEU A 783 -20.58 15.08 -28.42
C LEU A 783 -19.19 15.65 -28.17
N GLN A 784 -19.13 16.94 -27.82
CA GLN A 784 -17.89 17.64 -27.51
C GLN A 784 -18.09 18.54 -26.30
N ALA A 785 -16.98 19.02 -25.73
CA ALA A 785 -16.97 20.00 -24.66
C ALA A 785 -16.03 21.13 -25.04
N CYS A 786 -16.28 22.33 -24.49
CA CYS A 786 -15.54 23.52 -24.93
C CYS A 786 -15.42 24.51 -23.79
N ASN A 787 -14.18 24.80 -23.38
CA ASN A 787 -13.93 25.79 -22.35
C ASN A 787 -13.57 27.17 -22.89
N GLN A 788 -13.40 27.29 -24.20
CA GLN A 788 -13.04 28.55 -24.85
C GLN A 788 -13.56 28.53 -26.27
N ASP A 789 -14.58 29.35 -26.56
CA ASP A 789 -15.26 29.31 -27.84
C ASP A 789 -15.15 30.61 -28.60
N THR A 790 -15.45 31.75 -27.98
CA THR A 790 -15.38 33.06 -28.62
C THR A 790 -13.91 33.54 -28.80
N PRO A 791 -12.91 33.55 -27.74
CA PRO A 791 -11.50 33.79 -28.20
C PRO A 791 -10.87 32.47 -28.67
N GLU A 792 -11.11 32.17 -29.96
CA GLU A 792 -10.82 31.03 -30.84
C GLU A 792 -11.33 29.65 -30.36
N GLU A 793 -11.03 28.61 -31.12
CA GLU A 793 -11.76 27.34 -30.99
C GLU A 793 -10.88 26.36 -30.20
N ARG A 794 -11.01 26.40 -28.88
CA ARG A 794 -10.52 25.32 -28.02
C ARG A 794 -11.66 24.43 -27.55
N CYS A 795 -12.31 23.75 -28.48
CA CYS A 795 -13.27 22.71 -28.14
C CYS A 795 -12.57 21.37 -28.30
N SER A 796 -13.19 20.33 -27.78
CA SER A 796 -12.51 19.05 -27.65
C SER A 796 -12.72 18.19 -28.89
N VAL A 797 -12.22 16.97 -28.84
CA VAL A 797 -12.34 15.97 -29.89
C VAL A 797 -13.65 15.22 -29.60
N ALA A 798 -14.18 14.50 -30.58
CA ALA A 798 -15.56 14.02 -30.59
C ALA A 798 -15.77 12.78 -29.72
N ALA A 799 -16.96 12.67 -29.14
CA ALA A 799 -17.44 11.45 -28.53
C ALA A 799 -18.54 10.87 -29.40
N TYR A 800 -18.46 9.58 -29.67
CA TYR A 800 -19.25 8.94 -30.72
C TYR A 800 -20.31 8.02 -30.12
N VAL A 801 -21.58 8.26 -30.46
CA VAL A 801 -22.68 7.35 -30.17
C VAL A 801 -23.69 7.49 -31.32
N SER A 802 -24.52 6.45 -31.48
CA SER A 802 -25.67 6.45 -32.38
C SER A 802 -26.91 6.03 -31.61
N ALA A 803 -28.08 6.51 -32.05
CA ALA A 803 -29.31 6.27 -31.32
C ALA A 803 -30.50 6.18 -32.27
N ARG A 804 -31.68 5.96 -31.69
CA ARG A 804 -32.92 5.58 -32.37
C ARG A 804 -34.06 5.83 -31.39
N THR A 805 -35.16 6.45 -31.87
CA THR A 805 -36.29 6.79 -31.01
C THR A 805 -37.20 5.58 -30.79
N MET A 806 -38.20 5.74 -29.89
CA MET A 806 -39.21 4.70 -29.70
C MET A 806 -40.22 4.83 -30.84
N PRO A 807 -40.85 3.73 -31.32
CA PRO A 807 -41.78 3.83 -32.45
C PRO A 807 -43.15 4.38 -32.06
N GLU A 808 -43.90 4.75 -33.10
CA GLU A 808 -45.27 5.20 -32.95
C GLU A 808 -46.22 4.01 -32.92
N ALA A 809 -47.47 4.28 -32.58
CA ALA A 809 -48.49 3.24 -32.52
C ALA A 809 -49.14 3.04 -33.89
N LYS A 810 -49.73 4.09 -34.45
CA LYS A 810 -50.53 3.99 -35.66
C LYS A 810 -49.75 4.26 -36.94
N ALA A 811 -48.42 4.39 -36.84
CA ALA A 811 -47.59 4.39 -38.05
C ALA A 811 -47.45 2.98 -38.61
N ASP A 812 -47.48 1.96 -37.75
CA ASP A 812 -47.49 0.57 -38.19
C ASP A 812 -48.90 0.02 -38.36
N ASP A 813 -49.93 0.73 -37.93
CA ASP A 813 -51.31 0.26 -38.11
C ASP A 813 -51.82 0.64 -39.50
N ILE A 814 -52.54 -0.28 -40.12
CA ILE A 814 -52.93 -0.13 -41.52
C ILE A 814 -54.19 0.73 -41.61
N VAL A 815 -54.08 1.85 -42.30
CA VAL A 815 -55.23 2.67 -42.66
C VAL A 815 -55.50 2.41 -44.14
N GLY A 816 -56.76 2.56 -44.54
CA GLY A 816 -57.11 2.48 -45.94
C GLY A 816 -58.02 1.30 -46.29
N PRO A 817 -58.54 1.24 -47.53
CA PRO A 817 -59.54 0.21 -47.85
C PRO A 817 -58.92 -1.13 -48.22
N VAL A 818 -59.79 -2.14 -48.21
CA VAL A 818 -59.47 -3.48 -48.72
C VAL A 818 -60.34 -3.70 -49.95
N THR A 819 -59.71 -3.77 -51.12
CA THR A 819 -60.44 -3.82 -52.38
C THR A 819 -59.95 -5.00 -53.21
N HIS A 820 -60.87 -5.91 -53.54
CA HIS A 820 -60.56 -7.05 -54.36
C HIS A 820 -60.94 -6.81 -55.82
N GLU A 821 -60.40 -7.65 -56.69
CA GLU A 821 -60.82 -7.72 -58.08
C GLU A 821 -61.28 -9.13 -58.39
N ILE A 822 -62.27 -9.24 -59.27
CA ILE A 822 -62.74 -10.52 -59.79
C ILE A 822 -62.39 -10.55 -61.27
N PHE A 823 -61.52 -11.48 -61.67
CA PHE A 823 -61.10 -11.59 -63.05
C PHE A 823 -61.93 -12.68 -63.73
N GLU A 824 -61.58 -12.94 -64.99
CA GLU A 824 -62.35 -13.88 -65.80
C GLU A 824 -61.98 -15.34 -65.50
N ASN A 825 -60.74 -15.60 -65.10
CA ASN A 825 -60.24 -16.97 -64.93
C ASN A 825 -59.97 -17.34 -63.47
N ASN A 826 -60.83 -16.81 -62.56
CA ASN A 826 -61.00 -17.10 -61.11
C ASN A 826 -59.70 -16.69 -60.37
N VAL A 827 -59.24 -15.47 -60.67
CA VAL A 827 -58.00 -14.92 -60.16
C VAL A 827 -58.36 -13.66 -59.36
N VAL A 828 -58.02 -13.64 -58.08
CA VAL A 828 -58.34 -12.50 -57.21
C VAL A 828 -57.13 -11.61 -57.06
N HIS A 829 -57.27 -10.34 -57.43
CA HIS A 829 -56.22 -9.35 -57.24
C HIS A 829 -56.67 -8.37 -56.17
N LEU A 830 -55.82 -8.16 -55.16
CA LEU A 830 -56.15 -7.29 -54.05
C LEU A 830 -55.20 -6.10 -54.06
N MET A 831 -55.75 -4.89 -54.06
CA MET A 831 -54.98 -3.70 -53.74
C MET A 831 -55.56 -3.03 -52.51
N TRP A 832 -54.76 -2.12 -51.95
CA TRP A 832 -55.08 -1.47 -50.69
C TRP A 832 -54.45 -0.09 -50.71
N GLN A 833 -54.36 0.51 -49.52
CA GLN A 833 -53.62 1.74 -49.31
C GLN A 833 -52.47 1.42 -48.36
N GLU A 834 -51.25 1.59 -48.84
CA GLU A 834 -50.08 1.42 -48.01
C GLU A 834 -49.90 2.63 -47.07
N PRO A 835 -49.43 2.42 -45.83
CA PRO A 835 -49.01 3.56 -44.99
C PRO A 835 -47.70 4.14 -45.48
N LYS A 836 -47.76 5.41 -45.91
CA LYS A 836 -46.62 6.09 -46.52
C LYS A 836 -45.60 6.53 -45.50
N GLU A 837 -46.03 6.76 -44.26
CA GLU A 837 -45.09 6.83 -43.14
C GLU A 837 -45.26 5.60 -42.27
N PRO A 838 -44.38 4.58 -42.39
CA PRO A 838 -44.27 3.59 -41.32
C PRO A 838 -43.26 4.01 -40.28
N ASN A 839 -43.03 3.15 -39.29
CA ASN A 839 -41.98 3.41 -38.29
C ASN A 839 -40.65 3.01 -38.91
N GLY A 840 -39.95 4.01 -39.44
CA GLY A 840 -38.71 3.85 -40.17
C GLY A 840 -38.92 3.51 -41.62
N LEU A 841 -39.19 2.23 -41.90
CA LEU A 841 -39.46 1.72 -43.24
C LEU A 841 -40.29 0.46 -43.10
N ILE A 842 -41.06 0.15 -44.14
CA ILE A 842 -41.88 -1.05 -44.15
C ILE A 842 -41.02 -2.20 -44.71
N VAL A 843 -41.24 -3.43 -44.20
CA VAL A 843 -40.55 -4.61 -44.74
C VAL A 843 -41.49 -5.61 -45.41
N LEU A 844 -42.58 -6.05 -44.76
CA LEU A 844 -43.28 -7.25 -45.21
C LEU A 844 -44.75 -7.17 -44.83
N TYR A 845 -45.56 -7.86 -45.62
CA TYR A 845 -47.01 -7.97 -45.51
C TYR A 845 -47.43 -9.42 -45.38
N GLU A 846 -48.47 -9.65 -44.60
CA GLU A 846 -49.01 -11.00 -44.42
C GLU A 846 -50.53 -10.97 -44.57
N VAL A 847 -51.07 -11.99 -45.23
CA VAL A 847 -52.51 -12.08 -45.51
C VAL A 847 -53.03 -13.34 -44.85
N SER A 848 -53.98 -13.19 -43.93
CA SER A 848 -54.71 -14.32 -43.38
C SER A 848 -56.10 -14.36 -44.00
N TYR A 849 -56.46 -15.50 -44.58
CA TYR A 849 -57.67 -15.62 -45.38
C TYR A 849 -58.40 -16.90 -45.01
N ARG A 850 -59.72 -16.82 -44.89
CA ARG A 850 -60.54 -17.92 -44.39
C ARG A 850 -61.91 -17.86 -45.04
N ARG A 851 -62.34 -18.99 -45.62
CA ARG A 851 -63.66 -19.15 -46.22
C ARG A 851 -64.73 -19.38 -45.15
N TYR A 852 -65.99 -19.35 -45.58
CA TYR A 852 -67.17 -19.51 -44.74
C TYR A 852 -67.34 -20.98 -44.37
N GLY A 853 -66.64 -21.39 -43.31
CA GLY A 853 -66.64 -22.78 -42.90
C GLY A 853 -65.26 -23.41 -42.85
N ASP A 854 -64.31 -22.84 -43.59
CA ASP A 854 -62.96 -23.41 -43.66
C ASP A 854 -62.06 -22.78 -42.60
N GLU A 855 -60.75 -23.00 -42.73
CA GLU A 855 -59.76 -22.53 -41.78
C GLU A 855 -58.93 -21.40 -42.38
N GLU A 856 -58.06 -20.84 -41.54
CA GLU A 856 -57.27 -19.67 -41.92
C GLU A 856 -55.91 -20.12 -42.48
N LEU A 857 -55.61 -19.66 -43.69
CA LEU A 857 -54.34 -19.96 -44.36
C LEU A 857 -53.46 -18.71 -44.37
N HIS A 858 -52.21 -18.89 -44.79
CA HIS A 858 -51.20 -17.85 -44.72
C HIS A 858 -50.63 -17.53 -46.09
N LEU A 859 -50.15 -16.31 -46.25
CA LEU A 859 -49.47 -15.85 -47.47
C LEU A 859 -48.47 -14.77 -47.12
N CYS A 860 -47.26 -14.89 -47.66
CA CYS A 860 -46.20 -13.90 -47.47
C CYS A 860 -46.15 -12.99 -48.68
N VAL A 861 -46.32 -11.68 -48.46
CA VAL A 861 -46.21 -10.68 -49.51
C VAL A 861 -45.03 -9.78 -49.17
N SER A 862 -44.03 -9.75 -50.05
CA SER A 862 -42.89 -8.88 -49.88
C SER A 862 -43.14 -7.54 -50.55
N ARG A 863 -42.12 -6.68 -50.51
CA ARG A 863 -42.19 -5.37 -51.17
C ARG A 863 -42.02 -5.48 -52.67
N LYS A 864 -41.25 -6.47 -53.13
CA LYS A 864 -41.13 -6.74 -54.55
C LYS A 864 -42.36 -7.47 -55.08
N HIS A 865 -43.02 -8.26 -54.22
CA HIS A 865 -44.32 -8.86 -54.52
C HIS A 865 -45.44 -7.82 -54.52
N PHE A 866 -45.30 -6.76 -53.71
CA PHE A 866 -46.19 -5.60 -53.77
C PHE A 866 -45.98 -4.81 -55.06
N ALA A 867 -44.72 -4.52 -55.38
CA ALA A 867 -44.38 -3.64 -56.51
C ALA A 867 -44.48 -4.32 -57.87
N LEU A 868 -44.47 -5.65 -57.90
CA LEU A 868 -44.67 -6.37 -59.15
C LEU A 868 -46.16 -6.56 -59.44
N GLU A 869 -46.95 -6.85 -58.42
CA GLU A 869 -48.35 -7.19 -58.60
C GLU A 869 -49.32 -6.08 -58.23
N ARG A 870 -48.80 -4.85 -58.00
CA ARG A 870 -49.46 -3.57 -57.60
C ARG A 870 -50.38 -3.68 -56.36
N GLY A 871 -49.90 -4.47 -55.39
CA GLY A 871 -50.76 -5.14 -54.44
C GLY A 871 -50.41 -6.63 -54.40
N CYS A 872 -51.42 -7.45 -54.19
CA CYS A 872 -51.22 -8.89 -54.23
C CYS A 872 -52.24 -9.54 -55.15
N ARG A 873 -51.84 -10.68 -55.72
CA ARG A 873 -52.65 -11.44 -56.65
C ARG A 873 -52.73 -12.87 -56.16
N LEU A 874 -53.94 -13.42 -56.10
CA LEU A 874 -54.18 -14.76 -55.59
C LEU A 874 -54.74 -15.63 -56.70
N ARG A 875 -54.31 -16.89 -56.75
CA ARG A 875 -54.73 -17.83 -57.78
C ARG A 875 -55.10 -19.15 -57.14
N GLY A 876 -56.05 -19.84 -57.75
CA GLY A 876 -56.42 -21.19 -57.35
C GLY A 876 -57.23 -21.31 -56.09
N LEU A 877 -58.47 -20.81 -56.11
CA LEU A 877 -59.29 -20.69 -54.92
C LEU A 877 -60.47 -21.66 -54.98
N SER A 878 -60.80 -22.22 -53.82
CA SER A 878 -62.02 -23.00 -53.68
C SER A 878 -63.23 -22.05 -53.68
N PRO A 879 -64.39 -22.45 -54.25
CA PRO A 879 -65.53 -21.53 -54.33
C PRO A 879 -66.31 -21.43 -53.02
N GLY A 880 -66.57 -20.19 -52.62
CA GLY A 880 -67.25 -19.94 -51.35
C GLY A 880 -67.23 -18.47 -51.00
N ASN A 881 -67.38 -18.19 -49.71
CA ASN A 881 -67.43 -16.82 -49.20
C ASN A 881 -66.21 -16.60 -48.32
N TYR A 882 -65.14 -16.08 -48.92
CA TYR A 882 -63.91 -15.81 -48.20
C TYR A 882 -64.01 -14.51 -47.40
N SER A 883 -63.13 -14.41 -46.39
CA SER A 883 -62.90 -13.16 -45.68
C SER A 883 -61.39 -13.01 -45.51
N VAL A 884 -60.86 -11.85 -45.90
CA VAL A 884 -59.43 -11.61 -45.90
C VAL A 884 -59.07 -10.63 -44.78
N ARG A 885 -57.95 -10.89 -44.11
CA ARG A 885 -57.47 -10.01 -43.04
C ARG A 885 -55.97 -9.85 -43.22
N ILE A 886 -55.47 -8.64 -43.05
CA ILE A 886 -54.09 -8.30 -43.38
C ILE A 886 -53.43 -7.71 -42.15
N ARG A 887 -52.39 -8.36 -41.63
CA ARG A 887 -51.46 -7.76 -40.68
C ARG A 887 -50.21 -7.33 -41.43
N ALA A 888 -49.37 -6.51 -40.80
CA ALA A 888 -48.16 -6.03 -41.45
C ALA A 888 -47.02 -5.86 -40.45
N THR A 889 -45.80 -6.06 -40.93
CA THR A 889 -44.60 -5.96 -40.12
C THR A 889 -43.68 -4.85 -40.62
N SER A 890 -43.01 -4.20 -39.68
CA SER A 890 -42.05 -3.15 -39.97
C SER A 890 -40.72 -3.49 -39.34
N LEU A 891 -39.81 -2.51 -39.23
CA LEU A 891 -38.57 -2.67 -38.48
C LEU A 891 -38.80 -2.75 -36.98
N ALA A 892 -39.82 -2.06 -36.47
CA ALA A 892 -40.14 -2.10 -35.05
C ALA A 892 -40.85 -3.38 -34.67
N GLY A 893 -41.96 -3.70 -35.33
CA GLY A 893 -42.77 -4.83 -34.91
C GLY A 893 -43.97 -5.02 -35.79
N ASN A 894 -45.01 -5.58 -35.19
CA ASN A 894 -46.15 -6.16 -35.91
C ASN A 894 -47.39 -5.31 -35.68
N GLY A 895 -47.61 -4.34 -36.56
CA GLY A 895 -48.80 -3.50 -36.48
C GLY A 895 -50.02 -4.23 -37.04
N SER A 896 -51.16 -4.00 -36.40
CA SER A 896 -52.24 -4.98 -36.30
C SER A 896 -53.16 -5.03 -37.53
N TRP A 897 -54.29 -5.70 -37.36
CA TRP A 897 -55.07 -6.29 -38.44
C TRP A 897 -55.95 -5.30 -39.19
N THR A 898 -56.54 -5.81 -40.26
CA THR A 898 -57.59 -5.13 -41.01
C THR A 898 -58.92 -5.80 -40.72
N GLU A 899 -59.97 -5.26 -41.34
CA GLU A 899 -61.34 -5.76 -41.21
C GLU A 899 -61.52 -7.04 -42.04
N PRO A 900 -62.43 -7.95 -41.63
CA PRO A 900 -62.81 -9.06 -42.53
C PRO A 900 -63.69 -8.57 -43.67
N THR A 901 -63.20 -8.73 -44.90
CA THR A 901 -63.90 -8.28 -46.10
C THR A 901 -64.56 -9.48 -46.76
N TYR A 902 -65.88 -9.57 -46.64
CA TYR A 902 -66.64 -10.69 -47.18
C TYR A 902 -66.84 -10.54 -48.69
N PHE A 903 -66.47 -11.57 -49.44
CA PHE A 903 -66.64 -11.58 -50.89
C PHE A 903 -66.91 -13.01 -51.34
N TYR A 904 -67.87 -13.16 -52.26
CA TYR A 904 -68.23 -14.46 -52.81
C TYR A 904 -67.43 -14.69 -54.08
N VAL A 905 -66.49 -15.62 -54.02
CA VAL A 905 -65.70 -15.98 -55.19
C VAL A 905 -66.53 -16.97 -56.01
N THR A 906 -66.31 -17.00 -57.33
CA THR A 906 -67.18 -17.65 -58.30
C THR A 906 -67.01 -19.17 -58.30
N ASP A 907 -68.05 -19.85 -58.80
CA ASP A 907 -68.18 -21.30 -58.76
C ASP A 907 -68.10 -21.93 -60.15
N TYR A 908 -68.67 -21.24 -61.15
CA TYR A 908 -68.87 -21.63 -62.57
C TYR A 908 -69.60 -22.97 -62.74
N LEU A 909 -70.62 -23.19 -61.91
CA LEU A 909 -71.44 -24.40 -61.99
C LEU A 909 -72.92 -24.09 -62.20
N ASP A 910 -73.48 -23.17 -61.42
CA ASP A 910 -74.89 -22.85 -61.50
C ASP A 910 -75.14 -21.58 -62.30
N HIS B 1 66.93 -16.42 -19.03
CA HIS B 1 67.34 -15.14 -19.57
C HIS B 1 68.32 -14.40 -18.69
N LEU B 2 68.74 -13.24 -19.17
CA LEU B 2 69.53 -12.29 -18.39
C LEU B 2 68.73 -11.00 -18.21
N TYR B 3 69.22 -10.13 -17.33
CA TYR B 3 68.58 -8.86 -17.01
C TYR B 3 69.54 -7.75 -17.40
N PRO B 4 69.43 -7.16 -18.64
CA PRO B 4 70.24 -5.96 -18.94
C PRO B 4 69.67 -4.72 -18.28
N GLY B 5 70.40 -4.17 -17.33
CA GLY B 5 70.03 -2.91 -16.71
C GLY B 5 70.44 -2.84 -15.26
N GLU B 6 70.59 -1.61 -14.77
CA GLU B 6 71.06 -1.34 -13.43
C GLU B 6 69.88 -1.20 -12.47
N VAL B 7 70.15 -0.66 -11.28
CA VAL B 7 69.18 -0.75 -10.18
C VAL B 7 68.07 0.30 -10.22
N CYS B 8 68.37 1.57 -10.66
CA CYS B 8 67.52 2.72 -10.99
C CYS B 8 66.53 3.17 -9.89
N PRO B 9 66.95 3.95 -8.88
CA PRO B 9 66.02 4.37 -7.82
C PRO B 9 65.06 5.46 -8.25
N GLY B 10 64.10 5.75 -7.37
CA GLY B 10 62.79 6.27 -7.77
C GLY B 10 62.74 7.75 -8.08
N MET B 11 62.17 8.08 -9.24
CA MET B 11 62.27 9.39 -9.83
C MET B 11 60.94 10.13 -9.81
N ASP B 12 61.03 11.45 -9.64
CA ASP B 12 59.90 12.35 -9.80
C ASP B 12 60.22 13.27 -10.97
N ILE B 13 59.39 13.27 -12.00
CA ILE B 13 59.61 14.09 -13.18
C ILE B 13 58.55 15.19 -13.24
N ARG B 14 59.01 16.43 -13.50
CA ARG B 14 58.21 17.66 -13.41
C ARG B 14 58.54 18.57 -14.59
N ASN B 15 57.52 19.29 -15.05
CA ASN B 15 57.36 20.39 -16.02
C ASN B 15 57.62 20.11 -17.51
N ASN B 16 58.34 19.05 -17.86
CA ASN B 16 58.84 18.76 -19.21
C ASN B 16 59.27 17.30 -19.32
N LEU B 17 59.49 16.84 -20.55
CA LEU B 17 59.96 15.49 -20.81
C LEU B 17 61.48 15.38 -20.92
N THR B 18 62.22 16.41 -20.52
CA THR B 18 63.68 16.40 -20.61
C THR B 18 64.34 15.61 -19.48
N ARG B 19 63.62 15.35 -18.39
CA ARG B 19 64.14 14.56 -17.28
C ARG B 19 63.74 13.09 -17.36
N LEU B 20 63.17 12.65 -18.48
CA LEU B 20 62.85 11.26 -18.74
C LEU B 20 63.99 10.53 -19.46
N HIS B 21 65.08 11.24 -19.77
CA HIS B 21 66.26 10.68 -20.43
C HIS B 21 67.19 9.92 -19.48
N GLU B 22 67.00 10.03 -18.16
CA GLU B 22 67.78 9.30 -17.17
C GLU B 22 67.18 7.94 -16.78
N LEU B 23 66.13 7.51 -17.48
CA LEU B 23 65.50 6.20 -17.29
C LEU B 23 65.80 5.33 -18.50
N GLU B 24 66.98 5.53 -19.08
CA GLU B 24 67.38 4.99 -20.38
C GLU B 24 67.79 3.52 -20.30
N ASN B 25 68.74 3.21 -19.43
CA ASN B 25 69.31 1.86 -19.35
C ASN B 25 68.76 1.11 -18.15
N CYS B 26 67.47 1.27 -17.87
CA CYS B 26 66.87 0.78 -16.64
C CYS B 26 66.11 -0.52 -16.89
N SER B 27 66.20 -1.43 -15.94
CA SER B 27 65.44 -2.68 -15.94
C SER B 27 64.53 -2.81 -14.74
N VAL B 28 65.09 -2.67 -13.55
CA VAL B 28 64.35 -2.78 -12.32
C VAL B 28 64.25 -1.37 -11.73
N ILE B 29 63.24 -1.14 -10.89
CA ILE B 29 63.14 0.09 -10.09
C ILE B 29 62.85 -0.35 -8.66
N GLU B 30 63.77 -0.07 -7.75
CA GLU B 30 63.50 -0.22 -6.32
C GLU B 30 63.00 1.13 -5.82
N GLY B 31 61.71 1.37 -6.04
CA GLY B 31 61.11 2.63 -5.66
C GLY B 31 59.79 2.80 -6.39
N HIS B 32 59.34 4.05 -6.43
CA HIS B 32 58.12 4.40 -7.14
C HIS B 32 58.45 5.52 -8.11
N LEU B 33 57.79 5.52 -9.25
CA LEU B 33 58.04 6.47 -10.32
C LEU B 33 56.83 7.36 -10.49
N GLN B 34 57.03 8.66 -10.41
CA GLN B 34 55.95 9.63 -10.48
C GLN B 34 56.09 10.49 -11.72
N ILE B 35 55.08 10.49 -12.58
CA ILE B 35 54.95 11.41 -13.70
C ILE B 35 53.84 12.39 -13.33
N LEU B 36 54.22 13.60 -12.94
CA LEU B 36 53.24 14.60 -12.54
C LEU B 36 53.49 15.93 -13.22
N LEU B 37 52.37 16.56 -13.62
CA LEU B 37 52.18 17.96 -14.07
C LEU B 37 52.96 18.29 -15.34
N MET B 38 52.55 17.68 -16.45
CA MET B 38 53.15 17.97 -17.75
C MET B 38 52.18 18.89 -18.49
N PHE B 39 52.65 20.06 -18.91
CA PHE B 39 51.78 21.05 -19.57
C PHE B 39 52.07 21.31 -21.04
N LYS B 40 53.28 21.74 -21.41
CA LYS B 40 53.53 22.21 -22.79
C LYS B 40 54.07 21.08 -23.64
N THR B 41 53.19 20.12 -23.93
CA THR B 41 53.52 18.88 -24.60
C THR B 41 52.52 18.63 -25.71
N ARG B 42 52.94 17.82 -26.67
CA ARG B 42 52.16 17.49 -27.84
C ARG B 42 51.94 15.98 -27.90
N PRO B 43 50.98 15.51 -28.69
CA PRO B 43 50.97 14.08 -29.07
C PRO B 43 52.09 13.60 -29.99
N GLU B 44 52.81 14.47 -30.71
CA GLU B 44 54.03 14.10 -31.43
C GLU B 44 55.27 13.95 -30.56
N ASP B 45 55.24 14.40 -29.29
CA ASP B 45 56.36 14.26 -28.37
C ASP B 45 56.44 12.89 -27.71
N PHE B 46 55.42 12.03 -27.85
CA PHE B 46 55.39 10.77 -27.14
C PHE B 46 55.64 9.55 -28.01
N ARG B 47 55.52 9.67 -29.34
CA ARG B 47 55.72 8.52 -30.21
C ARG B 47 57.17 8.32 -30.62
N ASP B 48 58.07 9.24 -30.27
CA ASP B 48 59.50 9.08 -30.48
C ASP B 48 60.24 8.76 -29.18
N LEU B 49 59.53 8.30 -28.15
CA LEU B 49 60.17 7.81 -26.94
C LEU B 49 59.37 6.65 -26.38
N SER B 50 60.06 5.56 -26.05
CA SER B 50 59.44 4.40 -25.41
C SER B 50 60.48 3.74 -24.53
N PHE B 51 60.01 2.93 -23.59
CA PHE B 51 60.89 2.18 -22.71
C PHE B 51 60.50 0.70 -22.74
N PRO B 52 61.11 -0.12 -23.62
CA PRO B 52 60.88 -1.58 -23.53
C PRO B 52 61.80 -2.28 -22.56
N LYS B 53 62.81 -1.59 -22.02
CA LYS B 53 63.86 -2.22 -21.26
C LYS B 53 63.50 -2.46 -19.80
N LEU B 54 62.39 -1.91 -19.31
CA LEU B 54 62.08 -1.92 -17.89
C LEU B 54 61.14 -3.07 -17.57
N ILE B 55 61.37 -3.71 -16.42
CA ILE B 55 60.58 -4.87 -16.02
C ILE B 55 59.92 -4.62 -14.67
N MET B 56 60.72 -4.30 -13.67
CA MET B 56 60.33 -4.41 -12.28
C MET B 56 60.09 -3.04 -11.69
N ILE B 57 58.83 -2.71 -11.44
CA ILE B 57 58.45 -1.53 -10.67
C ILE B 57 57.70 -1.98 -9.42
N THR B 58 58.22 -1.57 -8.27
CA THR B 58 57.75 -2.15 -7.01
C THR B 58 56.48 -1.47 -6.51
N ASP B 59 56.58 -0.19 -6.14
CA ASP B 59 55.59 0.37 -5.21
C ASP B 59 54.33 0.91 -5.88
N TYR B 60 54.43 2.02 -6.61
CA TYR B 60 53.28 2.59 -7.29
C TYR B 60 53.76 3.37 -8.49
N LEU B 61 52.82 3.76 -9.34
CA LEU B 61 53.12 4.55 -10.51
C LEU B 61 52.06 5.63 -10.61
N LEU B 62 52.45 6.87 -10.34
CA LEU B 62 51.54 7.98 -10.13
C LEU B 62 51.43 8.80 -11.39
N LEU B 63 50.21 9.12 -11.81
CA LEU B 63 49.97 9.92 -13.01
C LEU B 63 49.02 11.05 -12.66
N PHE B 64 49.45 12.29 -12.92
CA PHE B 64 48.62 13.44 -12.58
C PHE B 64 48.93 14.56 -13.56
N ARG B 65 47.96 14.82 -14.47
CA ARG B 65 47.87 15.90 -15.46
C ARG B 65 49.05 15.91 -16.45
N VAL B 66 49.06 14.89 -17.31
CA VAL B 66 49.92 14.92 -18.48
C VAL B 66 49.09 15.34 -19.67
N TYR B 67 49.48 16.45 -20.29
CA TYR B 67 48.71 17.05 -21.35
C TYR B 67 49.13 16.41 -22.67
N GLY B 68 48.20 15.79 -23.36
CA GLY B 68 48.49 15.32 -24.71
C GLY B 68 49.16 13.98 -24.84
N LEU B 69 49.26 13.20 -23.76
CA LEU B 69 49.55 11.77 -23.91
C LEU B 69 48.27 11.09 -24.35
N GLU B 70 48.36 10.16 -25.29
CA GLU B 70 47.16 9.63 -25.95
C GLU B 70 46.87 8.18 -25.60
N SER B 71 47.86 7.30 -25.70
CA SER B 71 47.74 5.96 -25.15
C SER B 71 49.10 5.54 -24.62
N LEU B 72 49.08 4.56 -23.72
CA LEU B 72 50.28 4.20 -22.99
C LEU B 72 50.84 2.87 -23.50
N LYS B 73 50.33 2.40 -24.66
CA LYS B 73 50.94 1.29 -25.39
C LYS B 73 52.24 1.66 -26.10
N ASP B 74 52.45 2.92 -26.42
CA ASP B 74 53.61 3.36 -27.16
C ASP B 74 54.64 4.00 -26.24
N LEU B 75 54.52 3.80 -24.94
CA LEU B 75 55.53 4.17 -23.97
C LEU B 75 56.06 2.98 -23.21
N PHE B 76 55.17 2.15 -22.66
CA PHE B 76 55.54 1.02 -21.82
C PHE B 76 54.98 -0.25 -22.44
N PRO B 77 55.77 -0.98 -23.31
CA PRO B 77 55.28 -2.26 -23.82
C PRO B 77 55.42 -3.41 -22.83
N ASN B 78 56.53 -3.48 -22.08
CA ASN B 78 56.98 -4.71 -21.45
C ASN B 78 57.12 -4.59 -19.93
N LEU B 79 56.23 -3.83 -19.29
CA LEU B 79 56.25 -3.72 -17.84
C LEU B 79 55.31 -4.74 -17.25
N THR B 80 55.78 -5.46 -16.25
CA THR B 80 55.26 -6.78 -15.90
C THR B 80 54.38 -6.80 -14.67
N VAL B 81 54.89 -6.32 -13.54
CA VAL B 81 54.28 -6.62 -12.25
C VAL B 81 54.46 -5.42 -11.33
N ILE B 82 53.43 -5.15 -10.54
CA ILE B 82 53.45 -4.14 -9.48
C ILE B 82 53.44 -4.90 -8.17
N ARG B 83 54.50 -4.73 -7.37
CA ARG B 83 54.53 -5.37 -6.06
C ARG B 83 53.70 -4.59 -5.05
N GLY B 84 54.09 -3.35 -4.79
CA GLY B 84 53.40 -2.55 -3.80
C GLY B 84 53.75 -2.89 -2.36
N SER B 85 55.01 -2.71 -1.99
CA SER B 85 55.39 -2.78 -0.58
C SER B 85 54.91 -1.55 0.17
N ARG B 86 55.11 -0.38 -0.41
CA ARG B 86 54.35 0.81 -0.03
C ARG B 86 53.24 1.00 -1.05
N LEU B 87 52.25 1.79 -0.66
CA LEU B 87 51.09 1.98 -1.51
C LEU B 87 50.72 3.44 -1.65
N PHE B 88 49.57 3.72 -2.25
CA PHE B 88 49.15 5.10 -2.51
C PHE B 88 47.63 5.18 -2.31
N PHE B 89 47.26 5.54 -1.06
CA PHE B 89 45.91 5.58 -0.47
C PHE B 89 45.15 4.26 -0.62
N ASN B 90 45.89 3.17 -0.32
CA ASN B 90 45.84 1.75 -0.79
C ASN B 90 45.32 1.54 -2.23
N TYR B 91 45.94 2.27 -3.16
CA TYR B 91 45.84 1.95 -4.57
C TYR B 91 47.25 1.86 -5.13
N ALA B 92 47.42 1.01 -6.13
CA ALA B 92 48.74 0.79 -6.71
C ALA B 92 48.94 1.49 -8.03
N LEU B 93 47.89 1.59 -8.84
CA LEU B 93 47.93 2.38 -10.07
C LEU B 93 46.83 3.41 -10.00
N VAL B 94 47.20 4.68 -10.17
CA VAL B 94 46.25 5.77 -10.14
C VAL B 94 46.49 6.70 -11.33
N ILE B 95 45.44 6.86 -12.15
CA ILE B 95 45.38 7.76 -13.28
C ILE B 95 44.30 8.77 -12.94
N PHE B 96 44.69 9.93 -12.42
CA PHE B 96 43.73 10.88 -11.87
C PHE B 96 43.79 12.20 -12.59
N GLU B 97 42.64 12.56 -13.21
CA GLU B 97 42.25 13.87 -13.78
C GLU B 97 43.18 14.28 -14.91
N MET B 98 43.08 13.54 -15.98
CA MET B 98 44.17 13.36 -16.91
C MET B 98 43.67 13.76 -18.28
N VAL B 99 44.53 14.34 -19.10
CA VAL B 99 44.12 15.01 -20.35
C VAL B 99 44.52 14.13 -21.53
N HIS B 100 43.55 13.88 -22.43
CA HIS B 100 43.63 13.31 -23.78
C HIS B 100 43.99 11.83 -23.86
N LEU B 101 43.97 11.09 -22.75
CA LEU B 101 44.02 9.62 -22.86
C LEU B 101 42.69 9.08 -23.35
N LYS B 102 42.78 8.13 -24.27
CA LYS B 102 41.59 7.47 -24.81
C LYS B 102 41.67 5.95 -24.82
N GLU B 103 42.87 5.37 -24.81
CA GLU B 103 43.03 3.94 -24.59
C GLU B 103 44.18 3.73 -23.61
N LEU B 104 44.12 2.60 -22.90
CA LEU B 104 45.23 2.23 -22.02
C LEU B 104 46.37 1.61 -22.82
N GLY B 105 46.10 0.45 -23.42
CA GLY B 105 47.10 -0.28 -24.15
C GLY B 105 48.13 -1.00 -23.30
N LEU B 106 47.85 -1.25 -22.03
CA LEU B 106 48.80 -1.93 -21.15
C LEU B 106 48.54 -3.42 -21.19
N TYR B 107 49.21 -4.09 -22.11
CA TYR B 107 48.95 -5.49 -22.38
C TYR B 107 49.84 -6.45 -21.60
N ASN B 108 50.69 -5.94 -20.70
CA ASN B 108 51.68 -6.79 -20.04
C ASN B 108 51.66 -6.73 -18.51
N LEU B 109 50.68 -6.06 -17.91
CA LEU B 109 50.47 -6.16 -16.46
C LEU B 109 49.65 -7.40 -16.17
N MET B 110 50.34 -8.52 -15.95
CA MET B 110 49.64 -9.75 -15.56
C MET B 110 49.21 -9.77 -14.10
N ASN B 111 50.02 -9.23 -13.17
CA ASN B 111 49.73 -9.37 -11.75
C ASN B 111 50.04 -8.04 -11.10
N ILE B 112 49.15 -7.58 -10.21
CA ILE B 112 49.44 -6.53 -9.25
C ILE B 112 49.18 -7.15 -7.88
N THR B 113 50.18 -7.13 -7.00
CA THR B 113 50.17 -8.00 -5.83
C THR B 113 49.35 -7.42 -4.67
N ARG B 114 49.77 -6.30 -4.10
CA ARG B 114 49.11 -5.75 -2.92
C ARG B 114 48.49 -4.41 -3.30
N GLY B 115 47.17 -4.28 -3.12
CA GLY B 115 46.51 -3.01 -3.35
C GLY B 115 45.35 -3.05 -4.33
N SER B 116 45.07 -1.91 -4.96
CA SER B 116 43.98 -1.82 -5.91
C SER B 116 44.34 -0.80 -6.99
N VAL B 117 43.37 -0.48 -7.86
CA VAL B 117 43.53 0.44 -8.99
C VAL B 117 42.36 1.42 -8.89
N ARG B 118 42.64 2.72 -8.83
CA ARG B 118 41.61 3.76 -8.85
C ARG B 118 41.85 4.67 -10.04
N ILE B 119 41.02 4.60 -11.08
CA ILE B 119 41.08 5.51 -12.22
C ILE B 119 39.79 6.33 -12.24
N GLU B 120 39.91 7.63 -12.02
CA GLU B 120 38.74 8.48 -11.95
C GLU B 120 39.09 9.80 -12.60
N LYS B 121 38.08 10.46 -13.19
CA LYS B 121 38.07 11.74 -13.94
C LYS B 121 38.95 11.74 -15.18
N ASN B 122 39.13 10.60 -15.82
CA ASN B 122 39.70 10.52 -17.15
C ASN B 122 38.57 10.47 -18.16
N ASN B 123 38.11 11.66 -18.52
CA ASN B 123 36.85 11.90 -19.20
C ASN B 123 36.86 11.67 -20.71
N GLU B 124 38.00 11.34 -21.32
CA GLU B 124 38.08 11.01 -22.72
C GLU B 124 38.38 9.53 -22.95
N LEU B 125 38.35 8.71 -21.91
CA LEU B 125 38.93 7.37 -21.95
C LEU B 125 37.85 6.33 -22.16
N CYS B 126 38.01 5.54 -23.21
CA CYS B 126 37.17 4.39 -23.45
C CYS B 126 37.89 3.14 -22.93
N TYR B 127 37.33 1.96 -23.25
CA TYR B 127 37.80 0.57 -23.03
C TYR B 127 37.98 0.23 -21.55
N LEU B 128 36.86 0.17 -20.83
CA LEU B 128 36.92 -0.19 -19.41
C LEU B 128 36.19 -1.47 -19.08
N ALA B 129 35.11 -1.80 -19.79
CA ALA B 129 34.38 -3.04 -19.56
C ALA B 129 34.95 -4.23 -20.31
N THR B 130 35.93 -4.01 -21.19
CA THR B 130 36.70 -5.05 -21.85
C THR B 130 37.98 -5.42 -21.10
N ILE B 131 38.18 -4.94 -19.87
CA ILE B 131 39.27 -5.39 -19.03
C ILE B 131 38.68 -6.04 -17.79
N ASP B 132 38.92 -7.34 -17.64
CA ASP B 132 38.60 -8.02 -16.39
C ASP B 132 39.75 -7.83 -15.43
N TRP B 133 39.48 -7.19 -14.30
CA TRP B 133 40.54 -6.92 -13.33
C TRP B 133 40.84 -8.12 -12.45
N SER B 134 39.91 -9.08 -12.33
CA SER B 134 39.98 -10.12 -11.33
C SER B 134 40.92 -11.27 -11.67
N ARG B 135 41.36 -11.37 -12.92
CA ARG B 135 42.55 -12.15 -13.25
C ARG B 135 43.80 -11.50 -12.65
N ILE B 136 43.89 -10.18 -12.73
CA ILE B 136 45.11 -9.47 -12.38
C ILE B 136 45.06 -9.17 -10.89
N LEU B 137 44.03 -8.46 -10.46
CA LEU B 137 43.93 -7.99 -9.09
C LEU B 137 43.35 -9.08 -8.20
N ASP B 138 43.52 -8.88 -6.89
CA ASP B 138 42.99 -9.82 -5.92
C ASP B 138 41.63 -9.38 -5.40
N SER B 139 41.57 -8.21 -4.77
CA SER B 139 40.33 -7.69 -4.24
C SER B 139 39.77 -6.69 -5.24
N VAL B 140 38.77 -7.10 -6.01
CA VAL B 140 38.15 -6.21 -6.96
C VAL B 140 36.84 -5.62 -6.44
N GLU B 141 36.61 -5.71 -5.13
CA GLU B 141 35.54 -4.95 -4.50
C GLU B 141 36.02 -3.59 -4.03
N ASP B 142 37.33 -3.35 -4.05
CA ASP B 142 37.89 -2.09 -3.59
C ASP B 142 38.46 -1.24 -4.70
N ASN B 143 38.25 -1.62 -5.96
CA ASN B 143 38.49 -0.72 -7.07
C ASN B 143 37.41 0.34 -7.13
N TYR B 144 37.79 1.49 -7.61
CA TYR B 144 36.86 2.60 -7.72
C TYR B 144 37.12 3.24 -9.08
N ILE B 145 36.51 2.69 -10.11
CA ILE B 145 36.66 3.23 -11.46
C ILE B 145 35.28 3.76 -11.88
N VAL B 146 35.17 5.08 -11.94
CA VAL B 146 33.91 5.76 -12.27
C VAL B 146 34.33 7.07 -12.93
N LEU B 147 33.36 7.72 -13.62
CA LEU B 147 33.33 9.09 -14.15
C LEU B 147 34.36 9.30 -15.26
N ASN B 148 34.18 8.51 -16.31
CA ASN B 148 35.08 8.50 -17.46
C ASN B 148 34.20 8.73 -18.69
N LYS B 149 34.76 8.47 -19.89
CA LYS B 149 33.95 8.56 -21.11
C LYS B 149 33.01 7.38 -21.29
N ASP B 150 33.27 6.22 -20.67
CA ASP B 150 32.44 5.04 -20.91
C ASP B 150 31.13 5.04 -20.13
N ASP B 151 31.02 5.85 -19.07
CA ASP B 151 29.80 5.92 -18.29
C ASP B 151 29.12 7.27 -18.38
N ASN B 152 29.80 8.29 -18.92
CA ASN B 152 29.13 9.54 -19.27
C ASN B 152 28.73 9.60 -20.74
N GLU B 153 29.26 8.70 -21.57
CA GLU B 153 28.86 8.57 -22.96
C GLU B 153 28.86 7.09 -23.29
N GLU B 154 28.77 6.78 -24.59
CA GLU B 154 28.77 5.41 -25.08
C GLU B 154 29.73 5.36 -26.27
N CYS B 155 30.98 5.71 -25.98
CA CYS B 155 32.06 5.61 -26.97
C CYS B 155 32.42 4.16 -27.25
N GLY B 156 32.93 3.93 -28.45
CA GLY B 156 33.01 2.57 -28.99
C GLY B 156 34.22 1.80 -28.50
N ASP B 157 33.98 0.56 -28.09
CA ASP B 157 35.02 -0.37 -27.68
C ASP B 157 35.00 -1.51 -28.70
N ILE B 158 35.70 -1.31 -29.81
CA ILE B 158 35.76 -2.31 -30.86
C ILE B 158 36.92 -3.27 -30.58
N CYS B 159 36.68 -4.54 -30.87
CA CYS B 159 37.55 -5.61 -30.45
C CYS B 159 38.03 -6.41 -31.65
N PRO B 160 39.20 -7.10 -31.56
CA PRO B 160 39.56 -8.07 -32.62
C PRO B 160 38.74 -9.36 -32.60
N GLY B 161 37.54 -9.32 -33.18
CA GLY B 161 36.73 -10.51 -33.32
C GLY B 161 37.22 -11.37 -34.47
N THR B 162 37.59 -10.71 -35.56
CA THR B 162 38.12 -11.39 -36.74
C THR B 162 39.32 -10.65 -37.30
N ASN B 168 38.58 -13.14 -31.90
CA ASN B 168 39.86 -13.80 -31.71
C ASN B 168 40.38 -13.59 -30.29
N CYS B 169 39.76 -12.65 -29.57
CA CYS B 169 40.09 -12.42 -28.17
C CYS B 169 39.45 -13.51 -27.30
N PRO B 170 40.05 -13.83 -26.13
CA PRO B 170 39.34 -14.69 -25.16
C PRO B 170 38.21 -13.96 -24.45
N ALA B 171 37.07 -14.62 -24.39
CA ALA B 171 35.84 -14.06 -23.84
C ALA B 171 35.51 -14.73 -22.53
N THR B 172 35.26 -13.92 -21.50
CA THR B 172 35.05 -14.39 -20.14
C THR B 172 33.78 -13.73 -19.62
N VAL B 173 32.94 -14.50 -18.91
CA VAL B 173 31.73 -13.98 -18.30
C VAL B 173 32.09 -13.14 -17.07
N ILE B 174 31.32 -12.08 -16.82
CA ILE B 174 31.49 -11.28 -15.61
C ILE B 174 30.32 -11.45 -14.62
N ASN B 175 29.06 -11.32 -15.07
CA ASN B 175 27.92 -11.70 -14.25
C ASN B 175 27.04 -12.74 -14.94
N GLY B 176 26.57 -12.46 -16.15
CA GLY B 176 25.69 -13.39 -16.84
C GLY B 176 25.81 -13.41 -18.36
N GLN B 177 26.76 -12.66 -18.91
CA GLN B 177 26.97 -12.65 -20.36
C GLN B 177 28.46 -12.53 -20.65
N PHE B 178 28.84 -12.98 -21.83
CA PHE B 178 30.22 -12.99 -22.26
C PHE B 178 30.53 -11.77 -23.10
N VAL B 179 31.55 -11.01 -22.69
CA VAL B 179 32.17 -10.03 -23.56
C VAL B 179 33.64 -10.41 -23.71
N GLU B 180 34.25 -9.88 -24.77
CA GLU B 180 35.65 -10.17 -25.06
C GLU B 180 36.58 -9.35 -24.19
N ARG B 181 37.74 -9.92 -23.89
CA ARG B 181 38.72 -9.28 -23.02
C ARG B 181 39.91 -8.86 -23.87
N CYS B 182 40.21 -7.56 -23.85
CA CYS B 182 41.24 -6.98 -24.71
C CYS B 182 41.79 -5.73 -24.02
N TRP B 183 42.63 -5.01 -24.76
CA TRP B 183 43.10 -3.69 -24.34
C TRP B 183 42.78 -2.62 -25.36
N THR B 184 43.09 -2.87 -26.63
CA THR B 184 42.80 -1.98 -27.75
C THR B 184 41.91 -2.71 -28.75
N HIS B 185 41.75 -2.08 -29.92
CA HIS B 185 41.25 -2.75 -31.11
C HIS B 185 42.37 -3.43 -31.90
N SER B 186 43.63 -3.21 -31.56
CA SER B 186 44.75 -3.85 -32.21
C SER B 186 45.40 -4.92 -31.35
N HIS B 187 44.84 -5.21 -30.18
CA HIS B 187 45.37 -6.24 -29.30
C HIS B 187 44.25 -7.04 -28.68
N CYS B 188 44.57 -8.27 -28.28
CA CYS B 188 43.77 -9.05 -27.37
C CYS B 188 44.53 -9.23 -26.05
N GLN B 189 43.78 -9.47 -24.99
CA GLN B 189 44.37 -9.69 -23.67
C GLN B 189 44.91 -11.11 -23.58
N LYS B 190 46.16 -11.24 -23.11
CA LYS B 190 46.79 -12.53 -22.90
C LYS B 190 46.23 -13.13 -21.61
N VAL B 191 45.50 -14.23 -21.75
CA VAL B 191 44.79 -14.86 -20.65
C VAL B 191 45.42 -16.24 -20.45
N CYS B 192 45.92 -16.47 -19.24
CA CYS B 192 46.47 -17.76 -18.86
C CYS B 192 45.32 -18.76 -18.63
N PRO B 193 45.57 -20.08 -18.78
CA PRO B 193 44.57 -21.09 -18.36
C PRO B 193 44.47 -21.25 -16.85
N THR B 194 43.46 -22.00 -16.43
CA THR B 194 43.13 -22.11 -15.01
C THR B 194 44.00 -23.09 -14.22
N ILE B 195 44.81 -23.91 -14.89
CA ILE B 195 45.93 -24.57 -14.21
C ILE B 195 47.05 -23.56 -13.96
N CYS B 196 47.31 -22.67 -14.93
CA CYS B 196 48.39 -21.68 -14.86
C CYS B 196 47.90 -20.44 -14.10
N LYS B 197 47.83 -20.55 -12.77
CA LYS B 197 47.16 -19.52 -11.96
C LYS B 197 48.10 -18.35 -11.66
N SER B 198 49.14 -18.60 -10.90
CA SER B 198 50.20 -17.62 -10.70
C SER B 198 51.54 -18.16 -11.15
N HIS B 199 51.55 -19.31 -11.81
CA HIS B 199 52.78 -19.87 -12.36
C HIS B 199 53.08 -19.33 -13.74
N GLY B 200 52.10 -18.72 -14.39
CA GLY B 200 52.32 -18.07 -15.66
C GLY B 200 52.11 -18.99 -16.85
N CYS B 201 51.80 -18.39 -17.99
CA CYS B 201 51.61 -19.12 -19.23
C CYS B 201 52.53 -18.55 -20.30
N THR B 202 52.95 -19.42 -21.21
CA THR B 202 53.78 -19.04 -22.33
C THR B 202 52.90 -18.73 -23.54
N ALA B 203 53.53 -18.52 -24.70
CA ALA B 203 52.83 -18.09 -25.91
C ALA B 203 52.07 -19.21 -26.61
N GLU B 204 52.40 -20.47 -26.33
CA GLU B 204 51.64 -21.60 -26.86
C GLU B 204 50.62 -22.14 -25.87
N GLY B 205 50.44 -21.48 -24.73
CA GLY B 205 49.42 -21.89 -23.79
C GLY B 205 49.80 -23.06 -22.90
N LEU B 206 51.06 -23.14 -22.48
CA LEU B 206 51.51 -24.18 -21.57
C LEU B 206 51.90 -23.55 -20.25
N CYS B 207 51.83 -24.33 -19.18
CA CYS B 207 52.25 -23.85 -17.86
C CYS B 207 53.77 -23.86 -17.72
N CYS B 208 54.27 -22.84 -17.02
CA CYS B 208 55.68 -22.60 -16.79
C CYS B 208 56.09 -23.26 -15.47
N HIS B 209 57.22 -22.80 -14.93
CA HIS B 209 57.63 -23.10 -13.56
C HIS B 209 56.70 -22.41 -12.55
N SER B 210 56.64 -22.99 -11.34
CA SER B 210 55.81 -22.46 -10.27
C SER B 210 56.39 -21.20 -9.61
N GLU B 211 57.69 -20.98 -9.72
CA GLU B 211 58.31 -19.74 -9.29
C GLU B 211 58.34 -18.66 -10.37
N CYS B 212 57.89 -18.97 -11.60
CA CYS B 212 57.71 -17.95 -12.61
C CYS B 212 56.46 -17.13 -12.32
N LEU B 213 56.56 -15.82 -12.54
CA LEU B 213 55.43 -14.92 -12.38
C LEU B 213 55.19 -14.20 -13.69
N GLY B 214 53.95 -14.21 -14.12
CA GLY B 214 53.55 -13.41 -15.25
C GLY B 214 53.86 -14.01 -16.61
N ASN B 215 55.11 -13.96 -17.02
CA ASN B 215 55.50 -14.42 -18.34
C ASN B 215 56.73 -15.29 -18.16
N CYS B 216 56.86 -16.30 -19.01
CA CYS B 216 58.07 -17.09 -19.12
C CYS B 216 58.39 -17.25 -20.60
N SER B 217 59.67 -17.42 -20.90
CA SER B 217 60.07 -17.66 -22.27
C SER B 217 60.01 -19.15 -22.62
N GLN B 218 60.54 -19.99 -21.73
CA GLN B 218 60.48 -21.43 -21.90
C GLN B 218 59.69 -22.05 -20.75
N PRO B 219 58.82 -23.05 -21.00
CA PRO B 219 58.02 -23.62 -19.91
C PRO B 219 58.80 -24.63 -19.06
N ASP B 220 58.40 -24.62 -17.76
CA ASP B 220 58.90 -25.42 -16.61
C ASP B 220 60.40 -25.18 -16.40
N ASP B 221 60.75 -23.91 -16.13
CA ASP B 221 62.14 -23.52 -16.04
C ASP B 221 62.29 -22.37 -15.04
N PRO B 222 63.11 -22.52 -13.98
CA PRO B 222 63.42 -21.35 -13.13
C PRO B 222 64.36 -20.35 -13.76
N THR B 223 65.20 -20.77 -14.72
CA THR B 223 66.13 -19.86 -15.38
C THR B 223 65.50 -19.02 -16.48
N LYS B 224 64.31 -19.39 -16.96
CA LYS B 224 63.73 -18.79 -18.16
C LYS B 224 62.43 -18.04 -17.88
N CYS B 225 62.24 -17.55 -16.67
CA CYS B 225 61.15 -16.63 -16.39
C CYS B 225 61.54 -15.21 -16.80
N VAL B 226 60.54 -14.34 -16.89
CA VAL B 226 60.77 -12.93 -17.15
C VAL B 226 60.75 -12.12 -15.84
N ALA B 227 59.83 -12.45 -14.94
CA ALA B 227 59.78 -11.81 -13.64
C ALA B 227 59.53 -12.86 -12.57
N CYS B 228 60.18 -12.71 -11.42
CA CYS B 228 60.09 -13.71 -10.36
C CYS B 228 58.85 -13.55 -9.51
N ARG B 229 58.47 -14.66 -8.88
CA ARG B 229 57.37 -14.64 -7.91
C ARG B 229 57.86 -14.19 -6.55
N ASN B 230 58.96 -14.77 -6.09
CA ASN B 230 59.43 -14.51 -4.75
C ASN B 230 60.78 -13.82 -4.72
N PHE B 231 61.82 -14.41 -5.32
CA PHE B 231 63.17 -13.88 -5.18
C PHE B 231 63.98 -14.12 -6.44
N TYR B 232 64.75 -13.12 -6.85
CA TYR B 232 65.58 -13.17 -8.05
C TYR B 232 67.04 -13.32 -7.67
N LEU B 233 67.71 -14.32 -8.24
CA LEU B 233 69.16 -14.48 -8.04
C LEU B 233 69.77 -15.04 -9.32
N ASP B 234 70.29 -14.11 -10.14
CA ASP B 234 71.20 -14.30 -11.29
C ASP B 234 70.58 -15.12 -12.44
N GLY B 235 69.43 -14.66 -12.89
CA GLY B 235 68.68 -15.35 -13.90
C GLY B 235 67.61 -16.28 -13.37
N ARG B 236 67.61 -16.58 -12.08
CA ARG B 236 66.77 -17.62 -11.54
C ARG B 236 65.69 -17.05 -10.63
N CYS B 237 64.64 -17.82 -10.47
CA CYS B 237 63.53 -17.52 -9.57
C CYS B 237 63.54 -18.54 -8.44
N VAL B 238 64.00 -18.12 -7.27
CA VAL B 238 64.16 -19.02 -6.13
C VAL B 238 63.19 -18.64 -5.04
N GLU B 239 62.97 -19.58 -4.12
CA GLU B 239 62.06 -19.35 -3.00
C GLU B 239 62.74 -18.57 -1.87
N THR B 240 63.98 -18.92 -1.57
CA THR B 240 64.73 -18.23 -0.54
C THR B 240 66.15 -18.04 -1.02
N CYS B 241 66.89 -17.25 -0.27
CA CYS B 241 68.32 -17.14 -0.49
C CYS B 241 69.03 -18.38 0.04
N PRO B 242 70.16 -18.76 -0.56
CA PRO B 242 71.12 -19.61 0.15
C PRO B 242 72.06 -18.76 0.98
N PRO B 243 72.83 -19.36 1.91
CA PRO B 243 73.98 -18.65 2.47
C PRO B 243 75.09 -18.53 1.42
N PRO B 244 75.87 -17.42 1.42
CA PRO B 244 75.93 -16.26 2.33
C PRO B 244 75.10 -15.07 1.87
N TYR B 245 74.02 -15.33 1.14
CA TYR B 245 73.22 -14.26 0.57
C TYR B 245 72.03 -13.95 1.47
N TYR B 246 71.65 -12.68 1.50
CA TYR B 246 70.60 -12.19 2.39
C TYR B 246 69.54 -11.48 1.57
N HIS B 247 68.32 -11.41 2.14
CA HIS B 247 67.17 -10.89 1.43
C HIS B 247 67.16 -9.36 1.43
N PHE B 248 66.72 -8.78 0.32
CA PHE B 248 66.69 -7.33 0.15
C PHE B 248 65.43 -6.94 -0.59
N GLN B 249 64.53 -6.24 0.15
CA GLN B 249 63.26 -5.62 -0.28
C GLN B 249 62.25 -6.60 -0.88
N ASP B 250 62.24 -7.82 -0.31
CA ASP B 250 61.51 -9.07 -0.66
C ASP B 250 61.54 -9.50 -2.15
N TRP B 251 62.62 -9.21 -2.89
CA TRP B 251 62.69 -9.58 -4.30
C TRP B 251 64.05 -10.05 -4.80
N ARG B 252 65.16 -9.82 -4.08
CA ARG B 252 66.48 -10.20 -4.58
C ARG B 252 67.41 -10.58 -3.44
N CYS B 253 68.46 -11.31 -3.79
CA CYS B 253 69.43 -11.82 -2.84
C CYS B 253 70.72 -11.01 -2.99
N VAL B 254 71.09 -10.27 -1.95
CA VAL B 254 72.33 -9.49 -1.94
C VAL B 254 73.29 -10.07 -0.91
N ASN B 255 74.57 -9.69 -1.03
CA ASN B 255 75.61 -10.18 -0.14
C ASN B 255 75.81 -9.18 1.01
N PHE B 256 76.92 -9.36 1.73
CA PHE B 256 77.28 -8.45 2.82
C PHE B 256 77.87 -7.13 2.29
N SER B 257 78.44 -7.15 1.08
CA SER B 257 79.08 -5.98 0.49
C SER B 257 78.08 -4.95 -0.02
N PHE B 258 76.86 -5.40 -0.35
CA PHE B 258 75.79 -4.45 -0.69
C PHE B 258 75.20 -3.81 0.55
N CYS B 259 74.85 -4.62 1.54
CA CYS B 259 74.13 -4.15 2.74
C CYS B 259 75.04 -3.47 3.75
N GLN B 260 76.37 -3.70 3.66
CA GLN B 260 77.33 -3.01 4.51
C GLN B 260 77.53 -1.55 4.12
N ASP B 261 77.53 -1.26 2.82
CA ASP B 261 77.86 0.09 2.35
C ASP B 261 76.68 1.05 2.43
N LEU B 262 75.46 0.52 2.54
CA LEU B 262 74.27 1.33 2.76
C LEU B 262 74.17 1.87 4.19
N HIS B 263 74.77 1.17 5.15
CA HIS B 263 75.10 1.77 6.44
C HIS B 263 76.11 2.90 6.31
N HIS B 264 77.13 2.70 5.47
CA HIS B 264 78.26 3.61 5.41
C HIS B 264 78.01 4.84 4.56
N LYS B 265 76.95 4.86 3.75
CA LYS B 265 76.50 6.09 3.10
C LYS B 265 75.47 6.83 3.94
N CYS B 266 75.03 6.26 5.05
CA CYS B 266 74.10 6.90 5.97
C CYS B 266 74.77 7.38 7.25
N LYS B 267 75.67 6.56 7.83
CA LYS B 267 76.38 6.93 9.05
C LYS B 267 77.48 7.94 8.80
N ASN B 268 78.27 7.76 7.74
CA ASN B 268 79.38 8.64 7.43
C ASN B 268 79.00 9.81 6.52
N SER B 269 77.74 9.90 6.10
CA SER B 269 77.34 10.90 5.13
C SER B 269 75.90 11.29 5.44
N ARG B 270 75.23 11.90 4.46
CA ARG B 270 73.83 12.28 4.59
C ARG B 270 72.92 11.06 4.47
N CYS B 274 67.16 8.58 6.13
CA CYS B 274 68.56 8.27 5.81
C CYS B 274 68.69 6.80 5.42
N HIS B 275 67.90 5.97 6.13
CA HIS B 275 67.72 4.51 5.99
C HIS B 275 69.05 3.75 6.18
N GLN B 276 69.48 3.73 7.44
CA GLN B 276 70.63 2.95 7.89
C GLN B 276 70.28 1.46 7.86
N TYR B 277 70.66 0.78 6.77
CA TYR B 277 70.28 -0.61 6.50
C TYR B 277 71.02 -1.63 7.36
N VAL B 278 70.27 -2.37 8.16
CA VAL B 278 70.83 -3.33 9.11
C VAL B 278 70.40 -4.72 8.67
N ILE B 279 70.91 -5.75 9.34
CA ILE B 279 70.57 -7.13 9.01
C ILE B 279 69.93 -7.75 10.25
N HIS B 280 68.73 -8.29 10.08
CA HIS B 280 68.20 -9.25 11.03
C HIS B 280 67.47 -10.33 10.27
N ASN B 281 67.80 -11.60 10.65
CA ASN B 281 67.29 -12.89 10.13
C ASN B 281 67.48 -13.04 8.63
N ASN B 282 68.71 -12.64 8.18
CA ASN B 282 69.21 -12.54 6.78
C ASN B 282 68.33 -11.67 5.89
N LYS B 283 67.86 -10.56 6.44
CA LYS B 283 67.01 -9.64 5.69
C LYS B 283 67.57 -8.24 5.87
N CYS B 284 67.81 -7.55 4.77
CA CYS B 284 68.42 -6.21 4.80
C CYS B 284 67.31 -5.19 4.97
N ILE B 285 67.05 -4.83 6.23
CA ILE B 285 65.90 -4.04 6.67
C ILE B 285 66.46 -2.66 7.04
N PRO B 286 65.73 -1.54 6.83
CA PRO B 286 66.20 -0.24 7.33
C PRO B 286 66.18 -0.03 8.83
N GLU B 287 65.48 -0.84 9.64
CA GLU B 287 65.38 -0.62 11.08
C GLU B 287 65.58 -1.93 11.83
N CYS B 288 66.32 -1.87 12.94
CA CYS B 288 66.22 -2.92 13.93
C CYS B 288 64.88 -2.76 14.66
N PRO B 289 64.19 -3.90 15.03
CA PRO B 289 62.95 -3.76 15.84
C PRO B 289 63.20 -3.64 17.34
N SER B 290 62.11 -3.69 18.11
CA SER B 290 62.17 -3.49 19.55
C SER B 290 62.68 -4.75 20.26
N GLY B 291 63.54 -4.56 21.24
CA GLY B 291 64.28 -5.67 21.81
C GLY B 291 65.39 -6.20 20.94
N TYR B 292 65.94 -5.38 20.05
CA TYR B 292 66.92 -5.84 19.09
C TYR B 292 67.92 -4.73 18.83
N THR B 293 69.21 -5.01 19.06
CA THR B 293 70.19 -3.97 19.36
C THR B 293 71.28 -3.91 18.29
N MET B 294 71.55 -2.70 17.80
CA MET B 294 72.69 -2.42 16.94
C MET B 294 73.98 -2.42 17.75
N ASN B 295 74.91 -3.30 17.38
CA ASN B 295 76.23 -3.29 17.97
C ASN B 295 77.19 -2.50 17.09
N SER B 296 78.47 -2.46 17.46
CA SER B 296 79.43 -1.60 16.80
C SER B 296 80.19 -2.30 15.67
N SER B 297 80.62 -3.55 15.88
CA SER B 297 81.49 -4.23 14.93
C SER B 297 80.71 -4.83 13.77
N ASN B 298 79.81 -5.75 14.08
CA ASN B 298 78.86 -6.24 13.09
C ASN B 298 77.63 -5.34 12.98
N LEU B 299 76.76 -5.68 12.04
CA LEU B 299 75.56 -4.90 11.75
C LEU B 299 74.29 -5.58 12.24
N LEU B 300 74.43 -6.64 13.02
CA LEU B 300 73.30 -7.52 13.34
C LEU B 300 72.50 -6.98 14.51
N CYS B 301 71.18 -7.12 14.41
CA CYS B 301 70.29 -6.80 15.52
C CYS B 301 70.36 -7.97 16.50
N THR B 302 71.20 -7.84 17.52
CA THR B 302 71.32 -8.81 18.60
C THR B 302 70.24 -8.57 19.64
N PRO B 303 69.67 -9.66 20.30
CA PRO B 303 68.58 -9.46 21.29
C PRO B 303 68.98 -8.83 22.63
N CYS B 304 68.10 -7.97 23.13
CA CYS B 304 68.48 -6.92 24.06
C CYS B 304 68.49 -7.42 25.50
N LEU B 305 69.13 -6.63 26.36
CA LEU B 305 69.22 -6.94 27.78
C LEU B 305 67.91 -6.62 28.51
N GLY B 306 67.25 -5.54 28.14
CA GLY B 306 66.09 -5.09 28.86
C GLY B 306 64.79 -5.23 28.06
N PRO B 307 63.82 -4.30 28.26
CA PRO B 307 62.68 -4.26 27.32
C PRO B 307 63.03 -3.74 25.93
N CYS B 308 63.78 -2.62 25.87
CA CYS B 308 64.37 -1.88 24.74
C CYS B 308 63.36 -1.50 23.64
N PRO B 309 62.45 -0.51 23.90
CA PRO B 309 61.35 -0.27 22.97
C PRO B 309 61.70 0.64 21.81
N LYS B 310 60.69 1.01 21.03
CA LYS B 310 60.83 1.94 19.93
C LYS B 310 59.86 3.10 20.15
N VAL B 311 60.36 4.21 20.68
CA VAL B 311 59.54 5.37 21.00
C VAL B 311 59.42 6.19 19.72
N CYS B 312 58.31 6.01 19.00
CA CYS B 312 58.13 6.65 17.70
C CYS B 312 57.61 8.06 17.93
N HIS B 313 58.50 9.03 17.81
CA HIS B 313 58.13 10.44 17.95
C HIS B 313 57.51 10.91 16.64
N LEU B 314 56.22 11.25 16.69
CA LEU B 314 55.53 11.71 15.50
C LEU B 314 55.82 13.18 15.25
N LEU B 315 55.58 13.60 14.02
CA LEU B 315 55.71 15.00 13.64
C LEU B 315 54.41 15.71 14.01
N GLU B 316 54.56 16.88 14.68
CA GLU B 316 53.53 17.79 15.24
C GLU B 316 52.58 17.12 16.25
N GLY B 317 53.04 16.12 17.00
CA GLY B 317 52.31 15.54 18.12
C GLY B 317 51.21 14.53 17.79
N GLU B 318 50.98 14.23 16.52
CA GLU B 318 49.77 13.59 16.03
C GLU B 318 50.03 13.10 14.61
N LYS B 319 49.53 11.91 14.29
CA LYS B 319 49.56 11.44 12.92
C LYS B 319 48.19 10.92 12.55
N THR B 320 47.58 11.49 11.53
CA THR B 320 46.23 11.12 11.14
C THR B 320 46.26 9.89 10.25
N ILE B 321 45.73 8.80 10.74
CA ILE B 321 45.76 7.53 10.04
C ILE B 321 44.62 7.50 9.05
N ASP B 322 44.96 7.42 7.77
CA ASP B 322 43.96 7.54 6.71
C ASP B 322 43.93 6.36 5.76
N SER B 323 45.05 5.72 5.47
CA SER B 323 45.12 4.47 4.72
C SER B 323 46.35 3.73 5.22
N VAL B 324 46.82 2.75 4.43
CA VAL B 324 47.98 1.98 4.82
C VAL B 324 49.30 2.66 4.47
N THR B 325 49.29 3.75 3.68
CA THR B 325 50.48 4.56 3.47
C THR B 325 50.78 5.40 4.72
N SER B 326 49.71 5.84 5.38
CA SER B 326 49.83 6.43 6.70
C SER B 326 50.10 5.38 7.77
N ALA B 327 49.60 4.16 7.59
CA ALA B 327 49.76 3.13 8.61
C ALA B 327 51.04 2.32 8.46
N GLN B 328 51.81 2.49 7.39
CA GLN B 328 53.10 1.83 7.25
C GLN B 328 54.27 2.65 7.78
N GLU B 329 54.03 3.78 8.44
CA GLU B 329 55.04 4.42 9.25
C GLU B 329 54.87 4.09 10.72
N LEU B 330 54.03 3.12 11.05
CA LEU B 330 53.85 2.71 12.44
C LEU B 330 54.08 1.23 12.65
N ARG B 331 54.51 0.51 11.61
CA ARG B 331 54.79 -0.91 11.74
C ARG B 331 56.14 -1.12 12.39
N GLY B 332 56.14 -1.88 13.48
CA GLY B 332 57.31 -2.02 14.30
C GLY B 332 57.44 -1.01 15.42
N CYS B 333 56.51 -0.06 15.52
CA CYS B 333 56.42 0.79 16.69
C CYS B 333 55.82 0.02 17.84
N THR B 334 56.23 0.36 19.04
CA THR B 334 55.64 -0.17 20.26
C THR B 334 55.08 0.93 21.15
N VAL B 335 55.81 2.03 21.29
CA VAL B 335 55.40 3.19 22.06
C VAL B 335 55.23 4.33 21.10
N ILE B 336 54.03 4.88 21.00
CA ILE B 336 53.77 6.08 20.23
C ILE B 336 53.83 7.27 21.16
N ASN B 337 54.78 8.17 20.91
CA ASN B 337 54.92 9.41 21.68
C ASN B 337 54.10 10.50 21.00
N GLY B 338 52.79 10.42 21.18
CA GLY B 338 51.87 11.31 20.48
C GLY B 338 50.47 10.75 20.53
N SER B 339 49.64 11.21 19.59
CA SER B 339 48.24 10.80 19.54
C SER B 339 47.91 10.29 18.14
N LEU B 340 46.83 9.51 18.07
CA LEU B 340 46.35 8.99 16.80
C LEU B 340 44.91 9.43 16.59
N ILE B 341 44.66 10.13 15.50
CA ILE B 341 43.28 10.39 15.08
C ILE B 341 43.02 9.51 13.88
N ILE B 342 42.24 8.46 14.09
CA ILE B 342 41.88 7.54 13.04
C ILE B 342 40.56 7.95 12.38
N ASN B 343 40.65 8.20 11.08
CA ASN B 343 39.59 8.86 10.33
C ASN B 343 39.56 8.18 8.96
N ILE B 344 38.77 7.13 8.86
CA ILE B 344 38.73 6.35 7.63
C ILE B 344 37.39 6.59 6.99
N ARG B 345 37.38 7.27 5.85
CA ARG B 345 36.15 7.44 5.10
C ARG B 345 35.87 6.16 4.34
N GLY B 346 34.69 5.60 4.54
CA GLY B 346 34.45 4.19 4.34
C GLY B 346 34.00 3.86 2.93
N GLY B 347 33.28 2.75 2.82
CA GLY B 347 33.04 2.12 1.54
C GLY B 347 33.96 0.96 1.24
N ASN B 348 35.12 0.89 1.90
CA ASN B 348 36.02 -0.23 1.78
C ASN B 348 36.43 -0.69 3.17
N ASN B 349 36.69 -1.98 3.28
CA ASN B 349 37.07 -2.56 4.57
C ASN B 349 38.58 -2.41 4.59
N LEU B 350 39.14 -2.43 5.79
CA LEU B 350 40.57 -2.30 5.98
C LEU B 350 41.10 -3.16 7.11
N ALA B 351 40.27 -4.00 7.72
CA ALA B 351 40.65 -4.71 8.94
C ALA B 351 41.49 -5.96 8.70
N ALA B 352 41.59 -6.43 7.44
CA ALA B 352 42.57 -7.45 7.11
C ALA B 352 43.97 -6.87 7.07
N GLU B 353 44.11 -5.62 6.60
CA GLU B 353 45.44 -5.02 6.44
C GLU B 353 45.96 -4.45 7.73
N LEU B 354 45.09 -3.89 8.56
CA LEU B 354 45.51 -3.09 9.69
C LEU B 354 45.86 -3.94 10.91
N GLU B 355 45.45 -5.21 10.93
CA GLU B 355 45.97 -6.17 11.91
C GLU B 355 47.41 -6.55 11.56
N ALA B 356 47.73 -6.63 10.27
CA ALA B 356 49.09 -6.85 9.83
C ALA B 356 49.95 -5.60 9.90
N ASN B 357 49.36 -4.42 9.88
CA ASN B 357 50.12 -3.17 9.85
C ASN B 357 50.30 -2.56 11.22
N LEU B 358 49.21 -2.37 11.95
CA LEU B 358 49.25 -1.94 13.35
C LEU B 358 49.21 -3.17 14.25
N GLY B 359 48.90 -2.97 15.52
CA GLY B 359 48.67 -4.06 16.43
C GLY B 359 49.92 -4.63 17.03
N LEU B 360 51.02 -3.91 16.95
CA LEU B 360 52.21 -4.24 17.72
C LEU B 360 52.55 -3.08 18.65
N ILE B 361 51.66 -2.13 18.77
CA ILE B 361 51.85 -0.99 19.65
C ILE B 361 51.27 -1.34 21.01
N GLU B 362 51.78 -0.68 22.03
CA GLU B 362 51.33 -0.92 23.39
C GLU B 362 50.83 0.34 24.07
N GLU B 363 51.58 1.44 23.98
CA GLU B 363 51.26 2.66 24.71
C GLU B 363 51.02 3.81 23.76
N ILE B 364 49.97 4.56 24.03
CA ILE B 364 49.72 5.86 23.40
C ILE B 364 49.99 6.92 24.46
N SER B 365 50.90 7.84 24.17
CA SER B 365 51.28 8.87 25.14
C SER B 365 50.25 9.98 25.22
N GLY B 366 49.59 10.29 24.10
CA GLY B 366 48.59 11.34 24.06
C GLY B 366 47.19 10.78 24.18
N TYR B 367 46.31 11.25 23.30
CA TYR B 367 44.92 10.82 23.30
C TYR B 367 44.69 9.77 22.23
N LEU B 368 43.48 9.23 22.23
CA LEU B 368 43.02 8.30 21.22
C LEU B 368 41.67 8.81 20.75
N LYS B 369 41.44 8.77 19.44
CA LYS B 369 40.32 9.50 18.85
C LYS B 369 39.88 8.80 17.58
N ILE B 370 38.80 8.04 17.65
CA ILE B 370 38.09 7.60 16.46
C ILE B 370 36.99 8.60 16.16
N ARG B 371 37.01 9.14 14.94
CA ARG B 371 36.18 10.28 14.59
C ARG B 371 35.76 10.17 13.14
N ARG B 372 34.43 10.23 12.92
CA ARG B 372 33.72 10.38 11.62
C ARG B 372 33.93 9.23 10.65
N SER B 373 34.15 8.02 11.17
CA SER B 373 34.45 6.89 10.31
C SER B 373 33.23 6.02 10.09
N TYR B 374 33.25 5.26 9.01
CA TYR B 374 32.06 4.62 8.49
C TYR B 374 32.16 3.11 8.48
N ALA B 375 33.19 2.55 7.86
CA ALA B 375 33.26 1.13 7.59
C ALA B 375 34.08 0.38 8.62
N LEU B 376 34.45 1.03 9.71
CA LEU B 376 35.32 0.41 10.70
C LEU B 376 34.48 -0.43 11.64
N VAL B 377 34.59 -1.75 11.52
CA VAL B 377 33.62 -2.64 12.15
C VAL B 377 33.99 -2.93 13.61
N SER B 378 35.25 -2.79 14.00
CA SER B 378 35.66 -3.04 15.38
C SER B 378 36.84 -2.18 15.75
N LEU B 379 37.27 -2.32 17.00
CA LEU B 379 38.65 -2.06 17.41
C LEU B 379 39.28 -3.34 17.96
N SER B 380 39.11 -4.44 17.23
CA SER B 380 39.86 -5.66 17.51
C SER B 380 41.12 -5.78 16.66
N PHE B 381 41.45 -4.75 15.87
CA PHE B 381 42.65 -4.79 15.04
C PHE B 381 43.88 -4.45 15.87
N PHE B 382 43.67 -3.65 16.91
CA PHE B 382 44.65 -3.46 17.97
C PHE B 382 44.79 -4.77 18.73
N ARG B 383 45.97 -5.37 18.65
CA ARG B 383 46.15 -6.71 19.18
C ARG B 383 46.71 -6.69 20.60
N LYS B 384 47.65 -5.79 20.87
CA LYS B 384 48.33 -5.72 22.16
C LYS B 384 48.27 -4.32 22.76
N LEU B 385 47.17 -3.60 22.54
CA LEU B 385 47.04 -2.23 23.03
C LEU B 385 46.51 -2.25 24.45
N ARG B 386 47.36 -1.88 25.41
CA ARG B 386 47.03 -2.00 26.83
C ARG B 386 46.86 -0.66 27.53
N LEU B 387 47.86 0.21 27.48
CA LEU B 387 47.89 1.39 28.32
C LEU B 387 47.62 2.64 27.48
N ILE B 388 46.68 3.46 27.95
CA ILE B 388 46.54 4.83 27.49
C ILE B 388 47.12 5.74 28.57
N ARG B 389 48.18 6.47 28.22
CA ARG B 389 48.84 7.32 29.19
C ARG B 389 48.11 8.64 29.36
N GLY B 390 48.00 9.40 28.28
CA GLY B 390 47.35 10.70 28.35
C GLY B 390 48.24 11.77 28.93
N GLU B 391 49.45 11.90 28.39
CA GLU B 391 50.33 12.99 28.79
C GLU B 391 49.91 14.32 28.17
N THR B 392 49.54 14.30 26.89
CA THR B 392 49.05 15.50 26.20
C THR B 392 47.65 15.18 25.71
N LEU B 393 46.67 15.72 26.43
CA LEU B 393 45.29 15.26 26.35
C LEU B 393 44.54 15.86 25.17
N GLU B 394 43.39 15.27 24.89
CA GLU B 394 42.33 15.96 24.16
C GLU B 394 41.79 17.07 25.06
N ILE B 395 41.47 18.22 24.44
CA ILE B 395 41.38 19.55 25.04
C ILE B 395 40.12 19.69 25.91
N GLY B 396 40.32 20.04 27.17
CA GLY B 396 39.32 19.89 28.19
C GLY B 396 39.50 18.65 29.05
N ASN B 397 40.71 18.06 29.02
CA ASN B 397 41.21 16.86 29.75
C ASN B 397 40.38 15.61 29.45
N TYR B 398 40.44 15.19 28.19
CA TYR B 398 39.85 13.94 27.73
C TYR B 398 40.93 13.07 27.11
N SER B 399 40.63 11.77 26.99
CA SER B 399 41.59 10.85 26.39
C SER B 399 41.01 9.87 25.39
N PHE B 400 39.72 9.58 25.43
CA PHE B 400 39.10 8.65 24.51
C PHE B 400 37.87 9.33 23.93
N TYR B 401 37.60 9.07 22.66
CA TYR B 401 36.76 9.98 21.88
C TYR B 401 36.10 9.17 20.79
N ALA B 402 34.78 9.18 20.72
CA ALA B 402 34.06 8.43 19.70
C ALA B 402 32.93 9.29 19.15
N LEU B 403 32.87 9.42 17.83
CA LEU B 403 31.97 10.36 17.20
C LEU B 403 31.63 9.86 15.80
N ASP B 404 30.32 9.72 15.54
CA ASP B 404 29.65 9.42 14.25
C ASP B 404 30.04 8.08 13.63
N ASN B 405 30.35 7.09 14.46
CA ASN B 405 30.83 5.80 13.99
C ASN B 405 29.63 4.94 13.63
N GLN B 406 29.48 4.63 12.34
CA GLN B 406 28.22 4.10 11.84
C GLN B 406 28.09 2.59 12.02
N ASN B 407 29.15 1.85 11.74
CA ASN B 407 29.10 0.39 11.80
C ASN B 407 30.01 -0.18 12.87
N LEU B 408 30.31 0.60 13.89
CA LEU B 408 31.20 0.17 14.95
C LEU B 408 30.42 -0.69 15.94
N ARG B 409 30.81 -1.96 16.07
CA ARG B 409 30.02 -2.92 16.83
C ARG B 409 30.67 -3.35 18.14
N GLN B 410 31.90 -3.82 18.11
CA GLN B 410 32.59 -4.32 19.29
C GLN B 410 33.77 -3.43 19.56
N LEU B 411 33.91 -2.95 20.80
CA LEU B 411 35.14 -2.30 21.19
C LEU B 411 36.22 -3.35 21.42
N TRP B 412 36.10 -4.20 22.44
CA TRP B 412 37.09 -5.25 22.66
C TRP B 412 36.48 -6.51 23.24
N ASP B 413 37.19 -7.61 23.02
CA ASP B 413 36.97 -8.86 23.74
C ASP B 413 37.81 -8.82 25.00
N TRP B 414 37.28 -9.39 26.08
CA TRP B 414 37.80 -9.15 27.41
C TRP B 414 38.35 -10.43 28.03
N SER B 415 39.08 -11.19 27.24
CA SER B 415 39.82 -12.33 27.77
C SER B 415 41.08 -11.87 28.48
N LYS B 416 41.98 -11.20 27.76
CA LYS B 416 43.29 -10.83 28.27
C LYS B 416 43.66 -9.40 27.91
N HIS B 417 43.01 -8.83 26.87
CA HIS B 417 43.22 -7.49 26.32
C HIS B 417 42.65 -6.45 27.28
N ASN B 418 43.46 -6.08 28.25
CA ASN B 418 43.07 -5.12 29.25
C ASN B 418 43.26 -3.71 28.70
N LEU B 419 42.55 -2.77 29.29
CA LEU B 419 42.58 -1.38 28.85
C LEU B 419 42.76 -0.48 30.08
N THR B 420 44.01 -0.19 30.41
CA THR B 420 44.34 0.66 31.54
C THR B 420 44.38 2.10 31.06
N ILE B 421 43.52 2.95 31.63
CA ILE B 421 43.45 4.35 31.27
C ILE B 421 43.93 5.15 32.49
N THR B 422 45.03 5.89 32.31
CA THR B 422 45.60 6.63 33.43
C THR B 422 44.88 7.95 33.67
N GLN B 423 44.88 8.82 32.67
CA GLN B 423 44.28 10.14 32.76
C GLN B 423 43.20 10.29 31.69
N GLY B 424 42.35 11.29 31.87
CA GLY B 424 41.43 11.69 30.82
C GLY B 424 40.11 10.95 30.86
N LYS B 425 39.12 11.53 30.20
CA LYS B 425 37.76 11.01 30.24
C LYS B 425 37.32 10.53 28.86
N LEU B 426 36.18 9.84 28.87
CA LEU B 426 35.57 9.19 27.73
C LEU B 426 34.66 10.17 27.00
N PHE B 427 34.35 9.82 25.74
CA PHE B 427 33.14 10.28 25.07
C PHE B 427 32.57 9.17 24.20
N PHE B 428 31.25 9.22 24.05
CA PHE B 428 30.56 8.44 23.03
C PHE B 428 29.49 9.34 22.44
N HIS B 429 29.41 9.39 21.12
CA HIS B 429 28.47 10.28 20.44
C HIS B 429 27.96 9.60 19.18
N TYR B 430 26.64 9.36 19.17
CA TYR B 430 25.76 9.07 18.01
C TYR B 430 26.12 7.78 17.28
N ASN B 431 26.58 6.78 18.04
CA ASN B 431 27.02 5.53 17.46
C ASN B 431 25.91 4.51 17.55
N PRO B 432 25.23 4.15 16.46
CA PRO B 432 23.94 3.43 16.59
C PRO B 432 24.04 1.93 16.74
N LYS B 433 25.21 1.32 16.56
CA LYS B 433 25.35 -0.12 16.73
C LYS B 433 26.34 -0.47 17.83
N LEU B 434 26.40 0.35 18.88
CA LEU B 434 27.30 0.12 20.00
C LEU B 434 26.57 0.56 21.26
N CYS B 435 26.18 -0.40 22.09
CA CYS B 435 25.32 -0.14 23.23
C CYS B 435 26.14 0.11 24.48
N LEU B 436 25.44 0.26 25.60
CA LEU B 436 26.04 0.86 26.78
C LEU B 436 26.71 -0.19 27.68
N SER B 437 26.56 -1.48 27.37
CA SER B 437 27.23 -2.57 28.10
C SER B 437 28.73 -2.65 27.77
N GLU B 438 29.09 -2.30 26.53
CA GLU B 438 30.48 -2.16 26.16
C GLU B 438 31.09 -0.85 26.67
N ILE B 439 30.25 0.16 26.87
CA ILE B 439 30.65 1.42 27.49
C ILE B 439 30.85 1.21 29.00
N HIS B 440 30.06 0.31 29.60
CA HIS B 440 30.28 -0.15 30.98
C HIS B 440 31.48 -1.07 31.12
N LYS B 441 31.87 -1.76 30.04
CA LYS B 441 33.11 -2.52 30.01
C LYS B 441 34.37 -1.68 29.73
N MET B 442 34.25 -0.38 29.43
CA MET B 442 35.36 0.53 29.78
C MET B 442 35.47 0.68 31.29
N GLU B 443 34.33 0.83 31.96
CA GLU B 443 34.32 1.34 33.32
C GLU B 443 34.57 0.27 34.36
N GLU B 444 34.33 -1.00 34.05
CA GLU B 444 34.73 -2.07 34.96
C GLU B 444 36.14 -2.55 34.72
N VAL B 445 36.79 -2.11 33.65
CA VAL B 445 38.15 -2.51 33.32
C VAL B 445 39.14 -1.42 33.69
N SER B 446 38.87 -0.18 33.26
CA SER B 446 39.76 0.96 33.45
C SER B 446 39.73 1.51 34.87
N GLY B 447 38.64 1.30 35.60
CA GLY B 447 38.47 1.91 36.90
C GLY B 447 37.96 3.33 36.86
N THR B 448 37.44 3.78 35.73
CA THR B 448 37.10 5.16 35.48
C THR B 448 35.59 5.38 35.54
N LYS B 449 34.94 4.71 36.50
CA LYS B 449 33.54 4.97 36.80
C LYS B 449 33.36 6.31 37.49
N GLY B 450 34.18 6.59 38.50
CA GLY B 450 34.11 7.85 39.22
C GLY B 450 35.04 8.93 38.72
N ARG B 451 35.04 9.19 37.43
CA ARG B 451 35.82 10.30 36.87
C ARG B 451 34.97 11.23 36.03
N GLN B 452 34.04 10.71 35.23
CA GLN B 452 33.34 11.50 34.25
C GLN B 452 32.15 12.22 34.85
N GLU B 453 31.69 13.23 34.13
CA GLU B 453 30.59 14.10 34.54
C GLU B 453 29.47 13.98 33.52
N ARG B 454 28.51 14.90 33.60
CA ARG B 454 27.28 14.81 32.82
C ARG B 454 27.51 15.32 31.40
N ASN B 455 27.03 14.53 30.43
CA ASN B 455 27.35 14.47 29.00
C ASN B 455 28.86 14.39 28.77
N ASP B 456 29.44 13.42 29.46
CA ASP B 456 30.66 12.80 29.03
C ASP B 456 30.42 11.39 28.53
N ILE B 457 29.26 10.82 28.85
CA ILE B 457 28.68 9.71 28.10
C ILE B 457 27.30 10.18 27.66
N ALA B 458 27.08 10.25 26.35
CA ALA B 458 25.73 10.46 25.85
C ALA B 458 24.96 9.14 25.89
N LEU B 459 23.69 9.23 26.28
CA LEU B 459 22.96 8.05 26.71
C LEU B 459 21.84 7.64 25.78
N LYS B 460 21.12 8.60 25.20
CA LYS B 460 19.98 8.28 24.35
C LYS B 460 20.41 7.87 22.95
N THR B 461 21.50 8.43 22.45
CA THR B 461 21.87 8.26 21.05
C THR B 461 22.62 6.97 20.79
N ASN B 462 23.45 6.53 21.74
CA ASN B 462 24.48 5.53 21.49
C ASN B 462 23.91 4.12 21.59
N GLY B 463 23.54 3.56 20.45
CA GLY B 463 23.14 2.16 20.39
C GLY B 463 21.68 1.89 20.11
N ASP B 464 21.08 2.67 19.22
CA ASP B 464 19.66 2.57 18.95
C ASP B 464 19.35 1.83 17.65
N GLN B 465 20.18 0.86 17.24
CA GLN B 465 19.87 0.03 16.08
C GLN B 465 20.20 -1.45 16.27
N ALA B 466 20.40 -1.93 17.50
CA ALA B 466 20.76 -3.32 17.73
C ALA B 466 20.16 -3.84 19.02
N SER B 467 19.97 -5.16 19.06
CA SER B 467 19.38 -5.84 20.21
C SER B 467 20.51 -6.16 21.19
N CYS B 468 20.51 -5.47 22.32
CA CYS B 468 21.68 -5.43 23.21
C CYS B 468 21.27 -5.46 24.67
N GLU B 469 20.25 -6.26 24.99
CA GLU B 469 19.62 -6.19 26.30
C GLU B 469 20.13 -7.25 27.27
N ASN B 470 20.86 -8.25 26.74
CA ASN B 470 21.62 -9.39 27.29
C ASN B 470 21.07 -10.15 28.51
N GLU B 471 19.76 -10.27 28.60
CA GLU B 471 19.12 -11.32 29.39
C GLU B 471 18.13 -12.02 28.47
N LEU B 472 17.49 -13.07 28.99
CA LEU B 472 16.66 -13.92 28.16
C LEU B 472 15.18 -13.71 28.49
N LEU B 473 14.39 -13.44 27.45
CA LEU B 473 12.95 -13.65 27.51
C LEU B 473 12.63 -15.04 27.01
N LYS B 474 11.69 -15.70 27.66
CA LYS B 474 11.21 -17.00 27.23
C LYS B 474 9.71 -16.97 27.06
N PHE B 475 9.23 -17.64 26.03
CA PHE B 475 7.80 -17.86 25.86
C PHE B 475 7.34 -18.93 26.83
N SER B 476 6.14 -18.76 27.35
CA SER B 476 5.60 -19.67 28.34
C SER B 476 4.45 -20.51 27.82
N TYR B 477 3.63 -19.98 26.92
CA TYR B 477 2.42 -20.67 26.51
C TYR B 477 2.07 -20.26 25.08
N ILE B 478 2.11 -21.20 24.16
CA ILE B 478 1.68 -20.99 22.80
C ILE B 478 0.42 -21.85 22.60
N ARG B 479 -0.70 -21.20 22.39
CA ARG B 479 -1.89 -21.88 21.91
C ARG B 479 -2.23 -21.33 20.54
N THR B 480 -2.36 -22.21 19.56
CA THR B 480 -2.60 -21.81 18.19
C THR B 480 -4.05 -22.04 17.82
N SER B 481 -4.52 -21.26 16.85
CA SER B 481 -5.82 -21.44 16.22
C SER B 481 -5.69 -20.99 14.77
N PHE B 482 -6.82 -20.61 14.18
CA PHE B 482 -6.92 -20.43 12.74
C PHE B 482 -6.34 -19.10 12.26
N ASP B 483 -6.81 -17.96 12.78
CA ASP B 483 -6.11 -16.70 12.55
C ASP B 483 -5.62 -16.03 13.81
N LYS B 484 -5.83 -16.63 14.97
CA LYS B 484 -5.46 -16.04 16.25
C LYS B 484 -4.43 -16.95 16.88
N ILE B 485 -3.26 -16.41 17.21
CA ILE B 485 -2.25 -17.17 17.93
C ILE B 485 -2.10 -16.54 19.30
N LEU B 486 -2.43 -17.32 20.33
CA LEU B 486 -2.22 -16.90 21.71
C LEU B 486 -0.76 -17.09 22.05
N LEU B 487 -0.05 -16.00 22.25
CA LEU B 487 1.31 -16.04 22.73
C LEU B 487 1.26 -15.61 24.18
N ARG B 488 2.06 -16.26 25.03
CA ARG B 488 2.30 -15.78 26.37
C ARG B 488 3.79 -15.91 26.66
N TRP B 489 4.30 -14.97 27.44
CA TRP B 489 5.66 -15.09 27.95
C TRP B 489 5.64 -15.06 29.46
N GLU B 490 6.78 -15.33 30.02
CA GLU B 490 7.00 -15.04 31.43
C GLU B 490 7.35 -13.57 31.59
N PRO B 491 6.87 -12.87 32.65
CA PRO B 491 7.24 -11.45 32.82
C PRO B 491 8.63 -11.24 33.38
N TYR B 492 9.43 -10.46 32.66
CA TYR B 492 10.69 -9.98 33.21
C TYR B 492 10.36 -8.85 34.17
N TRP B 493 10.94 -8.91 35.36
CA TRP B 493 10.89 -7.77 36.25
C TRP B 493 12.25 -7.13 36.42
N PRO B 494 12.38 -5.82 36.20
CA PRO B 494 13.55 -5.08 36.72
C PRO B 494 13.51 -4.95 38.24
N PRO B 495 14.65 -4.78 38.94
CA PRO B 495 14.63 -4.73 40.42
C PRO B 495 14.14 -3.44 41.07
N ASP B 496 13.84 -2.39 40.32
CA ASP B 496 12.72 -1.51 40.63
C ASP B 496 11.58 -1.94 39.74
N PHE B 497 10.40 -2.17 40.30
CA PHE B 497 9.29 -2.72 39.54
C PHE B 497 8.45 -1.66 38.80
N ARG B 498 8.77 -0.39 38.96
CA ARG B 498 8.21 0.65 38.10
C ARG B 498 9.09 0.95 36.91
N ASP B 499 10.24 0.28 36.78
CA ASP B 499 11.17 0.55 35.68
C ASP B 499 10.87 -0.23 34.41
N LEU B 500 9.86 -1.09 34.40
CA LEU B 500 9.41 -1.73 33.17
C LEU B 500 8.40 -0.80 32.51
N LEU B 501 8.79 -0.17 31.40
CA LEU B 501 7.88 0.72 30.69
C LEU B 501 6.90 -0.06 29.82
N GLY B 502 7.25 -1.28 29.42
CA GLY B 502 6.37 -2.10 28.63
C GLY B 502 7.17 -3.05 27.75
N PHE B 503 6.50 -3.58 26.73
CA PHE B 503 7.19 -4.34 25.72
C PHE B 503 6.78 -3.80 24.37
N MET B 504 7.46 -4.28 23.34
CA MET B 504 6.89 -4.31 22.01
C MET B 504 7.05 -5.74 21.49
N LEU B 505 6.18 -6.11 20.55
CA LEU B 505 6.15 -7.46 20.02
C LEU B 505 6.27 -7.37 18.51
N PHE B 506 7.35 -7.93 18.00
CA PHE B 506 7.66 -7.88 16.57
C PHE B 506 7.23 -9.18 15.93
N TYR B 507 6.44 -9.09 14.86
CA TYR B 507 6.13 -10.27 14.08
C TYR B 507 6.34 -9.95 12.61
N LYS B 508 6.66 -10.99 11.85
CA LYS B 508 6.95 -10.86 10.43
C LYS B 508 6.60 -12.19 9.77
N GLU B 509 6.10 -12.12 8.54
CA GLU B 509 5.78 -13.32 7.80
C GLU B 509 7.05 -13.91 7.17
N ALA B 510 7.07 -15.23 7.05
CA ALA B 510 8.26 -15.92 6.56
C ALA B 510 7.88 -17.18 5.79
N PRO B 511 8.11 -17.23 4.46
CA PRO B 511 7.97 -18.51 3.74
C PRO B 511 9.10 -19.47 4.02
N TYR B 512 10.36 -19.01 4.00
CA TYR B 512 11.48 -19.84 4.39
C TYR B 512 11.95 -19.45 5.79
N GLN B 513 13.03 -20.11 6.23
CA GLN B 513 13.34 -20.17 7.65
C GLN B 513 14.26 -19.06 8.13
N ASN B 514 15.34 -18.78 7.43
CA ASN B 514 16.39 -17.90 7.96
C ASN B 514 16.03 -16.43 7.75
N VAL B 515 15.54 -15.83 8.83
CA VAL B 515 15.15 -14.43 8.89
C VAL B 515 16.21 -13.74 9.72
N THR B 516 16.72 -12.60 9.22
CA THR B 516 17.72 -11.79 9.92
C THR B 516 17.12 -11.07 11.12
N GLU B 517 17.99 -10.70 12.06
CA GLU B 517 17.57 -10.23 13.37
C GLU B 517 17.36 -8.73 13.38
N PHE B 518 17.10 -8.23 14.60
CA PHE B 518 16.60 -6.90 15.00
C PHE B 518 15.40 -6.39 14.21
N SER B 528 7.71 -5.62 7.06
CA SER B 528 8.82 -6.02 7.92
C SER B 528 8.71 -5.36 9.29
N TRP B 529 8.39 -6.20 10.27
CA TRP B 529 8.28 -5.95 11.73
C TRP B 529 7.24 -4.86 12.06
N THR B 530 5.99 -5.26 11.89
CA THR B 530 4.85 -4.43 12.31
C THR B 530 4.76 -4.38 13.83
N VAL B 531 4.78 -3.16 14.36
CA VAL B 531 5.05 -2.88 15.77
C VAL B 531 3.71 -2.79 16.49
N VAL B 532 3.56 -3.53 17.59
CA VAL B 532 2.47 -3.26 18.53
C VAL B 532 3.07 -2.80 19.85
N ASP B 533 2.29 -2.02 20.58
CA ASP B 533 2.73 -1.42 21.84
C ASP B 533 2.09 -2.30 22.90
N ILE B 534 2.89 -2.76 23.85
CA ILE B 534 2.43 -3.69 24.89
C ILE B 534 2.57 -2.97 26.23
N ASP B 535 1.46 -2.90 26.97
CA ASP B 535 1.42 -2.38 28.33
C ASP B 535 2.14 -3.32 29.30
N PRO B 536 2.69 -2.78 30.42
CA PRO B 536 3.14 -3.67 31.50
C PRO B 536 1.95 -4.22 32.27
N PRO B 537 2.06 -5.43 32.85
CA PRO B 537 0.95 -5.99 33.63
C PRO B 537 1.02 -5.53 35.08
N LEU B 538 0.07 -6.02 35.86
CA LEU B 538 0.00 -5.74 37.28
C LEU B 538 0.39 -6.99 38.05
N ARG B 539 1.14 -6.81 39.13
CA ARG B 539 1.43 -7.89 40.05
C ARG B 539 0.66 -7.69 41.34
N SER B 540 0.63 -8.74 42.16
CA SER B 540 0.21 -8.64 43.55
C SER B 540 1.41 -8.69 44.49
N ASN B 541 2.62 -8.54 43.91
CA ASN B 541 3.92 -9.06 44.38
C ASN B 541 3.80 -10.51 44.85
N ASP B 542 3.32 -11.38 43.97
CA ASP B 542 3.22 -12.80 44.27
C ASP B 542 4.01 -13.62 43.26
N PRO B 543 4.71 -14.70 43.71
CA PRO B 543 5.21 -15.70 42.76
C PRO B 543 4.30 -16.91 42.63
N LYS B 544 3.07 -16.82 43.14
CA LYS B 544 2.12 -17.91 43.11
C LYS B 544 1.33 -17.93 41.81
N SER B 545 0.67 -16.83 41.47
CA SER B 545 -0.02 -16.69 40.20
C SER B 545 0.86 -16.07 39.13
N GLN B 546 1.64 -15.04 39.51
CA GLN B 546 2.76 -14.30 38.91
C GLN B 546 2.57 -13.56 37.58
N ASN B 547 1.38 -13.63 36.95
CA ASN B 547 0.80 -12.76 35.91
C ASN B 547 1.59 -12.72 34.60
N HIS B 548 1.59 -13.87 33.91
CA HIS B 548 2.13 -14.12 32.57
C HIS B 548 1.37 -13.27 31.56
N PRO B 549 2.00 -12.17 31.00
CA PRO B 549 1.23 -11.16 30.27
C PRO B 549 0.72 -11.51 28.86
N GLY B 550 1.62 -11.70 27.89
CA GLY B 550 1.25 -12.04 26.53
C GLY B 550 0.48 -11.09 25.62
N TRP B 551 0.46 -11.42 24.32
CA TRP B 551 -0.39 -10.70 23.37
C TRP B 551 -0.83 -11.70 22.30
N LEU B 552 -2.06 -11.52 21.82
CA LEU B 552 -2.60 -12.31 20.74
C LEU B 552 -2.72 -11.45 19.48
N MET B 553 -2.32 -12.03 18.35
CA MET B 553 -2.42 -11.41 17.05
C MET B 553 -3.76 -11.71 16.39
N ARG B 554 -4.17 -10.81 15.51
CA ARG B 554 -5.48 -10.92 14.88
C ARG B 554 -5.36 -11.08 13.38
N GLY B 555 -6.22 -11.95 12.84
CA GLY B 555 -6.85 -11.83 11.53
C GLY B 555 -5.99 -11.97 10.29
N LEU B 556 -5.24 -13.06 10.17
CA LEU B 556 -4.27 -13.19 9.10
C LEU B 556 -4.32 -14.62 8.56
N LYS B 557 -4.01 -14.74 7.24
CA LYS B 557 -4.25 -15.76 6.21
C LYS B 557 -3.92 -17.21 6.59
N PRO B 558 -4.59 -18.21 6.00
CA PRO B 558 -4.15 -19.60 6.15
C PRO B 558 -2.84 -19.92 5.43
N TRP B 559 -2.16 -20.93 5.99
CA TRP B 559 -1.07 -21.77 5.40
C TRP B 559 0.20 -20.94 5.17
N THR B 560 0.60 -20.18 6.20
CA THR B 560 1.78 -19.33 6.13
C THR B 560 2.47 -19.38 7.49
N GLN B 561 3.77 -19.69 7.51
CA GLN B 561 4.57 -19.57 8.72
C GLN B 561 4.85 -18.10 9.01
N TYR B 562 4.94 -17.76 10.30
CA TYR B 562 5.31 -16.41 10.69
C TYR B 562 6.45 -16.46 11.69
N ALA B 563 7.31 -15.45 11.66
CA ALA B 563 8.44 -15.34 12.57
C ALA B 563 8.14 -14.23 13.57
N ILE B 564 8.14 -14.57 14.86
CA ILE B 564 7.63 -13.69 15.91
C ILE B 564 8.69 -13.68 17.03
N PHE B 565 9.13 -12.49 17.48
CA PHE B 565 9.93 -12.43 18.70
C PHE B 565 9.53 -11.23 19.57
N VAL B 566 9.89 -11.32 20.85
CA VAL B 566 9.49 -10.34 21.86
C VAL B 566 10.76 -9.76 22.49
N LYS B 567 10.72 -8.45 22.77
CA LYS B 567 11.84 -7.70 23.31
C LYS B 567 11.23 -6.62 24.21
N THR B 568 11.97 -6.24 25.26
CA THR B 568 11.40 -5.41 26.30
C THR B 568 11.49 -3.92 25.96
N LEU B 569 11.01 -3.10 26.88
CA LEU B 569 11.18 -1.65 26.84
C LEU B 569 11.22 -1.14 28.27
N VAL B 570 12.38 -0.68 28.70
CA VAL B 570 12.57 -0.26 30.08
C VAL B 570 12.29 1.23 30.21
N THR B 571 11.90 1.63 31.41
CA THR B 571 12.00 3.03 31.77
C THR B 571 13.47 3.29 32.04
N PHE B 572 13.99 4.34 31.42
CA PHE B 572 15.43 4.58 31.44
C PHE B 572 15.84 5.31 32.71
N SER B 573 16.64 4.65 33.53
CA SER B 573 17.32 5.30 34.63
C SER B 573 18.49 6.10 34.08
N ASP B 574 18.68 7.30 34.63
CA ASP B 574 19.72 8.21 34.18
C ASP B 574 21.11 7.79 34.66
N GLU B 575 21.20 7.07 35.78
CA GLU B 575 22.49 6.77 36.38
C GLU B 575 23.07 5.48 35.85
N ARG B 576 22.37 4.37 36.05
CA ARG B 576 22.92 3.04 35.94
C ARG B 576 22.77 2.50 34.53
N ARG B 577 22.96 1.18 34.42
CA ARG B 577 22.65 0.42 33.20
C ARG B 577 21.16 0.34 32.96
N THR B 578 20.78 0.18 31.67
CA THR B 578 19.49 0.54 31.09
C THR B 578 18.27 -0.28 31.54
N TYR B 579 18.09 -1.48 30.96
CA TYR B 579 18.01 -2.86 31.45
C TYR B 579 17.44 -3.60 30.25
N GLY B 580 17.22 -4.91 30.35
CA GLY B 580 16.30 -5.53 29.43
C GLY B 580 16.48 -7.02 29.36
N ALA B 581 15.70 -7.62 28.47
CA ALA B 581 15.79 -9.02 28.08
C ALA B 581 15.24 -9.14 26.66
N LYS B 582 15.59 -10.23 25.99
CA LYS B 582 15.12 -10.46 24.63
C LYS B 582 14.98 -11.95 24.41
N SER B 583 14.12 -12.31 23.46
CA SER B 583 13.87 -13.70 23.14
C SER B 583 14.45 -14.03 21.78
N ASP B 584 14.63 -15.32 21.56
CA ASP B 584 14.89 -15.82 20.22
C ASP B 584 13.58 -15.95 19.47
N ILE B 585 13.69 -16.00 18.14
CA ILE B 585 12.53 -15.95 17.26
C ILE B 585 11.98 -17.35 17.14
N ILE B 586 10.70 -17.52 17.46
CA ILE B 586 10.02 -18.79 17.29
C ILE B 586 9.08 -18.70 16.10
N TYR B 587 8.65 -19.85 15.60
CA TYR B 587 7.98 -19.96 14.31
C TYR B 587 6.64 -20.64 14.50
N VAL B 588 5.55 -19.91 14.26
CA VAL B 588 4.20 -20.47 14.32
C VAL B 588 3.66 -20.57 12.91
N GLN B 589 3.30 -21.78 12.48
CA GLN B 589 2.59 -21.98 11.23
C GLN B 589 1.11 -22.20 11.54
N THR B 590 0.24 -21.82 10.60
CA THR B 590 -1.20 -21.87 10.82
C THR B 590 -1.87 -22.87 9.86
N ASP B 591 -3.11 -23.22 10.20
CA ASP B 591 -3.91 -24.18 9.45
C ASP B 591 -4.95 -23.48 8.55
N ALA B 592 -5.85 -24.26 7.97
CA ALA B 592 -6.65 -23.78 6.85
C ALA B 592 -8.11 -24.18 7.02
N THR B 593 -8.87 -24.02 5.95
CA THR B 593 -10.33 -24.07 5.96
C THR B 593 -10.81 -24.57 4.60
N ASN B 594 -12.10 -24.37 4.29
CA ASN B 594 -12.60 -24.48 2.92
C ASN B 594 -12.00 -23.36 2.06
N PRO B 595 -11.54 -23.66 0.80
CA PRO B 595 -10.98 -22.58 -0.04
C PRO B 595 -12.02 -21.77 -0.79
N SER B 596 -11.57 -20.90 -1.68
CA SER B 596 -12.43 -19.91 -2.30
C SER B 596 -13.08 -20.44 -3.57
N VAL B 597 -13.70 -19.53 -4.32
CA VAL B 597 -14.35 -19.86 -5.60
C VAL B 597 -13.28 -20.00 -6.68
N PRO B 598 -13.23 -21.12 -7.42
CA PRO B 598 -12.44 -21.16 -8.66
C PRO B 598 -13.16 -20.36 -9.76
N LEU B 599 -12.53 -19.28 -10.19
CA LEU B 599 -13.22 -18.26 -10.95
C LEU B 599 -13.28 -18.60 -12.43
N ASP B 600 -14.07 -17.78 -13.15
CA ASP B 600 -14.40 -17.66 -14.58
C ASP B 600 -14.66 -18.96 -15.37
N PRO B 601 -15.84 -19.64 -15.19
CA PRO B 601 -16.07 -20.91 -15.91
C PRO B 601 -16.69 -20.77 -17.29
N ILE B 602 -15.96 -21.22 -18.30
CA ILE B 602 -16.43 -21.17 -19.69
C ILE B 602 -16.78 -22.59 -20.10
N SER B 603 -18.06 -22.82 -20.40
CA SER B 603 -18.53 -24.11 -20.90
C SER B 603 -18.50 -24.10 -22.42
N VAL B 604 -17.61 -24.88 -23.01
CA VAL B 604 -17.41 -24.92 -24.44
C VAL B 604 -18.17 -26.10 -25.00
N SER B 605 -19.26 -25.81 -25.72
CA SER B 605 -20.04 -26.84 -26.41
C SER B 605 -19.48 -27.00 -27.82
N ASN B 606 -18.36 -27.72 -27.92
CA ASN B 606 -17.70 -27.91 -29.20
C ASN B 606 -18.36 -29.00 -30.06
N SER B 607 -19.15 -29.87 -29.45
CA SER B 607 -19.84 -30.93 -30.18
C SER B 607 -21.28 -30.96 -29.73
N SER B 608 -22.03 -31.92 -30.25
CA SER B 608 -23.41 -32.14 -29.86
C SER B 608 -23.56 -33.00 -28.61
N SER B 609 -22.48 -33.62 -28.15
CA SER B 609 -22.49 -34.35 -26.89
C SER B 609 -21.36 -33.97 -25.95
N GLN B 610 -20.48 -33.04 -26.35
CA GLN B 610 -19.29 -32.73 -25.57
C GLN B 610 -19.34 -31.31 -25.05
N ILE B 611 -19.19 -31.17 -23.73
CA ILE B 611 -19.16 -29.89 -23.03
C ILE B 611 -17.79 -29.79 -22.38
N ILE B 612 -17.01 -28.76 -22.74
CA ILE B 612 -15.65 -28.60 -22.25
C ILE B 612 -15.63 -27.44 -21.25
N LEU B 613 -15.25 -27.72 -20.01
CA LEU B 613 -15.15 -26.71 -18.97
C LEU B 613 -13.71 -26.28 -18.77
N LYS B 614 -13.51 -24.98 -18.51
CA LYS B 614 -12.22 -24.42 -18.17
C LYS B 614 -12.36 -23.50 -16.98
N TRP B 615 -11.42 -23.60 -16.04
CA TRP B 615 -11.43 -22.78 -14.83
C TRP B 615 -10.00 -22.59 -14.35
N LYS B 616 -9.88 -21.91 -13.21
CA LYS B 616 -8.58 -21.45 -12.69
C LYS B 616 -8.46 -21.91 -11.24
N PRO B 617 -7.30 -21.76 -10.58
CA PRO B 617 -7.24 -21.91 -9.12
C PRO B 617 -7.95 -20.78 -8.40
N PRO B 618 -8.46 -21.02 -7.17
CA PRO B 618 -9.13 -19.93 -6.41
C PRO B 618 -8.16 -18.93 -5.78
N SER B 619 -8.76 -17.87 -5.23
CA SER B 619 -8.01 -16.76 -4.65
C SER B 619 -7.44 -17.12 -3.28
N ASP B 620 -8.19 -17.87 -2.49
CA ASP B 620 -7.64 -18.50 -1.30
C ASP B 620 -7.23 -19.91 -1.67
N PRO B 621 -5.90 -20.26 -1.65
CA PRO B 621 -5.51 -21.66 -1.95
C PRO B 621 -5.79 -22.63 -0.82
N ASN B 622 -5.37 -22.24 0.40
CA ASN B 622 -5.67 -22.83 1.72
C ASN B 622 -5.21 -24.29 1.87
N GLY B 623 -3.95 -24.54 1.56
CA GLY B 623 -3.39 -25.86 1.69
C GLY B 623 -3.06 -26.47 0.35
N ASN B 624 -2.53 -27.68 0.41
CA ASN B 624 -2.30 -28.49 -0.78
C ASN B 624 -3.64 -29.06 -1.22
N ILE B 625 -4.10 -28.61 -2.39
CA ILE B 625 -5.48 -28.80 -2.83
C ILE B 625 -5.63 -30.20 -3.42
N THR B 626 -6.59 -30.97 -2.89
CA THR B 626 -6.76 -32.37 -3.26
C THR B 626 -7.41 -32.54 -4.63
N HIS B 627 -8.67 -32.08 -4.77
CA HIS B 627 -9.36 -32.19 -6.05
C HIS B 627 -10.21 -30.95 -6.27
N TYR B 628 -10.97 -30.96 -7.35
CA TYR B 628 -11.94 -29.92 -7.65
C TYR B 628 -13.26 -30.62 -7.94
N LEU B 629 -14.23 -30.44 -7.06
CA LEU B 629 -15.45 -31.25 -7.09
C LEU B 629 -16.44 -30.65 -8.09
N VAL B 630 -16.75 -31.41 -9.13
CA VAL B 630 -17.57 -30.97 -10.25
C VAL B 630 -18.87 -31.75 -10.24
N PHE B 631 -19.99 -31.06 -10.10
CA PHE B 631 -21.32 -31.64 -10.19
C PHE B 631 -21.99 -31.19 -11.48
N TRP B 632 -22.82 -32.07 -12.05
CA TRP B 632 -23.65 -31.71 -13.20
C TRP B 632 -24.96 -32.45 -13.11
N GLU B 633 -25.96 -31.92 -13.82
CA GLU B 633 -27.33 -32.41 -13.71
C GLU B 633 -28.08 -32.08 -15.00
N ARG B 634 -28.84 -33.06 -15.50
CA ARG B 634 -29.71 -32.84 -16.65
C ARG B 634 -30.95 -32.08 -16.20
N GLN B 635 -31.05 -30.82 -16.62
CA GLN B 635 -32.22 -30.01 -16.33
C GLN B 635 -33.34 -30.37 -17.29
N ALA B 636 -34.52 -30.65 -16.75
CA ALA B 636 -35.71 -30.79 -17.56
C ALA B 636 -36.18 -29.41 -18.00
N GLU B 637 -36.66 -29.32 -19.24
CA GLU B 637 -37.08 -28.06 -19.80
C GLU B 637 -38.49 -27.70 -19.32
N ASP B 638 -38.88 -26.44 -19.56
CA ASP B 638 -40.02 -25.84 -18.87
C ASP B 638 -41.34 -26.20 -19.52
N SER B 639 -42.42 -26.12 -18.73
CA SER B 639 -43.73 -26.59 -19.13
C SER B 639 -44.55 -25.54 -19.88
N GLU B 640 -44.05 -24.31 -20.01
CA GLU B 640 -44.72 -23.28 -20.77
C GLU B 640 -44.52 -23.42 -22.28
N LEU B 641 -43.49 -24.14 -22.70
CA LEU B 641 -43.17 -24.31 -24.12
C LEU B 641 -43.97 -25.42 -24.78
N PHE B 642 -44.67 -26.26 -24.01
CA PHE B 642 -45.64 -27.18 -24.56
C PHE B 642 -46.89 -26.45 -25.04
N GLU B 643 -47.28 -25.39 -24.34
CA GLU B 643 -48.60 -24.77 -24.49
C GLU B 643 -48.49 -23.32 -24.95
N LEU B 644 -47.64 -23.05 -25.94
CA LEU B 644 -47.55 -21.73 -26.55
C LEU B 644 -47.94 -21.83 -28.02
N ASP B 645 -48.93 -21.03 -28.42
CA ASP B 645 -49.40 -21.00 -29.80
C ASP B 645 -48.44 -20.12 -30.61
N TYR B 646 -47.56 -20.77 -31.36
CA TYR B 646 -46.65 -20.05 -32.23
C TYR B 646 -47.10 -20.05 -33.68
N CYS B 647 -48.30 -20.56 -33.99
CA CYS B 647 -48.99 -20.14 -35.21
C CYS B 647 -49.77 -18.84 -35.02
N LEU B 648 -50.01 -18.42 -33.78
CA LEU B 648 -50.11 -17.00 -33.52
C LEU B 648 -48.71 -16.41 -33.67
N LYS B 649 -48.58 -15.41 -34.54
CA LYS B 649 -47.28 -14.90 -34.93
C LYS B 649 -46.73 -13.93 -33.89
N GLY B 650 -45.40 -13.80 -33.87
CA GLY B 650 -44.73 -13.49 -32.62
C GLY B 650 -43.75 -14.58 -32.25
N LEU B 651 -43.05 -15.12 -33.26
CA LEU B 651 -42.25 -16.35 -33.24
C LEU B 651 -40.83 -16.20 -32.63
N LYS B 652 -40.51 -15.16 -31.85
CA LYS B 652 -39.14 -14.93 -31.38
C LYS B 652 -38.90 -15.78 -30.13
N LEU B 653 -38.11 -16.80 -30.30
CA LEU B 653 -37.60 -18.01 -29.66
C LEU B 653 -36.19 -17.75 -29.11
N PRO B 654 -35.78 -18.42 -28.00
CA PRO B 654 -34.39 -18.25 -27.51
C PRO B 654 -33.38 -19.03 -28.35
N SER B 655 -32.26 -18.37 -28.66
CA SER B 655 -31.14 -18.97 -29.35
C SER B 655 -29.98 -19.10 -28.36
N ARG B 656 -29.48 -20.32 -28.19
CA ARG B 656 -28.73 -20.71 -27.01
C ARG B 656 -28.04 -22.05 -27.24
N LEU B 696 -27.23 -3.37 11.65
CA LEU B 696 -26.27 -4.02 12.53
C LEU B 696 -26.77 -4.11 13.97
N GLU B 697 -28.10 -4.07 14.14
CA GLU B 697 -28.67 -4.15 15.49
C GLU B 697 -28.94 -5.59 15.91
N GLU B 698 -28.74 -6.56 15.01
CA GLU B 698 -28.61 -7.97 15.42
C GLU B 698 -27.20 -8.23 15.96
N SER B 699 -26.21 -7.46 15.49
CA SER B 699 -24.90 -7.49 16.13
C SER B 699 -24.90 -6.75 17.46
N SER B 700 -25.72 -5.70 17.59
CA SER B 700 -25.53 -4.71 18.64
C SER B 700 -26.16 -5.12 19.96
N PHE B 701 -27.19 -5.99 19.91
CA PHE B 701 -27.89 -6.37 21.14
C PHE B 701 -27.14 -7.45 21.89
N ARG B 702 -26.31 -8.23 21.18
CA ARG B 702 -25.60 -9.33 21.81
C ARG B 702 -24.36 -8.83 22.53
N LYS B 703 -23.69 -7.82 21.97
CA LYS B 703 -22.47 -7.27 22.57
C LYS B 703 -22.74 -6.32 23.74
N THR B 704 -23.98 -5.83 23.90
CA THR B 704 -24.31 -5.04 25.08
C THR B 704 -24.51 -5.98 26.25
N PHE B 705 -25.24 -7.07 25.99
CA PHE B 705 -25.43 -8.28 26.79
C PHE B 705 -24.13 -9.04 27.11
N GLU B 706 -23.14 -9.00 26.21
CA GLU B 706 -21.82 -9.54 26.50
C GLU B 706 -21.02 -8.64 27.44
N ASP B 707 -21.31 -7.33 27.43
CA ASP B 707 -20.67 -6.42 28.37
C ASP B 707 -21.43 -6.23 29.67
N TYR B 708 -22.47 -7.03 29.96
CA TYR B 708 -22.94 -7.08 31.35
C TYR B 708 -22.29 -8.24 32.10
N LEU B 709 -21.53 -9.07 31.39
CA LEU B 709 -20.52 -9.89 32.04
C LEU B 709 -19.40 -8.97 32.47
N HIS B 710 -19.38 -8.63 33.75
CA HIS B 710 -18.46 -7.64 34.27
C HIS B 710 -17.78 -8.17 35.53
N GLU B 754 -30.05 -38.41 0.35
CA GLU B 754 -29.30 -37.88 -0.78
C GLU B 754 -29.96 -38.26 -2.11
N GLU B 755 -29.82 -37.37 -3.09
CA GLU B 755 -30.23 -37.66 -4.46
C GLU B 755 -28.98 -37.89 -5.30
N HIS B 756 -28.96 -39.01 -6.02
CA HIS B 756 -27.76 -39.44 -6.73
C HIS B 756 -27.66 -38.72 -8.06
N ARG B 757 -26.90 -37.66 -8.08
CA ARG B 757 -26.39 -36.95 -9.24
C ARG B 757 -24.98 -37.43 -9.59
N PRO B 758 -24.58 -37.48 -10.87
CA PRO B 758 -23.20 -37.84 -11.21
C PRO B 758 -22.20 -36.73 -10.93
N PHE B 759 -21.00 -37.16 -10.54
CA PHE B 759 -19.94 -36.25 -10.12
C PHE B 759 -18.59 -36.90 -10.40
N GLU B 760 -17.56 -36.07 -10.38
CA GLU B 760 -16.20 -36.51 -10.68
C GLU B 760 -15.22 -35.75 -9.79
N LYS B 761 -14.38 -36.48 -9.07
CA LYS B 761 -13.33 -35.88 -8.25
C LYS B 761 -12.16 -35.56 -9.17
N VAL B 762 -12.07 -34.33 -9.64
CA VAL B 762 -11.10 -33.94 -10.64
C VAL B 762 -9.81 -33.60 -9.90
N VAL B 763 -8.94 -34.59 -9.75
CA VAL B 763 -7.72 -34.47 -8.95
C VAL B 763 -6.65 -33.79 -9.80
N ASN B 764 -6.33 -32.52 -9.44
CA ASN B 764 -5.21 -31.66 -9.92
C ASN B 764 -5.26 -31.33 -11.41
N LYS B 765 -6.46 -31.27 -11.98
CA LYS B 765 -6.67 -30.97 -13.38
C LYS B 765 -7.67 -29.84 -13.46
N GLU B 766 -7.36 -28.83 -14.28
CA GLU B 766 -8.16 -27.62 -14.33
C GLU B 766 -9.07 -27.55 -15.55
N SER B 767 -9.19 -28.64 -16.30
CA SER B 767 -10.09 -28.72 -17.44
C SER B 767 -10.87 -30.02 -17.37
N LEU B 768 -12.09 -29.99 -17.89
CA LEU B 768 -12.92 -31.19 -17.90
C LEU B 768 -13.80 -31.23 -19.14
N VAL B 769 -13.79 -32.38 -19.81
CA VAL B 769 -14.73 -32.68 -20.89
C VAL B 769 -15.85 -33.55 -20.29
N ILE B 770 -17.08 -33.31 -20.72
CA ILE B 770 -18.24 -34.07 -20.29
C ILE B 770 -18.72 -34.89 -21.48
N SER B 771 -18.76 -36.21 -21.31
CA SER B 771 -19.10 -37.11 -22.41
C SER B 771 -20.42 -37.82 -22.12
N GLY B 772 -21.15 -38.13 -23.19
CA GLY B 772 -22.35 -38.93 -23.11
C GLY B 772 -23.57 -38.19 -22.62
N LEU B 773 -24.00 -37.18 -23.36
CA LEU B 773 -25.12 -36.35 -22.95
C LEU B 773 -26.22 -36.35 -24.01
N ARG B 774 -27.40 -35.92 -23.59
CA ARG B 774 -28.50 -35.70 -24.51
C ARG B 774 -28.27 -34.41 -25.29
N HIS B 775 -28.49 -34.46 -26.59
CA HIS B 775 -28.15 -33.35 -27.47
C HIS B 775 -29.25 -32.29 -27.44
N PHE B 776 -28.79 -31.01 -27.42
CA PHE B 776 -29.54 -29.74 -27.29
C PHE B 776 -30.43 -29.71 -26.06
N THR B 777 -29.83 -29.93 -24.91
CA THR B 777 -30.51 -30.10 -23.64
C THR B 777 -29.84 -29.17 -22.64
N GLY B 778 -30.63 -28.51 -21.79
CA GLY B 778 -30.09 -27.67 -20.74
C GLY B 778 -29.49 -28.49 -19.61
N TYR B 779 -28.31 -28.06 -19.17
CA TYR B 779 -27.57 -28.70 -18.09
C TYR B 779 -27.08 -27.64 -17.13
N ARG B 780 -27.15 -27.92 -15.84
CA ARG B 780 -26.62 -27.02 -14.82
C ARG B 780 -25.38 -27.64 -14.20
N ILE B 781 -24.28 -26.88 -14.19
CA ILE B 781 -22.95 -27.42 -13.91
C ILE B 781 -22.40 -26.67 -12.70
N GLU B 782 -22.13 -27.42 -11.63
CA GLU B 782 -21.72 -26.88 -10.35
C GLU B 782 -20.28 -27.29 -10.07
N LEU B 783 -19.42 -26.33 -9.74
CA LEU B 783 -18.03 -26.63 -9.43
C LEU B 783 -17.69 -26.17 -8.02
N GLN B 784 -16.70 -26.85 -7.43
CA GLN B 784 -16.18 -26.54 -6.10
C GLN B 784 -14.69 -26.82 -6.07
N ALA B 785 -14.07 -26.53 -4.92
CA ALA B 785 -12.66 -26.77 -4.69
C ALA B 785 -12.48 -27.39 -3.33
N CYS B 786 -11.79 -28.53 -3.25
CA CYS B 786 -11.58 -29.21 -1.98
C CYS B 786 -10.08 -29.37 -1.73
N ASN B 787 -9.64 -28.95 -0.55
CA ASN B 787 -8.26 -29.05 -0.12
C ASN B 787 -7.94 -30.24 0.78
N GLN B 788 -8.97 -30.91 1.29
CA GLN B 788 -8.87 -32.07 2.15
C GLN B 788 -10.17 -32.84 1.95
N ASP B 789 -10.06 -34.11 1.57
CA ASP B 789 -11.27 -34.88 1.25
C ASP B 789 -11.42 -36.17 2.04
N THR B 790 -10.37 -37.00 2.13
CA THR B 790 -10.50 -38.32 2.75
C THR B 790 -10.40 -38.22 4.30
N PRO B 791 -9.52 -37.31 4.96
CA PRO B 791 -9.93 -36.90 6.35
C PRO B 791 -10.91 -35.73 6.42
N GLU B 792 -12.18 -36.06 6.10
CA GLU B 792 -13.41 -35.31 5.78
C GLU B 792 -13.33 -34.18 4.74
N GLU B 793 -14.43 -34.03 4.00
CA GLU B 793 -14.46 -33.27 2.74
C GLU B 793 -14.61 -31.77 3.02
N ARG B 794 -13.47 -31.07 2.95
CA ARG B 794 -13.45 -29.63 3.18
C ARG B 794 -13.55 -28.93 1.83
N CYS B 795 -14.78 -28.83 1.32
CA CYS B 795 -15.05 -28.31 -0.01
C CYS B 795 -15.63 -26.90 0.06
N SER B 796 -15.59 -26.21 -1.10
CA SER B 796 -15.85 -24.79 -1.18
C SER B 796 -17.34 -24.49 -1.37
N VAL B 797 -17.64 -23.23 -1.67
CA VAL B 797 -18.94 -22.80 -2.14
C VAL B 797 -18.99 -22.98 -3.66
N ALA B 798 -20.18 -22.84 -4.24
CA ALA B 798 -20.46 -23.29 -5.59
C ALA B 798 -20.72 -22.14 -6.54
N ALA B 799 -20.43 -22.39 -7.82
CA ALA B 799 -20.81 -21.50 -8.91
C ALA B 799 -21.47 -22.34 -9.99
N TYR B 800 -22.44 -21.75 -10.68
CA TYR B 800 -23.43 -22.50 -11.45
C TYR B 800 -23.46 -22.00 -12.88
N VAL B 801 -23.29 -22.91 -13.84
CA VAL B 801 -23.22 -22.59 -15.27
C VAL B 801 -24.37 -23.33 -15.96
N SER B 802 -25.26 -22.56 -16.61
CA SER B 802 -26.20 -23.14 -17.55
C SER B 802 -25.53 -23.31 -18.92
N ALA B 803 -25.77 -24.46 -19.55
CA ALA B 803 -25.18 -24.74 -20.86
C ALA B 803 -26.11 -25.62 -21.68
N ARG B 804 -25.90 -25.57 -22.99
CA ARG B 804 -26.61 -26.40 -23.96
C ARG B 804 -25.63 -26.74 -25.07
N THR B 805 -25.78 -27.92 -25.68
CA THR B 805 -24.86 -28.42 -26.68
C THR B 805 -25.14 -27.85 -28.08
N MET B 806 -24.38 -28.33 -29.05
CA MET B 806 -24.73 -28.19 -30.46
C MET B 806 -25.97 -29.04 -30.82
N PRO B 807 -26.80 -28.58 -31.77
CA PRO B 807 -27.83 -29.47 -32.31
C PRO B 807 -27.27 -30.54 -33.23
N GLU B 808 -28.05 -31.59 -33.40
CA GLU B 808 -27.74 -32.63 -34.38
C GLU B 808 -28.60 -32.39 -35.61
N ALA B 809 -28.03 -32.68 -36.79
CA ALA B 809 -28.65 -32.34 -38.06
C ALA B 809 -29.79 -33.28 -38.43
N LYS B 810 -29.62 -34.58 -38.17
CA LYS B 810 -30.62 -35.58 -38.54
C LYS B 810 -31.70 -35.78 -37.48
N ALA B 811 -31.60 -35.10 -36.33
CA ALA B 811 -32.63 -35.22 -35.29
C ALA B 811 -33.86 -34.41 -35.63
N ASP B 812 -33.73 -33.36 -36.44
CA ASP B 812 -34.85 -32.60 -36.94
C ASP B 812 -35.19 -32.95 -38.38
N ASP B 813 -34.68 -34.07 -38.89
CA ASP B 813 -34.91 -34.47 -40.27
C ASP B 813 -35.91 -35.61 -40.33
N ILE B 814 -36.96 -35.42 -41.14
CA ILE B 814 -38.08 -36.34 -41.23
C ILE B 814 -37.70 -37.50 -42.14
N VAL B 815 -37.70 -38.71 -41.58
CA VAL B 815 -37.41 -39.92 -42.33
C VAL B 815 -38.70 -40.74 -42.45
N GLY B 816 -38.64 -41.77 -43.27
CA GLY B 816 -39.72 -42.73 -43.37
C GLY B 816 -40.86 -42.28 -44.28
N PRO B 817 -41.97 -43.06 -44.35
CA PRO B 817 -43.04 -42.71 -45.30
C PRO B 817 -43.99 -41.64 -44.77
N VAL B 818 -44.50 -40.83 -45.70
CA VAL B 818 -45.51 -39.81 -45.44
C VAL B 818 -46.68 -40.13 -46.37
N THR B 819 -47.86 -40.42 -45.79
CA THR B 819 -49.01 -40.87 -46.57
C THR B 819 -50.26 -40.05 -46.26
N HIS B 820 -51.32 -40.32 -47.01
CA HIS B 820 -52.49 -39.46 -47.02
C HIS B 820 -53.77 -40.29 -47.08
N GLU B 821 -54.90 -39.62 -46.81
CA GLU B 821 -56.23 -40.16 -47.04
C GLU B 821 -57.02 -39.19 -47.89
N ILE B 822 -57.62 -39.68 -48.97
CA ILE B 822 -58.51 -38.89 -49.82
C ILE B 822 -59.94 -39.22 -49.42
N PHE B 823 -60.65 -38.20 -48.94
CA PHE B 823 -62.03 -38.39 -48.47
C PHE B 823 -63.02 -38.12 -49.61
N GLU B 824 -64.30 -38.00 -49.25
CA GLU B 824 -65.39 -37.91 -50.21
C GLU B 824 -65.53 -36.54 -50.84
N ASN B 825 -65.16 -35.47 -50.13
CA ASN B 825 -65.27 -34.11 -50.64
C ASN B 825 -63.91 -33.42 -50.74
N ASN B 826 -62.92 -34.21 -51.23
CA ASN B 826 -61.50 -33.86 -51.54
C ASN B 826 -60.73 -33.31 -50.33
N VAL B 827 -60.89 -33.96 -49.19
CA VAL B 827 -60.19 -33.58 -47.96
C VAL B 827 -58.97 -34.48 -47.84
N VAL B 828 -57.78 -33.86 -47.79
CA VAL B 828 -56.53 -34.59 -47.66
C VAL B 828 -56.09 -34.53 -46.20
N HIS B 829 -56.09 -35.69 -45.54
CA HIS B 829 -55.67 -35.83 -44.17
C HIS B 829 -54.36 -36.60 -44.14
N LEU B 830 -53.34 -36.01 -43.54
CA LEU B 830 -51.96 -36.36 -43.82
C LEU B 830 -51.38 -37.13 -42.63
N MET B 831 -50.74 -38.27 -42.91
CA MET B 831 -50.08 -39.06 -41.88
C MET B 831 -48.58 -39.08 -42.12
N TRP B 832 -47.81 -38.89 -41.05
CA TRP B 832 -46.37 -38.82 -41.07
C TRP B 832 -45.86 -39.20 -39.69
N GLN B 833 -44.58 -39.55 -39.57
CA GLN B 833 -44.00 -39.93 -38.30
C GLN B 833 -42.76 -39.10 -37.97
N GLU B 834 -42.65 -38.72 -36.72
CA GLU B 834 -41.63 -37.86 -36.13
C GLU B 834 -40.32 -38.63 -35.94
N PRO B 835 -39.19 -37.92 -35.84
CA PRO B 835 -38.02 -38.54 -35.19
C PRO B 835 -38.26 -38.74 -33.71
N LYS B 836 -37.67 -39.81 -33.17
CA LYS B 836 -37.81 -40.13 -31.76
C LYS B 836 -36.93 -39.24 -30.88
N GLU B 837 -35.70 -38.97 -31.32
CA GLU B 837 -34.88 -37.96 -30.66
C GLU B 837 -35.03 -36.62 -31.40
N PRO B 838 -35.49 -35.56 -30.70
CA PRO B 838 -35.34 -34.21 -31.27
C PRO B 838 -34.12 -33.46 -30.76
N ASN B 839 -33.94 -32.23 -31.23
CA ASN B 839 -33.00 -31.30 -30.61
C ASN B 839 -33.79 -30.49 -29.56
N GLY B 840 -33.94 -31.11 -28.40
CA GLY B 840 -34.79 -30.64 -27.32
C GLY B 840 -36.24 -31.04 -27.56
N LEU B 841 -36.95 -30.21 -28.34
CA LEU B 841 -38.21 -30.56 -28.99
C LEU B 841 -38.32 -29.68 -30.25
N ILE B 842 -39.25 -30.04 -31.12
CA ILE B 842 -39.46 -29.36 -32.38
C ILE B 842 -40.74 -28.53 -32.25
N VAL B 843 -40.64 -27.23 -32.51
CA VAL B 843 -41.77 -26.35 -32.23
C VAL B 843 -42.69 -26.20 -33.44
N LEU B 844 -42.15 -26.10 -34.66
CA LEU B 844 -42.96 -25.74 -35.82
C LEU B 844 -42.74 -26.72 -36.96
N TYR B 845 -43.82 -26.93 -37.71
CA TYR B 845 -43.82 -27.78 -38.91
C TYR B 845 -44.53 -26.95 -39.97
N GLU B 846 -44.00 -26.92 -41.19
CA GLU B 846 -44.64 -26.18 -42.27
C GLU B 846 -44.58 -26.97 -43.55
N VAL B 847 -45.44 -26.61 -44.49
CA VAL B 847 -45.71 -27.39 -45.68
C VAL B 847 -45.64 -26.46 -46.90
N SER B 848 -45.06 -26.96 -48.00
CA SER B 848 -45.15 -26.31 -49.30
C SER B 848 -45.96 -27.24 -50.19
N TYR B 849 -47.27 -27.01 -50.26
CA TYR B 849 -48.12 -27.72 -51.19
C TYR B 849 -48.16 -26.96 -52.50
N ARG B 850 -47.85 -27.65 -53.59
CA ARG B 850 -47.67 -27.04 -54.89
C ARG B 850 -48.42 -27.85 -55.92
N ARG B 851 -49.13 -27.16 -56.81
CA ARG B 851 -49.70 -27.80 -57.98
C ARG B 851 -48.68 -27.74 -59.11
N TYR B 852 -49.05 -28.35 -60.24
CA TYR B 852 -48.16 -28.35 -61.41
C TYR B 852 -48.37 -27.05 -62.17
N GLY B 853 -47.64 -26.02 -61.76
CA GLY B 853 -47.72 -24.70 -62.38
C GLY B 853 -48.24 -23.59 -61.49
N ASP B 854 -48.71 -23.87 -60.27
CA ASP B 854 -49.25 -22.84 -59.40
C ASP B 854 -48.17 -22.33 -58.44
N GLU B 855 -48.56 -21.42 -57.55
CA GLU B 855 -47.62 -20.68 -56.71
C GLU B 855 -47.56 -21.28 -55.31
N GLU B 856 -46.60 -20.76 -54.53
CA GLU B 856 -46.30 -21.28 -53.20
C GLU B 856 -47.29 -20.76 -52.18
N LEU B 857 -47.92 -21.69 -51.44
CA LEU B 857 -48.92 -21.34 -50.44
C LEU B 857 -48.54 -21.93 -49.09
N HIS B 858 -48.88 -21.21 -48.03
CA HIS B 858 -48.27 -21.35 -46.71
C HIS B 858 -49.26 -21.85 -45.66
N LEU B 859 -48.84 -22.85 -44.88
CA LEU B 859 -49.57 -23.30 -43.71
C LEU B 859 -48.58 -23.82 -42.68
N CYS B 860 -48.72 -23.38 -41.43
CA CYS B 860 -47.99 -23.94 -40.30
C CYS B 860 -48.79 -25.06 -39.64
N VAL B 861 -48.06 -26.04 -39.10
CA VAL B 861 -48.59 -27.06 -38.21
C VAL B 861 -47.84 -26.91 -36.89
N SER B 862 -48.59 -26.68 -35.81
CA SER B 862 -48.02 -26.56 -34.48
C SER B 862 -48.00 -27.92 -33.78
N ARG B 863 -47.78 -27.89 -32.45
CA ARG B 863 -47.74 -29.12 -31.66
C ARG B 863 -49.13 -29.68 -31.41
N LYS B 864 -50.09 -28.80 -31.08
CA LYS B 864 -51.47 -29.22 -30.90
C LYS B 864 -52.24 -29.34 -32.21
N HIS B 865 -51.71 -28.79 -33.31
CA HIS B 865 -52.23 -29.12 -34.63
C HIS B 865 -51.78 -30.50 -35.08
N PHE B 866 -50.59 -30.93 -34.63
CA PHE B 866 -50.12 -32.29 -34.89
C PHE B 866 -50.86 -33.32 -34.03
N ALA B 867 -51.07 -33.01 -32.75
CA ALA B 867 -51.52 -34.01 -31.78
C ALA B 867 -53.02 -34.27 -31.84
N LEU B 868 -53.80 -33.35 -32.42
CA LEU B 868 -55.23 -33.55 -32.54
C LEU B 868 -55.63 -34.08 -33.91
N GLU B 869 -54.84 -33.81 -34.94
CA GLU B 869 -55.18 -34.21 -36.30
C GLU B 869 -54.42 -35.42 -36.79
N ARG B 870 -53.66 -36.10 -35.88
CA ARG B 870 -52.60 -37.16 -36.07
C ARG B 870 -51.63 -36.89 -37.23
N GLY B 871 -51.14 -35.66 -37.30
CA GLY B 871 -50.54 -35.14 -38.52
C GLY B 871 -51.20 -33.83 -38.90
N CYS B 872 -51.65 -33.73 -40.14
CA CYS B 872 -52.29 -32.50 -40.62
C CYS B 872 -53.48 -32.84 -41.50
N ARG B 873 -54.35 -31.85 -41.69
CA ARG B 873 -55.51 -31.98 -42.54
C ARG B 873 -55.60 -30.79 -43.48
N LEU B 874 -55.81 -31.05 -44.76
CA LEU B 874 -56.11 -30.04 -45.75
C LEU B 874 -57.53 -30.25 -46.27
N ARG B 875 -58.29 -29.16 -46.37
CA ARG B 875 -59.70 -29.22 -46.70
C ARG B 875 -60.01 -28.26 -47.85
N GLY B 876 -60.86 -28.70 -48.79
CA GLY B 876 -61.37 -27.86 -49.86
C GLY B 876 -60.40 -27.51 -50.96
N LEU B 877 -60.01 -28.49 -51.77
CA LEU B 877 -58.83 -28.37 -52.63
C LEU B 877 -59.23 -28.28 -54.10
N SER B 878 -58.43 -27.53 -54.86
CA SER B 878 -58.53 -27.53 -56.32
C SER B 878 -57.79 -28.75 -56.89
N PRO B 879 -58.44 -29.61 -57.69
CA PRO B 879 -57.84 -30.91 -58.02
C PRO B 879 -56.85 -30.87 -59.17
N GLY B 880 -55.93 -31.82 -59.14
CA GLY B 880 -54.88 -31.90 -60.14
C GLY B 880 -53.69 -32.66 -59.60
N ASN B 881 -52.56 -32.48 -60.27
CA ASN B 881 -51.30 -33.04 -59.80
C ASN B 881 -50.76 -32.20 -58.64
N TYR B 882 -50.15 -32.86 -57.65
CA TYR B 882 -49.72 -32.18 -56.44
C TYR B 882 -48.26 -32.51 -56.12
N SER B 883 -47.61 -31.54 -55.46
CA SER B 883 -46.20 -31.66 -55.06
C SER B 883 -46.07 -31.10 -53.65
N VAL B 884 -46.02 -31.98 -52.65
CA VAL B 884 -46.14 -31.62 -51.24
C VAL B 884 -44.81 -31.92 -50.54
N ARG B 885 -44.18 -30.88 -49.99
CA ARG B 885 -42.91 -31.01 -49.27
C ARG B 885 -43.00 -30.34 -47.90
N ILE B 886 -42.43 -30.98 -46.87
CA ILE B 886 -42.60 -30.63 -45.45
C ILE B 886 -41.22 -30.30 -44.88
N ARG B 887 -41.08 -29.16 -44.17
CA ARG B 887 -39.98 -28.97 -43.22
C ARG B 887 -40.46 -29.15 -41.78
N ALA B 888 -39.49 -29.29 -40.89
CA ALA B 888 -39.67 -29.10 -39.46
C ALA B 888 -38.74 -27.99 -38.99
N THR B 889 -39.16 -27.26 -37.96
CA THR B 889 -38.40 -26.15 -37.42
C THR B 889 -38.34 -26.31 -35.91
N SER B 890 -37.14 -26.52 -35.39
CA SER B 890 -36.94 -26.83 -33.98
C SER B 890 -36.66 -25.57 -33.19
N LEU B 891 -36.20 -25.77 -31.95
CA LEU B 891 -35.74 -24.67 -31.10
C LEU B 891 -34.41 -24.12 -31.57
N ALA B 892 -33.56 -24.96 -32.17
CA ALA B 892 -32.36 -24.47 -32.81
C ALA B 892 -32.67 -23.82 -34.15
N GLY B 893 -33.42 -24.50 -35.00
CA GLY B 893 -33.73 -23.95 -36.31
C GLY B 893 -34.39 -25.02 -37.20
N ASN B 894 -34.20 -24.84 -38.51
CA ASN B 894 -34.92 -25.65 -39.50
C ASN B 894 -34.24 -26.99 -39.75
N GLY B 895 -35.08 -28.01 -39.95
CA GLY B 895 -34.70 -29.19 -40.70
C GLY B 895 -35.01 -28.96 -42.17
N SER B 896 -34.56 -29.83 -43.06
CA SER B 896 -34.70 -29.60 -44.49
C SER B 896 -36.03 -30.14 -45.01
N TRP B 897 -36.20 -30.07 -46.33
CA TRP B 897 -37.45 -30.47 -46.95
C TRP B 897 -37.50 -31.97 -47.13
N THR B 898 -38.69 -32.47 -47.43
CA THR B 898 -38.83 -33.83 -47.95
C THR B 898 -38.96 -33.78 -49.47
N GLU B 899 -39.27 -34.93 -50.07
CA GLU B 899 -39.52 -35.06 -51.49
C GLU B 899 -40.96 -34.65 -51.79
N PRO B 900 -41.29 -34.26 -53.05
CA PRO B 900 -42.70 -34.04 -53.42
C PRO B 900 -43.47 -35.35 -53.54
N THR B 901 -44.64 -35.39 -52.90
CA THR B 901 -45.53 -36.54 -52.95
C THR B 901 -46.58 -36.31 -54.04
N TYR B 902 -46.65 -37.22 -54.99
CA TYR B 902 -47.49 -37.05 -56.19
C TYR B 902 -48.72 -37.93 -56.07
N PHE B 903 -49.90 -37.31 -56.07
CA PHE B 903 -51.19 -38.00 -55.95
C PHE B 903 -52.25 -37.15 -56.64
N TYR B 904 -53.48 -37.64 -56.64
CA TYR B 904 -54.56 -37.03 -57.41
C TYR B 904 -55.89 -37.25 -56.69
N VAL B 905 -56.53 -36.15 -56.27
CA VAL B 905 -57.89 -36.20 -55.76
C VAL B 905 -58.88 -36.15 -56.90
N THR B 906 -60.15 -36.41 -56.59
CA THR B 906 -61.20 -36.54 -57.60
C THR B 906 -61.67 -35.16 -58.06
N ASP B 907 -61.74 -34.96 -59.37
CA ASP B 907 -62.10 -33.66 -59.95
C ASP B 907 -63.59 -33.38 -59.87
N TYR B 908 -64.42 -34.44 -60.02
CA TYR B 908 -65.91 -34.46 -60.20
C TYR B 908 -66.39 -33.59 -61.36
N LEU B 909 -65.65 -33.59 -62.47
CA LEU B 909 -66.04 -32.92 -63.71
C LEU B 909 -66.03 -33.87 -64.89
N ASP B 910 -64.97 -34.65 -65.06
CA ASP B 910 -64.84 -35.57 -66.17
C ASP B 910 -65.02 -37.01 -65.70
N GLY C 1 -21.31 -2.61 25.11
CA GLY C 1 -20.55 -1.45 24.73
C GLY C 1 -19.08 -1.77 24.52
N ILE C 2 -18.74 -2.52 23.46
CA ILE C 2 -17.39 -3.04 23.32
C ILE C 2 -16.79 -2.72 21.95
N VAL C 3 -17.61 -2.35 20.94
CA VAL C 3 -17.08 -2.15 19.59
C VAL C 3 -16.68 -0.70 19.32
N GLU C 4 -16.80 0.17 20.32
CA GLU C 4 -16.06 1.41 20.36
C GLU C 4 -14.69 1.26 21.03
N GLN C 5 -14.34 0.08 21.54
CA GLN C 5 -13.00 -0.23 21.99
C GLN C 5 -12.37 -1.29 21.10
N CYS C 6 -13.01 -2.45 20.97
CA CYS C 6 -12.48 -3.65 20.36
C CYS C 6 -12.69 -3.75 18.85
N CYS C 7 -13.39 -2.81 18.24
CA CYS C 7 -13.43 -2.72 16.79
C CYS C 7 -12.79 -1.44 16.27
N THR C 8 -12.71 -0.39 17.10
CA THR C 8 -11.92 0.78 16.76
C THR C 8 -10.44 0.54 16.99
N SER C 9 -10.10 -0.36 17.91
CA SER C 9 -8.72 -0.74 18.20
C SER C 9 -8.74 -2.21 18.60
N ILE C 10 -7.70 -2.65 19.30
CA ILE C 10 -7.63 -3.99 19.87
C ILE C 10 -7.57 -3.85 21.39
N CYS C 11 -8.49 -4.51 22.08
CA CYS C 11 -8.49 -4.53 23.53
C CYS C 11 -7.45 -5.51 24.06
N SER C 12 -6.88 -5.19 25.22
CA SER C 12 -5.80 -6.00 25.77
C SER C 12 -6.35 -7.20 26.51
N LEU C 13 -5.44 -8.12 26.87
CA LEU C 13 -5.86 -9.47 27.22
C LEU C 13 -6.25 -9.64 28.66
N TYR C 14 -5.82 -8.75 29.57
CA TYR C 14 -6.34 -8.81 30.94
C TYR C 14 -7.74 -8.26 31.10
N GLN C 15 -8.19 -7.40 30.17
CA GLN C 15 -9.58 -6.95 30.11
C GLN C 15 -10.50 -8.08 29.68
N LEU C 16 -10.16 -8.76 28.59
CA LEU C 16 -10.93 -9.91 28.13
C LEU C 16 -10.63 -11.21 28.87
N GLU C 17 -9.53 -11.26 29.63
CA GLU C 17 -9.29 -12.34 30.60
C GLU C 17 -10.18 -12.15 31.84
N ASN C 18 -10.43 -10.90 32.26
CA ASN C 18 -11.44 -10.65 33.29
C ASN C 18 -12.88 -10.79 32.77
N TYR C 19 -13.11 -10.63 31.47
CA TYR C 19 -14.36 -11.06 30.85
C TYR C 19 -14.52 -12.58 30.80
N CYS C 20 -13.42 -13.36 30.66
CA CYS C 20 -13.46 -14.81 30.89
C CYS C 20 -13.69 -15.19 32.35
N HIS C 21 -13.17 -14.37 33.27
CA HIS C 21 -13.41 -14.55 34.72
C HIS C 21 -14.87 -14.24 35.09
N SER C 22 -15.48 -13.26 34.41
CA SER C 22 -16.90 -12.98 34.63
C SER C 22 -17.80 -13.93 33.86
N LEU C 23 -17.32 -14.55 32.78
CA LEU C 23 -18.10 -15.55 32.07
C LEU C 23 -18.12 -16.87 32.81
N GLN C 24 -16.95 -17.47 33.04
CA GLN C 24 -16.87 -18.77 33.68
C GLN C 24 -15.99 -18.72 34.92
N HIS D 5 -9.43 -4.19 15.97
CA HIS D 5 -10.21 -4.09 14.76
C HIS D 5 -10.66 -5.49 14.31
N LEU D 6 -11.30 -6.23 15.22
CA LEU D 6 -11.47 -7.66 15.01
C LEU D 6 -12.95 -8.02 14.83
N CYS D 7 -13.80 -7.39 15.67
CA CYS D 7 -15.22 -7.05 15.44
C CYS D 7 -16.17 -8.25 15.31
N GLY D 8 -16.44 -8.90 16.45
CA GLY D 8 -17.76 -9.50 16.56
C GLY D 8 -17.99 -10.93 17.02
N SER D 9 -18.51 -11.75 16.10
CA SER D 9 -18.81 -13.15 16.40
C SER D 9 -17.55 -14.00 16.47
N GLU D 10 -16.53 -13.60 15.70
CA GLU D 10 -15.16 -14.12 15.81
C GLU D 10 -14.46 -13.65 17.09
N LEU D 11 -14.84 -12.50 17.65
CA LEU D 11 -14.43 -12.13 18.98
C LEU D 11 -15.16 -12.91 20.07
N VAL D 12 -16.37 -13.44 19.80
CA VAL D 12 -17.07 -14.30 20.78
C VAL D 12 -16.45 -15.72 20.85
N GLU D 13 -16.14 -16.35 19.68
CA GLU D 13 -15.28 -17.57 19.75
C GLU D 13 -13.79 -17.30 20.01
N ALA D 14 -13.29 -16.06 19.85
CA ALA D 14 -11.96 -15.73 20.34
C ALA D 14 -11.92 -15.56 21.86
N LEU D 15 -13.02 -15.06 22.46
CA LEU D 15 -13.08 -15.00 23.92
C LEU D 15 -13.43 -16.34 24.53
N TYR D 16 -14.05 -17.26 23.77
CA TYR D 16 -14.18 -18.62 24.28
C TYR D 16 -12.86 -19.36 24.20
N LEU D 17 -12.15 -19.28 23.07
CA LEU D 17 -10.90 -20.02 22.91
C LEU D 17 -9.67 -19.41 23.56
N VAL D 18 -9.73 -18.20 24.14
CA VAL D 18 -8.57 -17.69 24.88
C VAL D 18 -8.52 -18.32 26.28
N CYS D 19 -9.67 -18.74 26.82
CA CYS D 19 -9.72 -19.40 28.12
C CYS D 19 -10.35 -20.79 27.98
N LEU D 20 -9.94 -21.52 26.96
CA LEU D 20 -10.24 -22.93 26.86
C LEU D 20 -8.96 -23.74 26.80
N GLY E 1 20.59 8.26 -29.35
CA GLY E 1 20.57 7.76 -27.99
C GLY E 1 19.81 8.66 -27.04
N ILE E 2 18.53 8.91 -27.34
CA ILE E 2 17.63 9.61 -26.45
C ILE E 2 16.35 8.81 -26.18
N VAL E 3 15.80 8.14 -27.20
CA VAL E 3 14.55 7.39 -27.10
C VAL E 3 14.81 6.03 -26.44
N GLU E 4 15.94 5.42 -26.78
CA GLU E 4 16.42 4.25 -26.05
C GLU E 4 17.08 4.59 -24.72
N GLN E 5 17.50 5.85 -24.52
CA GLN E 5 18.07 6.27 -23.25
C GLN E 5 17.02 6.48 -22.17
N CYS E 6 16.06 7.37 -22.40
CA CYS E 6 15.28 7.90 -21.27
C CYS E 6 13.77 7.70 -21.44
N CYS E 7 13.36 6.47 -21.77
CA CYS E 7 12.10 5.96 -21.25
C CYS E 7 12.23 4.55 -20.69
N THR E 8 13.46 4.04 -20.60
CA THR E 8 13.81 3.10 -19.54
C THR E 8 14.49 3.82 -18.38
N SER E 9 14.85 5.09 -18.57
CA SER E 9 15.45 5.92 -17.52
C SER E 9 14.85 7.32 -17.54
N ILE E 10 15.47 8.26 -16.81
CA ILE E 10 15.02 9.65 -16.70
C ILE E 10 16.17 10.56 -17.14
N CYS E 11 15.93 11.39 -18.15
CA CYS E 11 16.93 12.30 -18.70
C CYS E 11 16.65 13.74 -18.25
N SER E 12 17.73 14.49 -18.01
CA SER E 12 17.70 15.78 -17.36
C SER E 12 17.82 16.92 -18.38
N LEU E 13 18.01 18.14 -17.86
CA LEU E 13 17.89 19.39 -18.63
C LEU E 13 19.11 19.66 -19.52
N TYR E 14 20.29 19.22 -19.08
CA TYR E 14 21.56 19.60 -19.69
C TYR E 14 21.84 18.87 -20.99
N GLN E 15 21.41 17.59 -21.09
CA GLN E 15 21.62 16.84 -22.32
C GLN E 15 20.62 17.19 -23.41
N LEU E 16 19.39 17.61 -23.07
CA LEU E 16 18.46 18.15 -24.07
C LEU E 16 18.80 19.58 -24.45
N GLU E 17 19.40 20.32 -23.52
CA GLU E 17 19.89 21.68 -23.76
C GLU E 17 21.12 21.69 -24.68
N ASN E 18 22.03 20.75 -24.48
CA ASN E 18 23.13 20.54 -25.43
C ASN E 18 22.71 19.80 -26.69
N TYR E 19 21.59 19.06 -26.66
CA TYR E 19 21.14 18.29 -27.80
C TYR E 19 20.24 19.11 -28.73
N CYS E 20 19.77 20.29 -28.27
CA CYS E 20 19.09 21.23 -29.18
C CYS E 20 20.03 22.15 -29.96
N HIS E 21 21.36 22.05 -29.78
CA HIS E 21 22.33 22.56 -30.75
C HIS E 21 22.47 21.69 -31.98
N SER E 22 22.08 20.40 -31.91
CA SER E 22 21.88 19.61 -33.12
C SER E 22 20.61 20.03 -33.86
N LEU E 23 19.59 20.50 -33.14
CA LEU E 23 18.41 21.12 -33.75
C LEU E 23 18.76 22.48 -34.35
N GLN E 24 19.59 23.26 -33.66
CA GLN E 24 20.05 24.57 -34.15
C GLN E 24 21.11 24.43 -35.24
N HIS F 5 10.12 9.54 -18.47
CA HIS F 5 9.82 8.60 -19.55
C HIS F 5 8.83 9.18 -20.56
N LEU F 6 9.33 9.97 -21.51
CA LEU F 6 8.43 10.67 -22.43
C LEU F 6 8.08 9.75 -23.60
N CYS F 7 9.08 9.56 -24.48
CA CYS F 7 9.14 8.79 -25.75
C CYS F 7 8.05 8.94 -26.82
N GLY F 8 8.51 9.19 -28.04
CA GLY F 8 7.63 9.43 -29.17
C GLY F 8 7.76 10.84 -29.69
N SER F 9 6.63 11.53 -29.86
CA SER F 9 6.62 12.94 -30.24
C SER F 9 6.59 13.87 -29.03
N GLU F 10 6.51 13.30 -27.82
CA GLU F 10 6.63 14.07 -26.59
C GLU F 10 8.08 14.49 -26.34
N LEU F 11 9.05 13.69 -26.79
CA LEU F 11 10.45 14.10 -26.83
C LEU F 11 10.73 15.13 -27.91
N VAL F 12 9.97 15.10 -29.01
CA VAL F 12 10.07 16.06 -30.12
C VAL F 12 9.52 17.44 -29.70
N GLU F 13 8.40 17.45 -28.96
CA GLU F 13 7.93 18.70 -28.38
C GLU F 13 8.69 19.13 -27.12
N ALA F 14 9.42 18.21 -26.46
CA ALA F 14 10.33 18.60 -25.38
C ALA F 14 11.62 19.25 -25.91
N LEU F 15 12.10 18.79 -27.08
CA LEU F 15 13.14 19.55 -27.79
C LEU F 15 12.63 20.81 -28.50
N TYR F 16 11.32 20.91 -28.77
CA TYR F 16 10.75 22.20 -29.18
C TYR F 16 10.67 23.18 -28.01
N LEU F 17 10.44 22.70 -26.78
CA LEU F 17 10.29 23.59 -25.63
C LEU F 17 11.51 23.75 -24.74
N VAL F 18 12.66 23.14 -25.04
CA VAL F 18 13.76 23.16 -24.07
C VAL F 18 14.60 24.46 -24.13
N CYS F 19 14.75 25.09 -25.29
CA CYS F 19 15.70 26.19 -25.45
C CYS F 19 15.07 27.34 -26.23
N LEU F 20 13.88 27.73 -25.80
CA LEU F 20 13.17 28.90 -26.30
C LEU F 20 13.81 30.20 -25.81
N GLY G 1 49.82 21.78 4.98
CA GLY G 1 49.41 21.42 3.64
C GLY G 1 48.63 22.52 2.95
N ILE G 2 48.32 22.32 1.67
CA ILE G 2 47.74 23.39 0.88
C ILE G 2 46.22 23.46 1.07
N VAL G 3 45.59 22.40 1.58
CA VAL G 3 44.14 22.34 1.64
C VAL G 3 43.63 22.97 2.92
N GLU G 4 44.21 22.59 4.06
CA GLU G 4 43.79 23.13 5.35
C GLU G 4 44.36 24.52 5.65
N GLN G 5 45.37 24.98 4.91
CA GLN G 5 45.68 26.40 4.89
C GLN G 5 44.85 27.15 3.87
N CYS G 6 44.52 26.56 2.69
CA CYS G 6 44.12 27.40 1.58
C CYS G 6 42.71 27.15 1.07
N CYS G 7 42.31 25.88 0.93
CA CYS G 7 40.96 25.53 0.48
C CYS G 7 39.91 25.72 1.59
N THR G 8 40.34 25.62 2.85
CA THR G 8 39.46 25.85 3.98
C THR G 8 39.33 27.32 4.38
N SER G 9 40.11 28.22 3.78
CA SER G 9 40.17 29.61 4.20
C SER G 9 40.24 30.48 2.95
N ILE G 10 40.62 31.74 3.12
CA ILE G 10 40.77 32.68 2.02
C ILE G 10 42.25 32.83 1.74
N CYS G 11 42.66 32.55 0.49
CA CYS G 11 44.05 32.68 0.10
C CYS G 11 44.32 33.96 -0.65
N SER G 12 45.57 34.41 -0.51
CA SER G 12 46.14 35.59 -1.17
C SER G 12 46.81 35.15 -2.47
N LEU G 13 47.66 36.01 -3.02
CA LEU G 13 48.43 35.67 -4.21
C LEU G 13 49.90 35.39 -3.92
N TYR G 14 50.48 35.99 -2.87
CA TYR G 14 51.89 35.79 -2.51
C TYR G 14 52.15 34.43 -1.86
N GLN G 15 51.11 33.81 -1.27
CA GLN G 15 51.14 32.38 -0.95
C GLN G 15 51.12 31.48 -2.19
N LEU G 16 50.52 31.93 -3.30
CA LEU G 16 50.43 31.10 -4.50
C LEU G 16 51.74 31.15 -5.31
N GLU G 17 52.48 32.31 -5.38
CA GLU G 17 53.89 32.17 -5.85
C GLU G 17 54.87 31.73 -4.75
N ASN G 18 54.46 31.63 -3.47
CA ASN G 18 55.24 30.83 -2.53
C ASN G 18 55.09 29.33 -2.81
N TYR G 19 53.92 28.91 -3.27
CA TYR G 19 53.62 27.50 -3.51
C TYR G 19 53.78 27.08 -4.97
N CYS G 20 54.36 27.93 -5.83
CA CYS G 20 54.78 27.50 -7.18
C CYS G 20 56.03 26.62 -7.27
N HIS G 21 56.80 26.43 -6.17
CA HIS G 21 58.06 25.67 -6.18
C HIS G 21 57.87 24.16 -6.32
N SER G 22 56.71 23.66 -5.92
CA SER G 22 56.38 22.26 -6.18
C SER G 22 55.98 22.00 -7.62
N LEU G 23 55.46 23.02 -8.32
CA LEU G 23 55.19 22.87 -9.73
C LEU G 23 56.49 23.00 -10.50
N GLN G 24 57.19 24.11 -10.33
CA GLN G 24 58.40 24.35 -11.11
C GLN G 24 59.61 24.65 -10.24
N ASN H 3 39.84 34.15 -6.50
CA ASN H 3 40.16 34.94 -5.31
C ASN H 3 39.13 34.67 -4.21
N GLN H 4 38.97 33.40 -3.88
CA GLN H 4 37.96 32.93 -2.94
C GLN H 4 38.62 31.84 -2.10
N HIS H 5 37.79 31.03 -1.44
CA HIS H 5 38.19 29.67 -1.14
C HIS H 5 38.37 28.93 -2.45
N LEU H 6 39.58 28.46 -2.72
CA LEU H 6 39.96 28.15 -4.10
C LEU H 6 39.53 26.75 -4.55
N CYS H 7 40.17 25.71 -3.98
CA CYS H 7 39.93 24.26 -4.08
C CYS H 7 39.90 23.62 -5.49
N GLY H 8 39.60 22.32 -5.53
CA GLY H 8 39.20 21.61 -6.75
C GLY H 8 40.34 21.27 -7.71
N SER H 9 40.03 21.39 -9.00
CA SER H 9 41.02 21.34 -10.06
C SER H 9 41.43 22.72 -10.56
N GLU H 10 40.70 23.74 -10.16
CA GLU H 10 41.07 25.11 -10.51
C GLU H 10 42.00 25.75 -9.49
N LEU H 11 42.36 25.06 -8.40
CA LEU H 11 43.56 25.42 -7.67
C LEU H 11 44.82 25.06 -8.45
N VAL H 12 44.79 23.95 -9.21
CA VAL H 12 45.87 23.55 -10.09
C VAL H 12 45.93 24.48 -11.30
N GLU H 13 44.75 24.92 -11.79
CA GLU H 13 44.71 25.99 -12.79
C GLU H 13 45.04 27.38 -12.24
N ALA H 14 44.87 27.61 -10.94
CA ALA H 14 45.35 28.85 -10.31
C ALA H 14 46.85 28.85 -10.09
N LEU H 15 47.46 27.69 -9.79
CA LEU H 15 48.92 27.54 -9.83
C LEU H 15 49.53 27.58 -11.22
N TYR H 16 48.78 27.21 -12.26
CA TYR H 16 49.22 27.48 -13.62
C TYR H 16 49.13 28.97 -13.95
N LEU H 17 48.07 29.63 -13.49
CA LEU H 17 47.85 31.04 -13.84
C LEU H 17 48.61 32.01 -12.97
N VAL H 18 49.24 31.59 -11.87
CA VAL H 18 50.21 32.45 -11.19
C VAL H 18 51.55 32.41 -11.92
N CYS H 19 52.09 31.20 -12.14
CA CYS H 19 53.43 31.07 -12.67
C CYS H 19 53.49 30.31 -13.99
N LEU H 20 52.64 30.74 -14.92
CA LEU H 20 52.88 30.57 -16.35
C LEU H 20 54.14 31.35 -16.74
#